data_9DRT
#
_entry.id   9DRT
#
_cell.length_a   147.773
_cell.length_b   65.250
_cell.length_c   191.846
_cell.angle_alpha   90.000
_cell.angle_beta   109.736
_cell.angle_gamma   90.000
#
_symmetry.space_group_name_H-M   'P 1 21 1'
#
loop_
_entity.id
_entity.type
_entity.pdbx_description
1 polymer 'Phenylalanine--tRNA ligase alpha subunit'
2 polymer 'Phenylalanine--tRNA ligase beta subunit'
3 polymer tRNA(Phe)
4 non-polymer N-(2-anilinoethyl)methanesulfonamide
5 non-polymer GLYCEROL
6 non-polymer 'TRIETHYLENE GLYCOL'
7 non-polymer 'MAGNESIUM ION'
8 non-polymer 'SODIUM ION'
9 non-polymer '4-(2-HYDROXYETHYL)-1-PIPERAZINE ETHANESULFONIC ACID'
10 non-polymer 'ACETATE ION'
11 non-polymer 'DIMETHYL SULFOXIDE'
12 water water
#
loop_
_entity_poly.entity_id
_entity_poly.type
_entity_poly.pdbx_seq_one_letter_code
_entity_poly.pdbx_strand_id
1 'polypeptide(L)'
;AMLSPEALTTAVDAAQQAIALADTLDVLARVKTEHLGDRSPLALARQALAVLPKEQRAEAGKRVNAARNAAQRSYDERLA
TLRAERDAAVLVAEGIDVTLPSTRVPAGARHPIIMLAEHVADTFIAMGWELAEGPEVETEQFNFDALNFPADHPARGEQD
TFYIAPEDSRQLLRTHTSPVQIRTLLARELPVYIISIGRTFRTDELDATHTPIFHQVEGLAVDRGLSMAHLRGTLDAFAR
AEFGPSARTRIRPHFFPFTEPSAEVDVWFANKIGGAAWVEWGGCGMVHPNVLRATGIDPDLYSGFAFGMGLERTLQFRNG
IPDMRDMVEGDVRFSLPFGVGA
;
A,D
2 'polypeptide(L)'
;QSNAMRLPYSWLREVVAVGASGWDVTPGELEQTLLRIGHEVEEVIPLGPVDGPVTVGRVADIEELTGYKKPIRACAVDIG
DRQYREIICGATNFAVGDLVVVALPGATLPGGFTISARKAYGRNSDGMICSAAELNLGADHSGILVLPPGAAEPGADGAG
VLGLDDVVFHLAITPDRGYCMSVRGLARELACAYDLDFVDPASNSRVPPLPIEGPAWPLTVQPETGVRRFALRPVIGIDP
AAVSPWWLQRRLLLCGIRATCPAVDVTNYVMLELGHPMHAHDRNRISGTLGVRFARSGETAVTLDGIERKLDTADVLIVD
DAATAAIGGVMGAASTEVRADSTDVLLEAAIWDPAAVSRTQRRLHLPSEAARRYERTVDPAISVAALDRCARLLADIAGG
EVSPTLTDWRGDPPCDDWSPPPIRMGVDVPDRIAGVAYPQGTTARRLAQIGAVVTHDGDTLTVTPPSWRPDLRQPADLVE
EVLRLEGLEVIPSVLPPAPAGRGLTAGQQRRRTIGRSLALSGYVEILPTPFLPAGVFDLWGLEADDSRRMTTRVLNPLEA
DRPQLATTLLPALLEALVRNVSRGLVDVALFAIAQVVQPTEQTRGVGLIPVDRRPTDDEIAMLDASLPRQPQHVAAVLAG
LREPRGPWGPGRPVEAADAFEAVRIIARASRVDVTLRPAQYLPWHPGRCAQVFVGESSVGHAGQLHPAVIERSGLPKGTC
AVELNLDAIPCSAPLPAPRVSPYPAVFQDVSLVVAADIPAQAVADAVRAGAGDLLEDIALFDVFTGPQIGEHRKSLTFAL
RFRAPDRTLTEDDASAARDAAVQSAAERVGAVLRG
;
B,E
3 'polyribonucleotide' GGCCAGGUAGCUCAGUCGGUAUGAGCGUCCGCCUGAAAAGCGGAAGGUCGGCGGUUCGAUCCCGCCCCUGGCCACCA C,F
#
loop_
_chem_comp.id
_chem_comp.type
_chem_comp.name
_chem_comp.formula
A RNA linking ADENOSINE-5'-MONOPHOSPHATE 'C10 H14 N5 O7 P'
A1BA3 non-polymer N-(2-anilinoethyl)methanesulfonamide 'C9 H14 N2 O2 S'
ACT non-polymer 'ACETATE ION' 'C2 H3 O2 -1'
C RNA linking CYTIDINE-5'-MONOPHOSPHATE 'C9 H14 N3 O8 P'
DMS non-polymer 'DIMETHYL SULFOXIDE' 'C2 H6 O S'
EPE non-polymer '4-(2-HYDROXYETHYL)-1-PIPERAZINE ETHANESULFONIC ACID' 'C8 H18 N2 O4 S'
G RNA linking GUANOSINE-5'-MONOPHOSPHATE 'C10 H14 N5 O8 P'
GOL non-polymer GLYCEROL 'C3 H8 O3'
MG non-polymer 'MAGNESIUM ION' 'Mg 2'
NA non-polymer 'SODIUM ION' 'Na 1'
PGE non-polymer 'TRIETHYLENE GLYCOL' 'C6 H14 O4'
U RNA linking URIDINE-5'-MONOPHOSPHATE 'C9 H13 N2 O9 P'
#
# COMPACT_ATOMS: atom_id res chain seq x y z
N ALA A 1 63.29 19.92 -52.76
CA ALA A 1 61.89 19.84 -52.34
C ALA A 1 61.15 18.76 -53.12
N MET A 2 60.71 17.71 -52.43
CA MET A 2 59.97 16.62 -53.04
C MET A 2 58.46 16.90 -53.12
N LEU A 3 58.08 18.15 -53.29
CA LEU A 3 56.68 18.53 -53.53
C LEU A 3 56.39 18.68 -55.01
N SER A 4 57.17 18.03 -55.87
CA SER A 4 57.03 18.15 -57.31
C SER A 4 55.69 17.55 -57.76
N PRO A 5 55.18 17.97 -58.92
CA PRO A 5 53.93 17.39 -59.41
C PRO A 5 54.04 15.92 -59.73
N GLU A 6 55.24 15.41 -60.04
CA GLU A 6 55.44 13.98 -60.24
C GLU A 6 55.23 13.18 -58.96
N ALA A 7 55.16 13.85 -57.80
CA ALA A 7 54.83 13.21 -56.54
C ALA A 7 53.52 13.70 -55.95
N LEU A 8 53.09 14.92 -56.27
CA LEU A 8 51.81 15.41 -55.76
C LEU A 8 50.64 14.70 -56.44
N THR A 9 50.65 14.64 -57.78
CA THR A 9 49.61 13.89 -58.48
C THR A 9 49.78 12.39 -58.30
N THR A 10 50.96 11.94 -57.85
CA THR A 10 51.14 10.53 -57.51
C THR A 10 50.50 10.21 -56.17
N ALA A 11 50.54 11.14 -55.22
CA ALA A 11 49.90 10.92 -53.93
C ALA A 11 48.38 10.80 -54.09
N VAL A 12 47.78 11.66 -54.92
CA VAL A 12 46.34 11.55 -55.17
C VAL A 12 46.04 10.29 -55.97
N ASP A 13 46.96 9.87 -56.84
CA ASP A 13 46.75 8.64 -57.59
C ASP A 13 46.75 7.42 -56.68
N ALA A 14 47.67 7.38 -55.71
CA ALA A 14 47.69 6.30 -54.74
C ALA A 14 46.58 6.44 -53.71
N ALA A 15 46.15 7.66 -53.41
CA ALA A 15 45.05 7.85 -52.47
C ALA A 15 43.73 7.34 -53.04
N GLN A 16 43.35 7.85 -54.22
CA GLN A 16 42.12 7.42 -54.85
C GLN A 16 42.16 5.95 -55.25
N GLN A 17 43.35 5.36 -55.36
CA GLN A 17 43.45 3.93 -55.66
C GLN A 17 42.96 3.09 -54.48
N ALA A 18 43.42 3.42 -53.27
CA ALA A 18 42.95 2.70 -52.09
C ALA A 18 41.54 3.10 -51.71
N ILE A 19 41.15 4.34 -52.01
CA ILE A 19 39.78 4.78 -51.72
C ILE A 19 38.78 4.02 -52.59
N ALA A 20 39.12 3.79 -53.87
CA ALA A 20 38.24 3.05 -54.75
C ALA A 20 38.13 1.60 -54.34
N LEU A 21 39.23 1.01 -53.86
CA LEU A 21 39.24 -0.38 -53.42
C LEU A 21 38.72 -0.57 -52.01
N ALA A 22 38.11 0.45 -51.42
CA ALA A 22 37.56 0.36 -50.07
C ALA A 22 36.20 -0.35 -50.15
N ASP A 23 36.14 -1.57 -49.61
CA ASP A 23 34.91 -2.35 -49.63
C ASP A 23 34.06 -2.14 -48.37
N THR A 24 34.68 -1.81 -47.25
CA THR A 24 33.97 -1.59 -46.00
C THR A 24 34.34 -0.21 -45.45
N LEU A 25 33.58 0.21 -44.43
CA LEU A 25 33.86 1.48 -43.77
C LEU A 25 35.04 1.37 -42.80
N ASP A 26 35.36 0.17 -42.32
CA ASP A 26 36.51 0.00 -41.44
C ASP A 26 37.81 0.08 -42.22
N VAL A 27 37.88 -0.59 -43.38
CA VAL A 27 39.06 -0.48 -44.23
C VAL A 27 39.21 0.95 -44.74
N LEU A 28 38.08 1.59 -45.07
CA LEU A 28 38.13 2.99 -45.49
C LEU A 28 38.67 3.88 -44.38
N ALA A 29 38.40 3.53 -43.12
CA ALA A 29 38.96 4.30 -42.01
C ALA A 29 40.47 4.14 -41.94
N ARG A 30 40.97 2.92 -42.14
CA ARG A 30 42.42 2.72 -42.17
C ARG A 30 43.03 3.29 -43.45
N VAL A 31 42.25 3.37 -44.53
CA VAL A 31 42.74 4.03 -45.74
C VAL A 31 42.80 5.53 -45.54
N LYS A 32 41.79 6.11 -44.86
CA LYS A 32 41.81 7.54 -44.58
C LYS A 32 43.02 7.94 -43.76
N THR A 33 43.48 7.08 -42.85
CA THR A 33 44.66 7.38 -42.07
C THR A 33 45.93 7.36 -42.92
N GLU A 34 45.99 6.47 -43.91
CA GLU A 34 47.20 6.33 -44.72
C GLU A 34 47.34 7.45 -45.74
N HIS A 35 46.23 8.05 -46.19
CA HIS A 35 46.29 9.03 -47.26
C HIS A 35 45.69 10.38 -46.89
N LEU A 36 45.08 10.51 -45.71
CA LEU A 36 44.61 11.81 -45.25
C LEU A 36 44.95 12.10 -43.79
N GLY A 37 45.49 11.14 -43.04
CA GLY A 37 45.83 11.37 -41.65
C GLY A 37 47.01 12.30 -41.49
N ASP A 38 47.41 12.47 -40.22
CA ASP A 38 48.50 13.39 -39.91
C ASP A 38 49.84 12.91 -40.45
N ARG A 39 50.04 11.59 -40.52
CA ARG A 39 51.29 11.02 -41.01
C ARG A 39 51.14 10.43 -42.42
N SER A 40 50.25 10.99 -43.21
CA SER A 40 50.05 10.57 -44.59
C SER A 40 50.99 11.34 -45.52
N PRO A 41 51.30 10.78 -46.69
CA PRO A 41 52.14 11.52 -47.64
C PRO A 41 51.56 12.87 -48.05
N LEU A 42 50.24 13.02 -48.06
CA LEU A 42 49.64 14.31 -48.37
C LEU A 42 49.81 15.31 -47.23
N ALA A 43 49.71 14.84 -45.99
CA ALA A 43 49.95 15.72 -44.85
C ALA A 43 51.43 16.06 -44.72
N LEU A 44 52.32 15.13 -45.08
CA LEU A 44 53.75 15.41 -45.07
C LEU A 44 54.08 16.55 -46.03
N ALA A 45 53.41 16.58 -47.19
CA ALA A 45 53.58 17.71 -48.10
C ALA A 45 53.03 18.99 -47.50
N ARG A 46 51.91 18.90 -46.78
CA ARG A 46 51.37 20.07 -46.09
C ARG A 46 52.24 20.46 -44.90
N GLN A 47 52.89 19.47 -44.26
CA GLN A 47 53.82 19.77 -43.18
C GLN A 47 55.10 20.41 -43.72
N ALA A 48 55.55 20.01 -44.91
CA ALA A 48 56.80 20.51 -45.47
C ALA A 48 56.72 21.97 -45.91
N LEU A 49 55.52 22.58 -45.87
CA LEU A 49 55.37 23.99 -46.22
C LEU A 49 55.75 24.90 -45.05
N ALA A 50 57.00 24.73 -44.61
CA ALA A 50 57.56 25.53 -43.52
C ALA A 50 59.07 25.57 -43.65
N VAL A 51 59.66 24.51 -44.20
CA VAL A 51 61.09 24.51 -44.47
C VAL A 51 61.42 25.38 -45.67
N LEU A 52 60.52 25.42 -46.66
CA LEU A 52 60.72 26.24 -47.84
C LEU A 52 60.68 27.72 -47.47
N PRO A 53 61.30 28.58 -48.28
CA PRO A 53 61.30 30.02 -47.99
C PRO A 53 59.89 30.59 -47.90
N LYS A 54 59.81 31.78 -47.29
CA LYS A 54 58.52 32.41 -47.05
C LYS A 54 57.82 32.78 -48.35
N GLU A 55 58.58 33.21 -49.35
CA GLU A 55 57.99 33.72 -50.58
C GLU A 55 57.29 32.61 -51.36
N GLN A 56 58.02 31.55 -51.70
CA GLN A 56 57.47 30.45 -52.51
C GLN A 56 56.71 29.47 -51.62
N ARG A 57 55.56 29.93 -51.14
CA ARG A 57 54.67 29.08 -50.35
C ARG A 57 53.25 29.17 -50.89
N ALA A 58 52.91 30.33 -51.48
CA ALA A 58 51.57 30.51 -52.05
C ALA A 58 51.38 29.66 -53.30
N GLU A 59 52.46 29.39 -54.03
CA GLU A 59 52.36 28.59 -55.25
C GLU A 59 52.58 27.10 -54.99
N ALA A 60 53.44 26.76 -54.03
CA ALA A 60 53.68 25.37 -53.67
C ALA A 60 52.64 24.82 -52.71
N GLY A 61 51.56 25.55 -52.46
CA GLY A 61 50.49 25.09 -51.61
C GLY A 61 49.17 24.99 -52.36
N LYS A 62 49.02 25.81 -53.40
CA LYS A 62 47.85 25.69 -54.27
C LYS A 62 47.85 24.36 -55.00
N ARG A 63 49.04 23.85 -55.35
CA ARG A 63 49.13 22.50 -55.90
C ARG A 63 48.75 21.46 -54.85
N VAL A 64 49.11 21.71 -53.59
CA VAL A 64 48.81 20.74 -52.53
C VAL A 64 47.34 20.78 -52.15
N ASN A 65 46.76 21.98 -52.06
CA ASN A 65 45.34 22.09 -51.73
C ASN A 65 44.47 21.40 -52.78
N ALA A 66 44.77 21.65 -54.06
CA ALA A 66 44.03 20.96 -55.12
C ALA A 66 44.32 19.48 -55.13
N ALA A 67 45.52 19.07 -54.68
CA ALA A 67 45.83 17.65 -54.58
C ALA A 67 45.11 17.01 -53.40
N ARG A 68 45.07 17.71 -52.26
CA ARG A 68 44.35 17.18 -51.10
C ARG A 68 42.85 17.21 -51.32
N ASN A 69 42.34 18.26 -51.97
CA ASN A 69 40.91 18.36 -52.23
C ASN A 69 40.45 17.26 -53.18
N ALA A 70 41.30 16.85 -54.12
CA ALA A 70 40.93 15.79 -55.04
C ALA A 70 40.82 14.46 -54.32
N ALA A 71 41.64 14.24 -53.31
CA ALA A 71 41.55 13.02 -52.52
C ALA A 71 40.54 13.16 -51.39
N GLN A 72 40.30 14.38 -50.92
CA GLN A 72 39.30 14.60 -49.88
C GLN A 72 37.90 14.35 -50.42
N ARG A 73 37.53 15.04 -51.50
CA ARG A 73 36.23 14.82 -52.12
C ARG A 73 36.10 13.42 -52.70
N SER A 74 37.21 12.76 -53.02
CA SER A 74 37.15 11.35 -53.40
C SER A 74 36.81 10.46 -52.21
N TYR A 75 37.19 10.89 -51.00
CA TYR A 75 36.82 10.15 -49.80
C TYR A 75 35.40 10.46 -49.36
N ASP A 76 34.99 11.74 -49.45
CA ASP A 76 33.62 12.10 -49.09
C ASP A 76 32.61 11.38 -49.98
N GLU A 77 32.93 11.22 -51.26
CA GLU A 77 32.05 10.47 -52.15
C GLU A 77 32.03 8.99 -51.79
N ARG A 78 33.20 8.43 -51.48
CA ARG A 78 33.26 7.01 -51.14
C ARG A 78 32.66 6.72 -49.77
N LEU A 79 32.73 7.68 -48.86
CA LEU A 79 32.12 7.49 -47.55
C LEU A 79 30.60 7.44 -47.65
N ALA A 80 30.01 8.41 -48.34
CA ALA A 80 28.56 8.41 -48.51
C ALA A 80 28.09 7.22 -49.34
N THR A 81 28.93 6.74 -50.26
CA THR A 81 28.57 5.56 -51.03
C THR A 81 28.56 4.31 -50.16
N LEU A 82 29.58 4.15 -49.31
CA LEU A 82 29.61 3.01 -48.41
C LEU A 82 28.58 3.13 -47.30
N ARG A 83 28.28 4.36 -46.86
CA ARG A 83 27.22 4.55 -45.86
C ARG A 83 25.86 4.19 -46.43
N ALA A 84 25.57 4.67 -47.64
CA ALA A 84 24.32 4.31 -48.30
C ALA A 84 24.29 2.83 -48.67
N GLU A 85 25.46 2.23 -48.89
CA GLU A 85 25.52 0.80 -49.21
C GLU A 85 25.23 -0.04 -47.97
N ARG A 86 25.70 0.40 -46.80
CA ARG A 86 25.45 -0.35 -45.57
C ARG A 86 23.99 -0.21 -45.14
N ASP A 87 23.44 1.01 -45.21
CA ASP A 87 22.04 1.20 -44.84
C ASP A 87 21.11 0.41 -45.76
N ALA A 88 21.44 0.36 -47.05
CA ALA A 88 20.66 -0.46 -47.97
C ALA A 88 20.84 -1.94 -47.69
N ALA A 89 22.02 -2.34 -47.20
CA ALA A 89 22.26 -3.74 -46.88
C ALA A 89 21.61 -4.14 -45.55
N VAL A 90 21.57 -3.22 -44.59
CA VAL A 90 20.89 -3.50 -43.32
C VAL A 90 19.41 -3.76 -43.55
N LEU A 91 18.81 -3.04 -44.50
CA LEU A 91 17.40 -3.22 -44.81
C LEU A 91 17.11 -4.57 -45.47
N VAL A 92 18.10 -5.19 -46.09
N VAL A 92 18.14 -5.27 -45.93
CA VAL A 92 17.86 -6.38 -46.91
CA VAL A 92 17.96 -6.59 -46.53
C VAL A 92 18.48 -7.63 -46.32
C VAL A 92 18.38 -7.69 -45.57
N ALA A 93 19.38 -7.51 -45.35
N ALA A 93 19.69 -7.88 -45.37
CA ALA A 93 19.89 -8.69 -44.67
CA ALA A 93 20.25 -9.09 -44.79
C ALA A 93 18.76 -9.38 -43.92
C ALA A 93 20.78 -8.83 -43.38
N GLU A 94 18.88 -10.71 -43.80
N GLU A 94 19.85 -8.69 -42.43
CA GLU A 94 17.86 -11.50 -43.14
CA GLU A 94 20.23 -8.76 -41.01
C GLU A 94 17.70 -11.07 -41.69
C GLU A 94 19.04 -9.11 -40.12
N GLY A 95 16.56 -10.47 -41.37
N GLY A 95 17.99 -9.74 -40.65
CA GLY A 95 16.29 -10.06 -40.02
CA GLY A 95 16.78 -9.95 -39.90
C GLY A 95 16.11 -11.23 -39.08
C GLY A 95 16.94 -10.98 -38.79
N ILE A 96 16.05 -10.92 -37.79
N ILE A 96 15.91 -11.04 -37.95
CA ILE A 96 15.91 -11.94 -36.77
CA ILE A 96 15.90 -11.94 -36.80
C ILE A 96 14.44 -12.21 -36.51
C ILE A 96 14.44 -12.17 -36.41
N ASP A 97 14.15 -13.36 -35.91
CA ASP A 97 12.80 -13.69 -35.46
C ASP A 97 12.54 -12.97 -34.15
N VAL A 98 11.81 -11.86 -34.21
CA VAL A 98 11.60 -11.02 -33.03
C VAL A 98 10.64 -11.62 -32.02
N THR A 99 9.99 -12.73 -32.33
N THR A 99 10.00 -12.74 -32.35
CA THR A 99 9.03 -13.32 -31.41
CA THR A 99 9.01 -13.38 -31.49
C THR A 99 9.57 -14.56 -30.70
C THR A 99 9.57 -14.58 -30.74
N LEU A 100 10.86 -14.85 -30.84
CA LEU A 100 11.45 -15.98 -30.14
C LEU A 100 11.33 -15.79 -28.63
N PRO A 101 11.24 -16.88 -27.87
CA PRO A 101 11.21 -16.75 -26.41
C PRO A 101 12.48 -16.06 -25.91
N SER A 102 12.30 -15.14 -24.96
CA SER A 102 13.40 -14.38 -24.40
C SER A 102 13.52 -14.47 -22.88
N THR A 103 12.60 -15.14 -22.20
CA THR A 103 12.61 -15.23 -20.75
C THR A 103 13.51 -16.39 -20.34
N ARG A 104 14.76 -16.08 -20.01
CA ARG A 104 15.69 -17.11 -19.57
C ARG A 104 15.46 -17.52 -18.12
N VAL A 105 14.91 -16.61 -17.31
CA VAL A 105 14.55 -16.88 -15.93
C VAL A 105 13.05 -16.66 -15.77
N PRO A 106 12.26 -17.72 -15.73
CA PRO A 106 10.80 -17.56 -15.73
C PRO A 106 10.33 -16.93 -14.42
N ALA A 107 9.38 -16.01 -14.56
CA ALA A 107 8.82 -15.36 -13.38
C ALA A 107 8.06 -16.38 -12.53
N GLY A 108 8.15 -16.21 -11.21
CA GLY A 108 7.43 -17.04 -10.28
C GLY A 108 6.04 -16.53 -10.01
N ALA A 109 5.57 -16.74 -8.78
CA ALA A 109 4.23 -16.31 -8.41
C ALA A 109 4.13 -16.24 -6.90
N ARG A 110 3.68 -15.11 -6.38
CA ARG A 110 3.25 -15.04 -4.99
C ARG A 110 1.91 -15.75 -4.84
N HIS A 111 1.67 -16.29 -3.65
CA HIS A 111 0.47 -17.10 -3.47
C HIS A 111 -0.77 -16.22 -3.55
N PRO A 112 -1.85 -16.72 -4.17
CA PRO A 112 -3.07 -15.90 -4.31
C PRO A 112 -3.66 -15.47 -2.97
N ILE A 113 -3.64 -16.36 -1.97
CA ILE A 113 -4.17 -15.98 -0.65
C ILE A 113 -3.35 -14.83 -0.07
N ILE A 114 -2.03 -14.86 -0.26
CA ILE A 114 -1.19 -13.77 0.22
C ILE A 114 -1.53 -12.48 -0.52
N MET A 115 -1.78 -12.57 -1.82
CA MET A 115 -2.12 -11.38 -2.59
C MET A 115 -3.51 -10.85 -2.22
N LEU A 116 -4.46 -11.76 -1.98
CA LEU A 116 -5.78 -11.34 -1.53
C LEU A 116 -5.70 -10.67 -0.16
N ALA A 117 -4.91 -11.24 0.75
CA ALA A 117 -4.71 -10.61 2.05
C ALA A 117 -4.07 -9.23 1.89
N GLU A 118 -3.09 -9.11 1.00
CA GLU A 118 -2.45 -7.83 0.75
C GLU A 118 -3.46 -6.80 0.22
N HIS A 119 -4.38 -7.25 -0.65
CA HIS A 119 -5.37 -6.33 -1.18
C HIS A 119 -6.37 -5.92 -0.12
N VAL A 120 -6.78 -6.86 0.74
CA VAL A 120 -7.68 -6.52 1.85
C VAL A 120 -6.98 -5.55 2.80
N ALA A 121 -5.69 -5.79 3.07
CA ALA A 121 -4.94 -4.91 3.97
C ALA A 121 -4.85 -3.50 3.40
N ASP A 122 -4.50 -3.37 2.12
CA ASP A 122 -4.42 -2.05 1.50
C ASP A 122 -5.77 -1.34 1.53
N THR A 123 -6.86 -2.09 1.42
CA THR A 123 -8.19 -1.48 1.42
C THR A 123 -8.47 -0.76 2.73
N PHE A 124 -8.27 -1.45 3.87
CA PHE A 124 -8.54 -0.82 5.15
C PHE A 124 -7.50 0.24 5.51
N ILE A 125 -6.23 0.03 5.11
CA ILE A 125 -5.21 1.03 5.36
C ILE A 125 -5.51 2.32 4.60
N ALA A 126 -6.08 2.20 3.40
CA ALA A 126 -6.56 3.37 2.68
C ALA A 126 -7.69 4.09 3.42
N MET A 127 -8.32 3.45 4.40
CA MET A 127 -9.34 4.07 5.23
C MET A 127 -8.82 4.32 6.65
N GLY A 128 -7.52 4.54 6.79
CA GLY A 128 -6.94 4.90 8.07
C GLY A 128 -6.68 3.75 9.04
N TRP A 129 -7.17 2.56 8.75
CA TRP A 129 -6.96 1.42 9.64
C TRP A 129 -5.49 1.00 9.63
N GLU A 130 -5.13 0.13 10.55
CA GLU A 130 -3.78 -0.41 10.65
C GLU A 130 -3.85 -1.93 10.79
N LEU A 131 -2.69 -2.56 10.57
CA LEU A 131 -2.58 -4.00 10.51
C LEU A 131 -1.85 -4.51 11.75
N ALA A 132 -2.44 -5.48 12.44
CA ALA A 132 -1.87 -6.07 13.64
C ALA A 132 -1.51 -7.53 13.39
N GLU A 133 -0.76 -8.09 14.34
CA GLU A 133 -0.25 -9.46 14.24
C GLU A 133 -0.50 -10.18 15.55
N GLY A 134 -0.30 -11.50 15.53
CA GLY A 134 -0.51 -12.32 16.70
C GLY A 134 0.01 -13.73 16.53
N PRO A 135 0.30 -14.40 17.64
CA PRO A 135 0.83 -15.77 17.55
C PRO A 135 -0.24 -16.78 17.18
N GLU A 136 0.19 -17.81 16.45
CA GLU A 136 -0.72 -18.89 16.08
C GLU A 136 -1.00 -19.82 17.25
N VAL A 137 -0.01 -20.05 18.10
CA VAL A 137 -0.21 -20.80 19.35
C VAL A 137 -0.57 -19.78 20.42
N GLU A 138 -1.85 -19.75 20.80
CA GLU A 138 -2.38 -18.76 21.71
C GLU A 138 -2.87 -19.42 22.98
N THR A 139 -2.77 -18.68 24.10
CA THR A 139 -3.33 -19.15 25.35
C THR A 139 -4.85 -19.23 25.26
N GLU A 140 -5.45 -20.11 26.07
CA GLU A 140 -6.90 -20.19 26.12
C GLU A 140 -7.52 -18.95 26.75
N GLN A 141 -6.75 -18.19 27.53
CA GLN A 141 -7.27 -16.97 28.13
C GLN A 141 -7.68 -15.95 27.07
N PHE A 142 -6.88 -15.82 26.02
CA PHE A 142 -7.17 -14.84 24.97
C PHE A 142 -8.00 -15.43 23.83
N ASN A 143 -8.00 -16.74 23.65
CA ASN A 143 -8.74 -17.35 22.56
C ASN A 143 -10.19 -17.63 22.92
N PHE A 144 -10.50 -17.75 24.21
CA PHE A 144 -11.84 -18.12 24.64
C PHE A 144 -12.33 -17.28 25.80
N ASP A 145 -11.58 -17.28 26.91
CA ASP A 145 -12.07 -16.66 28.15
C ASP A 145 -12.26 -15.17 28.00
N ALA A 146 -11.28 -14.47 27.40
CA ALA A 146 -11.41 -13.04 27.20
C ALA A 146 -12.48 -12.69 26.17
N LEU A 147 -12.89 -13.65 25.35
CA LEU A 147 -13.92 -13.46 24.35
C LEU A 147 -15.29 -13.92 24.82
N ASN A 148 -15.50 -13.97 26.14
CA ASN A 148 -16.80 -14.24 26.75
C ASN A 148 -17.32 -15.65 26.40
N PHE A 149 -16.42 -16.58 26.15
CA PHE A 149 -16.82 -17.96 25.91
C PHE A 149 -17.23 -18.62 27.22
N PRO A 150 -18.45 -19.16 27.33
CA PRO A 150 -18.84 -19.82 28.58
C PRO A 150 -18.17 -21.17 28.71
N ALA A 151 -17.57 -21.41 29.88
CA ALA A 151 -16.90 -22.68 30.15
C ALA A 151 -17.93 -23.77 30.42
N ASP A 152 -17.61 -24.99 29.98
CA ASP A 152 -18.51 -26.14 30.11
C ASP A 152 -19.86 -25.84 29.47
N HIS A 153 -19.83 -25.38 28.23
CA HIS A 153 -20.99 -24.92 27.49
C HIS A 153 -20.83 -25.29 26.03
N PRO A 154 -21.94 -25.61 25.34
CA PRO A 154 -21.83 -25.94 23.91
C PRO A 154 -21.30 -24.80 23.05
N ALA A 155 -21.36 -23.56 23.53
CA ALA A 155 -20.76 -22.46 22.79
C ALA A 155 -19.24 -22.53 22.79
N ARG A 156 -18.65 -23.32 23.68
CA ARG A 156 -17.21 -23.49 23.78
C ARG A 156 -16.77 -24.93 23.56
N GLY A 157 -17.52 -25.90 24.06
CA GLY A 157 -17.13 -27.29 23.89
C GLY A 157 -17.33 -27.78 22.46
N GLU A 158 -18.41 -27.35 21.81
CA GLU A 158 -18.65 -27.75 20.43
C GLU A 158 -17.69 -27.07 19.45
N GLN A 159 -17.00 -26.02 19.88
CA GLN A 159 -15.94 -25.40 19.07
C GLN A 159 -14.72 -26.29 19.16
N ASP A 160 -14.65 -27.28 18.28
CA ASP A 160 -13.57 -28.26 18.31
C ASP A 160 -12.25 -27.59 17.96
N THR A 161 -11.24 -27.77 18.83
CA THR A 161 -10.00 -27.02 18.77
C THR A 161 -8.81 -27.96 18.85
N PHE A 162 -7.73 -27.61 18.14
CA PHE A 162 -6.45 -28.30 18.28
C PHE A 162 -5.83 -27.88 19.61
N TYR A 163 -5.99 -28.70 20.64
CA TYR A 163 -5.41 -28.41 21.94
C TYR A 163 -3.95 -28.87 21.98
N ILE A 164 -3.13 -28.10 22.70
CA ILE A 164 -1.72 -28.41 22.84
C ILE A 164 -1.56 -29.42 23.98
N ALA A 165 -0.80 -30.49 23.71
CA ALA A 165 -0.57 -31.51 24.73
C ALA A 165 0.31 -30.95 25.84
N PRO A 166 0.14 -31.43 27.08
CA PRO A 166 -0.83 -32.45 27.53
C PRO A 166 -2.23 -31.89 27.74
N GLU A 167 -3.14 -32.70 28.25
CA GLU A 167 -4.52 -32.27 28.47
C GLU A 167 -4.58 -31.18 29.54
N ASP A 168 -5.56 -30.29 29.40
CA ASP A 168 -5.80 -29.20 30.35
C ASP A 168 -4.59 -28.28 30.45
N SER A 169 -3.93 -28.03 29.31
CA SER A 169 -2.79 -27.14 29.25
C SER A 169 -3.20 -25.68 29.06
N ARG A 170 -4.47 -25.41 28.77
CA ARG A 170 -4.98 -24.06 28.52
C ARG A 170 -4.16 -23.36 27.43
N GLN A 171 -3.71 -24.14 26.45
CA GLN A 171 -2.92 -23.65 25.32
C GLN A 171 -3.35 -24.44 24.10
N LEU A 172 -3.51 -23.75 22.97
CA LEU A 172 -4.08 -24.37 21.79
C LEU A 172 -3.68 -23.60 20.55
N LEU A 173 -4.01 -24.16 19.39
CA LEU A 173 -3.97 -23.42 18.14
C LEU A 173 -5.24 -22.60 18.01
N ARG A 174 -5.08 -21.33 17.66
CA ARG A 174 -6.22 -20.42 17.65
C ARG A 174 -7.23 -20.83 16.58
N THR A 175 -8.50 -20.91 16.97
CA THR A 175 -9.58 -21.19 16.03
C THR A 175 -10.00 -19.95 15.25
N HIS A 176 -9.47 -18.78 15.61
CA HIS A 176 -9.74 -17.53 14.93
C HIS A 176 -8.68 -16.52 15.33
N THR A 177 -8.56 -15.46 14.55
CA THR A 177 -7.64 -14.38 14.89
C THR A 177 -8.23 -13.39 15.90
N SER A 178 -9.35 -13.76 16.53
CA SER A 178 -9.94 -12.89 17.56
C SER A 178 -9.03 -12.63 18.75
N PRO A 179 -8.23 -13.59 19.24
CA PRO A 179 -7.29 -13.25 20.33
C PRO A 179 -6.33 -12.13 19.99
N VAL A 180 -6.11 -11.83 18.71
CA VAL A 180 -5.32 -10.66 18.35
C VAL A 180 -6.08 -9.38 18.72
N GLN A 181 -7.41 -9.40 18.60
CA GLN A 181 -8.19 -8.22 18.99
C GLN A 181 -8.15 -7.98 20.49
N ILE A 182 -7.91 -9.04 21.27
CA ILE A 182 -7.73 -8.87 22.71
C ILE A 182 -6.36 -8.26 23.01
N ARG A 183 -5.34 -8.70 22.29
CA ARG A 183 -3.99 -8.17 22.49
C ARG A 183 -3.91 -6.71 22.10
N THR A 184 -4.61 -6.33 21.02
CA THR A 184 -4.57 -4.94 20.57
C THR A 184 -5.25 -4.01 21.57
N LEU A 185 -6.36 -4.45 22.15
CA LEU A 185 -7.05 -3.63 23.15
C LEU A 185 -6.20 -3.45 24.39
N LEU A 186 -5.44 -4.47 24.77
CA LEU A 186 -4.59 -4.36 25.95
C LEU A 186 -3.35 -3.52 25.67
N ALA A 187 -2.86 -3.54 24.43
CA ALA A 187 -1.62 -2.85 24.09
C ALA A 187 -1.84 -1.42 23.63
N ARG A 188 -2.79 -1.19 22.75
CA ARG A 188 -2.98 0.11 22.14
C ARG A 188 -3.95 0.98 22.95
N GLU A 189 -3.86 2.28 22.73
CA GLU A 189 -4.79 3.23 23.32
C GLU A 189 -5.97 3.45 22.39
N LEU A 190 -7.10 3.83 22.97
CA LEU A 190 -8.29 4.08 22.19
C LEU A 190 -8.18 5.42 21.45
N PRO A 191 -8.76 5.52 20.25
CA PRO A 191 -9.57 4.51 19.55
C PRO A 191 -8.72 3.51 18.76
N VAL A 192 -9.25 2.30 18.55
CA VAL A 192 -8.56 1.25 17.80
C VAL A 192 -9.35 0.97 16.53
N TYR A 193 -8.66 0.99 15.40
CA TYR A 193 -9.23 0.63 14.09
C TYR A 193 -8.22 -0.32 13.46
N ILE A 194 -8.37 -1.62 13.75
CA ILE A 194 -7.31 -2.58 13.47
C ILE A 194 -7.85 -3.73 12.63
N ILE A 195 -6.97 -4.32 11.83
N ILE A 195 -6.94 -4.35 11.86
CA ILE A 195 -7.28 -5.54 11.12
CA ILE A 195 -7.22 -5.51 11.03
C ILE A 195 -6.12 -6.50 11.29
C ILE A 195 -6.10 -6.51 11.24
N SER A 196 -6.44 -7.79 11.38
CA SER A 196 -5.47 -8.85 11.54
C SER A 196 -5.69 -9.91 10.48
N ILE A 197 -4.61 -10.37 9.86
CA ILE A 197 -4.65 -11.40 8.82
C ILE A 197 -3.63 -12.46 9.20
N GLY A 198 -4.10 -13.64 9.58
CA GLY A 198 -3.20 -14.71 9.96
C GLY A 198 -3.86 -16.06 9.79
N ARG A 199 -3.09 -17.10 10.02
CA ARG A 199 -3.60 -18.47 9.91
C ARG A 199 -4.48 -18.80 11.11
N THR A 200 -5.56 -19.52 10.84
CA THR A 200 -6.44 -20.05 11.87
C THR A 200 -6.56 -21.56 11.68
N PHE A 201 -6.95 -22.25 12.75
CA PHE A 201 -6.87 -23.70 12.78
C PHE A 201 -8.21 -24.28 13.25
N ARG A 202 -8.74 -25.21 12.47
CA ARG A 202 -9.99 -25.90 12.80
C ARG A 202 -9.81 -27.38 12.50
N THR A 203 -10.51 -28.22 13.26
CA THR A 203 -10.45 -29.67 13.10
C THR A 203 -11.35 -30.19 12.00
N ASP A 204 -11.48 -29.46 10.90
CA ASP A 204 -12.30 -29.88 9.77
C ASP A 204 -11.45 -30.66 8.77
N GLU A 205 -12.03 -31.72 8.22
CA GLU A 205 -11.33 -32.51 7.21
C GLU A 205 -11.09 -31.67 5.96
N LEU A 206 -10.00 -32.00 5.27
CA LEU A 206 -9.61 -31.27 4.06
C LEU A 206 -10.34 -31.90 2.86
N ASP A 207 -11.31 -31.17 2.31
CA ASP A 207 -11.99 -31.61 1.11
C ASP A 207 -12.07 -30.48 0.10
N ALA A 208 -13.05 -30.52 -0.80
CA ALA A 208 -13.16 -29.52 -1.86
C ALA A 208 -13.64 -28.16 -1.36
N THR A 209 -14.32 -28.09 -0.22
CA THR A 209 -14.87 -26.85 0.27
C THR A 209 -14.48 -26.52 1.71
N HIS A 210 -13.63 -27.32 2.35
CA HIS A 210 -13.17 -27.05 3.69
C HIS A 210 -11.68 -27.33 3.79
N THR A 211 -11.05 -26.74 4.80
CA THR A 211 -9.63 -26.93 5.06
C THR A 211 -9.37 -26.74 6.55
N PRO A 212 -8.50 -27.57 7.14
CA PRO A 212 -8.19 -27.39 8.57
C PRO A 212 -7.30 -26.19 8.84
N ILE A 213 -6.52 -25.74 7.85
CA ILE A 213 -5.62 -24.61 7.99
C ILE A 213 -6.01 -23.59 6.93
N PHE A 214 -6.64 -22.50 7.34
CA PHE A 214 -7.04 -21.45 6.44
C PHE A 214 -6.67 -20.10 7.05
N HIS A 215 -6.66 -19.08 6.19
CA HIS A 215 -6.35 -17.72 6.60
C HIS A 215 -7.64 -16.93 6.80
N GLN A 216 -7.65 -16.07 7.80
CA GLN A 216 -8.83 -15.32 8.18
C GLN A 216 -8.45 -13.86 8.41
N VAL A 217 -9.30 -12.95 7.93
CA VAL A 217 -9.16 -11.53 8.19
C VAL A 217 -10.18 -11.13 9.24
N GLU A 218 -9.71 -10.48 10.30
CA GLU A 218 -10.58 -9.99 11.36
C GLU A 218 -10.32 -8.50 11.57
N GLY A 219 -11.40 -7.73 11.67
CA GLY A 219 -11.31 -6.31 11.92
C GLY A 219 -11.90 -5.97 13.27
N LEU A 220 -11.27 -5.02 13.96
CA LEU A 220 -11.74 -4.54 15.25
C LEU A 220 -11.76 -3.02 15.23
N ALA A 221 -12.89 -2.44 15.64
CA ALA A 221 -13.03 -0.98 15.72
C ALA A 221 -13.70 -0.65 17.04
N VAL A 222 -12.98 0.01 17.93
CA VAL A 222 -13.51 0.41 19.23
C VAL A 222 -13.31 1.91 19.37
N ASP A 223 -14.41 2.64 19.53
CA ASP A 223 -14.38 4.09 19.62
C ASP A 223 -15.62 4.55 20.38
N ARG A 224 -15.79 5.87 20.46
CA ARG A 224 -16.96 6.45 21.13
C ARG A 224 -18.06 6.63 20.10
N GLY A 225 -19.21 6.01 20.34
CA GLY A 225 -20.36 6.18 19.49
C GLY A 225 -20.44 5.27 18.28
N LEU A 226 -19.69 4.17 18.27
CA LEU A 226 -19.79 3.23 17.16
C LEU A 226 -21.08 2.42 17.27
N SER A 227 -21.69 2.17 16.11
CA SER A 227 -22.98 1.49 16.05
C SER A 227 -22.94 0.45 14.95
N MET A 228 -24.05 -0.29 14.83
CA MET A 228 -24.19 -1.28 13.76
C MET A 228 -24.13 -0.62 12.38
N ALA A 229 -24.59 0.62 12.27
CA ALA A 229 -24.51 1.33 11.00
C ALA A 229 -23.07 1.55 10.57
N HIS A 230 -22.17 1.77 11.53
CA HIS A 230 -20.76 1.87 11.20
C HIS A 230 -20.20 0.49 10.81
N LEU A 231 -20.68 -0.57 11.44
CA LEU A 231 -20.29 -1.91 11.04
C LEU A 231 -20.74 -2.23 9.62
N ARG A 232 -22.03 -1.97 9.34
CA ARG A 232 -22.54 -2.20 7.98
C ARG A 232 -21.80 -1.33 6.96
N GLY A 233 -21.45 -0.11 7.34
CA GLY A 233 -20.71 0.75 6.42
C GLY A 233 -19.33 0.21 6.09
N THR A 234 -18.66 -0.40 7.09
CA THR A 234 -17.35 -0.97 6.84
C THR A 234 -17.45 -2.24 6.00
N LEU A 235 -18.50 -3.04 6.22
CA LEU A 235 -18.67 -4.26 5.44
C LEU A 235 -18.95 -3.95 3.97
N ASP A 236 -19.72 -2.88 3.71
CA ASP A 236 -20.02 -2.50 2.33
C ASP A 236 -18.76 -2.03 1.61
N ALA A 237 -17.95 -1.19 2.26
CA ALA A 237 -16.69 -0.77 1.66
C ALA A 237 -15.76 -1.96 1.45
N PHE A 238 -15.76 -2.90 2.39
CA PHE A 238 -15.00 -4.13 2.23
C PHE A 238 -15.48 -4.91 1.01
N ALA A 239 -16.80 -5.05 0.85
CA ALA A 239 -17.35 -5.86 -0.23
C ALA A 239 -17.09 -5.22 -1.59
N ARG A 240 -17.26 -3.90 -1.69
CA ARG A 240 -17.07 -3.24 -2.98
C ARG A 240 -15.63 -3.32 -3.45
N ALA A 241 -14.67 -3.26 -2.51
CA ALA A 241 -13.27 -3.32 -2.88
C ALA A 241 -12.83 -4.72 -3.30
N GLU A 242 -13.55 -5.76 -2.86
CA GLU A 242 -13.17 -7.13 -3.16
C GLU A 242 -14.06 -7.81 -4.18
N PHE A 243 -15.18 -7.20 -4.57
CA PHE A 243 -16.10 -7.86 -5.48
C PHE A 243 -16.54 -6.94 -6.62
N GLY A 244 -16.52 -5.63 -6.38
CA GLY A 244 -16.86 -4.67 -7.42
C GLY A 244 -17.82 -3.60 -6.95
N PRO A 245 -18.07 -2.60 -7.80
CA PRO A 245 -18.96 -1.50 -7.40
C PRO A 245 -20.39 -1.95 -7.12
N SER A 246 -20.84 -3.02 -7.75
CA SER A 246 -22.20 -3.52 -7.57
C SER A 246 -22.32 -4.48 -6.40
N ALA A 247 -21.36 -4.46 -5.47
CA ALA A 247 -21.37 -5.38 -4.34
C ALA A 247 -22.22 -4.83 -3.21
N ARG A 248 -23.19 -5.63 -2.77
CA ARG A 248 -24.03 -5.29 -1.63
C ARG A 248 -23.93 -6.38 -0.58
N THR A 249 -24.06 -5.99 0.68
CA THR A 249 -24.01 -6.91 1.80
C THR A 249 -25.40 -7.12 2.37
N ARG A 250 -25.50 -8.14 3.22
CA ARG A 250 -26.76 -8.50 3.88
C ARG A 250 -26.43 -9.19 5.19
N ILE A 251 -26.91 -8.62 6.30
CA ILE A 251 -26.67 -9.17 7.63
C ILE A 251 -27.96 -9.78 8.16
N ARG A 252 -27.82 -10.92 8.83
CA ARG A 252 -28.91 -11.64 9.45
C ARG A 252 -28.46 -12.10 10.83
N PRO A 253 -29.36 -12.13 11.80
CA PRO A 253 -28.95 -12.40 13.19
C PRO A 253 -28.32 -13.78 13.33
N HIS A 254 -27.32 -13.86 14.20
CA HIS A 254 -26.65 -15.11 14.50
C HIS A 254 -26.15 -15.04 15.93
N PHE A 255 -25.21 -15.92 16.30
CA PHE A 255 -24.65 -15.91 17.64
C PHE A 255 -23.15 -16.08 17.58
N PHE A 256 -22.45 -15.28 18.39
CA PHE A 256 -21.04 -15.43 18.67
C PHE A 256 -20.83 -15.04 20.12
N PRO A 257 -19.97 -15.74 20.85
CA PRO A 257 -19.81 -15.43 22.28
C PRO A 257 -19.23 -14.05 22.55
N PHE A 258 -18.38 -13.54 21.65
CA PHE A 258 -17.70 -12.27 21.87
C PHE A 258 -18.42 -11.09 21.25
N THR A 259 -19.61 -11.29 20.67
CA THR A 259 -20.39 -10.20 20.11
C THR A 259 -21.84 -10.31 20.59
N GLU A 260 -22.50 -9.15 20.67
CA GLU A 260 -23.90 -9.06 21.05
C GLU A 260 -24.42 -7.66 20.73
N PRO A 261 -25.27 -7.50 19.71
CA PRO A 261 -25.83 -8.54 18.82
C PRO A 261 -24.81 -9.13 17.86
N SER A 262 -25.07 -10.34 17.37
CA SER A 262 -24.19 -11.01 16.43
C SER A 262 -24.93 -11.24 15.12
N ALA A 263 -24.17 -11.36 14.03
CA ALA A 263 -24.77 -11.50 12.71
C ALA A 263 -23.81 -12.22 11.77
N GLU A 264 -24.39 -12.83 10.74
CA GLU A 264 -23.65 -13.37 9.62
C GLU A 264 -23.71 -12.38 8.46
N VAL A 265 -22.71 -12.43 7.59
CA VAL A 265 -22.60 -11.52 6.46
C VAL A 265 -22.73 -12.31 5.17
N ASP A 266 -23.65 -11.90 4.31
CA ASP A 266 -23.78 -12.44 2.97
C ASP A 266 -23.43 -11.34 1.96
N VAL A 267 -22.95 -11.76 0.79
CA VAL A 267 -22.48 -10.83 -0.22
C VAL A 267 -23.15 -11.15 -1.56
N TRP A 268 -23.15 -10.15 -2.44
CA TRP A 268 -23.77 -10.25 -3.75
C TRP A 268 -23.07 -9.28 -4.69
N PHE A 269 -22.56 -9.79 -5.81
CA PHE A 269 -21.99 -8.96 -6.85
C PHE A 269 -22.46 -9.46 -8.20
N ALA A 270 -22.28 -8.61 -9.22
CA ALA A 270 -22.89 -8.85 -10.53
C ALA A 270 -22.22 -9.97 -11.31
N ASN A 271 -21.00 -10.37 -10.94
CA ASN A 271 -20.25 -11.38 -11.67
C ASN A 271 -20.05 -12.65 -10.84
N LYS A 272 -21.10 -13.09 -10.16
CA LYS A 272 -21.01 -14.31 -9.36
C LYS A 272 -20.87 -15.52 -10.26
N ILE A 273 -19.81 -16.30 -10.05
CA ILE A 273 -19.58 -17.49 -10.87
C ILE A 273 -20.62 -18.56 -10.55
N GLY A 274 -20.79 -18.89 -9.27
CA GLY A 274 -21.76 -19.88 -8.86
C GLY A 274 -23.11 -19.29 -8.56
N GLY A 275 -23.95 -19.16 -9.58
CA GLY A 275 -25.27 -18.58 -9.38
C GLY A 275 -25.22 -17.06 -9.28
N ALA A 276 -26.16 -16.51 -8.53
CA ALA A 276 -26.24 -15.07 -8.32
C ALA A 276 -27.09 -14.75 -7.09
N ALA A 277 -26.87 -15.50 -6.01
CA ALA A 277 -27.63 -15.34 -4.77
C ALA A 277 -26.71 -14.84 -3.66
N TRP A 278 -27.25 -14.77 -2.45
CA TRP A 278 -26.49 -14.34 -1.28
C TRP A 278 -25.62 -15.48 -0.80
N VAL A 279 -24.32 -15.38 -1.02
CA VAL A 279 -23.36 -16.39 -0.54
C VAL A 279 -22.81 -15.92 0.79
N GLU A 280 -22.76 -16.83 1.76
CA GLU A 280 -22.26 -16.49 3.09
C GLU A 280 -20.79 -16.10 3.03
N TRP A 281 -20.45 -15.04 3.76
CA TRP A 281 -19.10 -14.49 3.75
C TRP A 281 -18.40 -14.61 5.09
N GLY A 282 -19.04 -14.19 6.17
CA GLY A 282 -18.40 -14.27 7.47
C GLY A 282 -19.34 -13.80 8.56
N GLY A 283 -18.76 -13.57 9.75
CA GLY A 283 -19.52 -13.11 10.89
C GLY A 283 -19.16 -11.72 11.33
N CYS A 284 -20.03 -11.08 12.10
CA CYS A 284 -19.81 -9.72 12.58
C CYS A 284 -20.67 -9.50 13.82
N GLY A 285 -20.61 -8.29 14.34
CA GLY A 285 -21.44 -7.93 15.48
C GLY A 285 -20.79 -6.85 16.31
N MET A 286 -21.55 -6.37 17.29
CA MET A 286 -21.04 -5.39 18.24
C MET A 286 -20.25 -6.08 19.34
N VAL A 287 -19.09 -5.52 19.68
CA VAL A 287 -18.22 -6.13 20.68
C VAL A 287 -18.98 -6.25 22.00
N HIS A 288 -18.97 -7.47 22.55
CA HIS A 288 -19.69 -7.72 23.79
C HIS A 288 -19.09 -6.89 24.92
N PRO A 289 -19.91 -6.27 25.77
CA PRO A 289 -19.36 -5.45 26.85
C PRO A 289 -18.49 -6.22 27.83
N ASN A 290 -18.69 -7.54 27.96
CA ASN A 290 -17.80 -8.33 28.80
C ASN A 290 -16.40 -8.37 28.23
N VAL A 291 -16.28 -8.39 26.90
CA VAL A 291 -14.97 -8.33 26.26
C VAL A 291 -14.31 -6.99 26.55
N LEU A 292 -15.10 -5.91 26.54
CA LEU A 292 -14.56 -4.60 26.84
C LEU A 292 -14.09 -4.50 28.29
N ARG A 293 -14.88 -5.02 29.22
CA ARG A 293 -14.48 -5.00 30.63
C ARG A 293 -13.30 -5.92 30.89
N ALA A 294 -13.14 -6.96 30.07
CA ALA A 294 -11.98 -7.85 30.20
C ALA A 294 -10.69 -7.21 29.69
N THR A 295 -10.78 -6.04 29.05
CA THR A 295 -9.61 -5.31 28.58
C THR A 295 -9.52 -3.92 29.19
N GLY A 296 -10.26 -3.63 30.25
CA GLY A 296 -10.18 -2.33 30.91
C GLY A 296 -10.80 -1.19 30.14
N ILE A 297 -11.88 -1.44 29.40
CA ILE A 297 -12.56 -0.42 28.62
C ILE A 297 -13.97 -0.27 29.17
N ASP A 298 -14.38 0.98 29.39
CA ASP A 298 -15.71 1.25 29.93
C ASP A 298 -16.75 1.09 28.84
N PRO A 299 -17.67 0.13 28.94
CA PRO A 299 -18.70 -0.03 27.91
C PRO A 299 -19.66 1.14 27.81
N ASP A 300 -19.82 1.91 28.89
CA ASP A 300 -20.71 3.08 28.84
C ASP A 300 -20.13 4.21 28.02
N LEU A 301 -18.82 4.24 27.82
CA LEU A 301 -18.15 5.29 27.06
C LEU A 301 -17.71 4.86 25.68
N TYR A 302 -17.37 3.58 25.49
CA TYR A 302 -16.86 3.08 24.22
C TYR A 302 -17.71 1.90 23.77
N SER A 303 -18.11 1.93 22.50
CA SER A 303 -18.71 0.80 21.82
C SER A 303 -17.78 0.34 20.71
N GLY A 304 -18.06 -0.84 20.16
CA GLY A 304 -17.20 -1.40 19.14
C GLY A 304 -17.87 -2.49 18.36
N PHE A 305 -17.46 -2.63 17.10
CA PHE A 305 -17.89 -3.72 16.25
C PHE A 305 -16.69 -4.51 15.75
N ALA A 306 -16.94 -5.72 15.28
CA ALA A 306 -15.90 -6.58 14.76
C ALA A 306 -16.48 -7.44 13.64
N PHE A 307 -15.58 -8.05 12.87
CA PHE A 307 -16.00 -8.92 11.78
C PHE A 307 -14.87 -9.90 11.48
N GLY A 308 -15.22 -10.96 10.76
CA GLY A 308 -14.25 -11.98 10.40
C GLY A 308 -14.64 -12.77 9.17
N MET A 309 -13.76 -12.83 8.18
CA MET A 309 -14.01 -13.57 6.94
C MET A 309 -12.83 -14.49 6.66
N GLY A 310 -13.14 -15.67 6.11
CA GLY A 310 -12.10 -16.58 5.67
C GLY A 310 -11.61 -16.16 4.28
N LEU A 311 -10.29 -16.12 4.12
CA LEU A 311 -9.72 -15.72 2.84
C LEU A 311 -9.90 -16.82 1.79
N GLU A 312 -9.65 -18.07 2.18
CA GLU A 312 -9.83 -19.18 1.24
C GLU A 312 -11.27 -19.26 0.76
N ARG A 313 -12.24 -19.07 1.67
CA ARG A 313 -13.63 -19.02 1.26
C ARG A 313 -13.89 -17.85 0.32
N THR A 314 -13.36 -16.67 0.65
CA THR A 314 -13.52 -15.51 -0.20
C THR A 314 -12.93 -15.75 -1.59
N LEU A 315 -11.75 -16.36 -1.65
CA LEU A 315 -11.13 -16.65 -2.94
C LEU A 315 -11.88 -17.72 -3.73
N GLN A 316 -12.66 -18.57 -3.05
CA GLN A 316 -13.30 -19.67 -3.75
C GLN A 316 -14.48 -19.20 -4.60
N PHE A 317 -15.33 -18.34 -4.05
CA PHE A 317 -16.49 -17.88 -4.81
C PHE A 317 -16.24 -16.59 -5.58
N ARG A 318 -15.18 -15.85 -5.27
CA ARG A 318 -14.85 -14.69 -6.08
C ARG A 318 -14.31 -15.12 -7.44
N ASN A 319 -13.35 -16.06 -7.44
CA ASN A 319 -12.76 -16.54 -8.68
C ASN A 319 -13.44 -17.79 -9.22
N GLY A 320 -14.30 -18.43 -8.43
CA GLY A 320 -14.95 -19.65 -8.89
C GLY A 320 -14.02 -20.84 -8.93
N ILE A 321 -13.31 -21.07 -7.83
CA ILE A 321 -12.31 -22.15 -7.76
C ILE A 321 -12.99 -23.43 -7.30
N PRO A 322 -12.86 -24.53 -8.04
CA PRO A 322 -13.58 -25.76 -7.68
C PRO A 322 -13.07 -26.40 -6.40
N ASP A 323 -11.83 -26.86 -6.41
CA ASP A 323 -11.26 -27.62 -5.30
C ASP A 323 -10.40 -26.70 -4.45
N MET A 324 -10.72 -26.61 -3.16
CA MET A 324 -9.91 -25.81 -2.24
C MET A 324 -8.64 -26.53 -1.81
N ARG A 325 -8.51 -27.83 -2.10
CA ARG A 325 -7.26 -28.52 -1.85
C ARG A 325 -6.11 -27.91 -2.65
N ASP A 326 -6.40 -27.39 -3.84
CA ASP A 326 -5.36 -26.77 -4.66
C ASP A 326 -4.83 -25.47 -4.06
N MET A 327 -5.58 -24.84 -3.16
CA MET A 327 -5.13 -23.58 -2.57
C MET A 327 -4.03 -23.77 -1.54
N VAL A 328 -3.89 -24.96 -0.97
CA VAL A 328 -3.03 -25.13 0.20
C VAL A 328 -1.99 -26.22 -0.02
N GLU A 329 -2.13 -27.00 -1.10
CA GLU A 329 -1.21 -28.12 -1.32
C GLU A 329 0.09 -27.69 -1.97
N GLY A 330 0.15 -26.50 -2.55
CA GLY A 330 1.41 -25.95 -3.03
C GLY A 330 1.83 -26.37 -4.42
N ASP A 331 0.90 -26.87 -5.24
CA ASP A 331 1.23 -27.20 -6.62
C ASP A 331 1.41 -25.92 -7.43
N VAL A 332 2.52 -25.83 -8.17
CA VAL A 332 2.81 -24.60 -8.91
C VAL A 332 1.83 -24.36 -10.05
N ARG A 333 1.06 -25.38 -10.45
CA ARG A 333 0.04 -25.19 -11.47
C ARG A 333 -1.10 -24.31 -10.97
N PHE A 334 -1.25 -24.16 -9.65
CA PHE A 334 -2.29 -23.31 -9.09
C PHE A 334 -1.85 -21.86 -8.94
N SER A 335 -0.59 -21.63 -8.60
CA SER A 335 -0.13 -20.28 -8.32
C SER A 335 0.27 -19.52 -9.57
N LEU A 336 0.84 -20.22 -10.56
CA LEU A 336 1.40 -19.55 -11.72
C LEU A 336 0.38 -18.75 -12.54
N PRO A 337 -0.85 -19.22 -12.80
CA PRO A 337 -1.79 -18.39 -13.57
C PRO A 337 -2.12 -17.06 -12.92
N PHE A 338 -1.89 -16.91 -11.62
CA PHE A 338 -2.16 -15.65 -10.93
C PHE A 338 -1.08 -14.60 -11.15
N GLY A 339 -0.01 -14.93 -11.87
CA GLY A 339 1.03 -13.96 -12.15
C GLY A 339 1.99 -13.78 -10.99
N VAL A 340 2.92 -12.84 -11.18
CA VAL A 340 3.95 -12.60 -10.18
C VAL A 340 3.35 -11.94 -8.94
N GLY A 341 2.62 -10.84 -9.13
CA GLY A 341 2.04 -10.13 -8.02
C GLY A 341 2.95 -9.03 -7.48
N ALA A 342 3.15 -7.99 -8.28
CA ALA A 342 4.02 -6.86 -7.91
C ALA A 342 5.43 -7.33 -7.57
N SER B 2 -25.72 -31.77 17.06
CA SER B 2 -25.77 -31.33 18.45
C SER B 2 -26.74 -30.17 18.61
N ASN B 3 -26.87 -29.37 17.56
CA ASN B 3 -27.78 -28.22 17.55
C ASN B 3 -28.93 -28.40 16.58
N ALA B 4 -29.18 -29.62 16.10
CA ALA B 4 -30.24 -29.85 15.13
C ALA B 4 -31.60 -29.88 15.80
N MET B 5 -32.59 -29.29 15.15
CA MET B 5 -33.98 -29.34 15.59
C MET B 5 -34.86 -29.54 14.38
N ARG B 6 -35.63 -30.62 14.37
CA ARG B 6 -36.50 -30.98 13.26
C ARG B 6 -37.94 -31.04 13.74
N LEU B 7 -38.85 -30.50 12.95
CA LEU B 7 -40.27 -30.52 13.29
C LEU B 7 -41.09 -30.30 12.03
N PRO B 8 -42.27 -30.91 11.94
CA PRO B 8 -43.12 -30.67 10.77
C PRO B 8 -43.82 -29.32 10.86
N TYR B 9 -44.03 -28.71 9.69
CA TYR B 9 -44.68 -27.41 9.65
C TYR B 9 -46.10 -27.48 10.20
N SER B 10 -46.80 -28.60 9.95
CA SER B 10 -48.18 -28.74 10.42
C SER B 10 -48.26 -28.60 11.94
N TRP B 11 -47.34 -29.23 12.67
CA TRP B 11 -47.32 -29.11 14.12
C TRP B 11 -46.99 -27.69 14.53
N LEU B 12 -46.00 -27.07 13.88
CA LEU B 12 -45.65 -25.69 14.20
C LEU B 12 -46.80 -24.74 13.89
N ARG B 13 -47.46 -24.92 12.75
CA ARG B 13 -48.61 -24.09 12.41
C ARG B 13 -49.73 -24.25 13.43
N GLU B 14 -49.97 -25.48 13.89
CA GLU B 14 -51.07 -25.73 14.82
C GLU B 14 -50.88 -24.97 16.12
N VAL B 15 -49.65 -24.99 16.67
CA VAL B 15 -49.40 -24.29 17.92
C VAL B 15 -49.52 -22.78 17.73
N VAL B 16 -49.03 -22.26 16.60
CA VAL B 16 -49.17 -20.84 16.33
C VAL B 16 -50.63 -20.47 16.11
N ALA B 17 -51.40 -21.36 15.48
CA ALA B 17 -52.77 -21.04 15.11
C ALA B 17 -53.73 -21.01 16.30
N VAL B 18 -53.30 -21.47 17.48
CA VAL B 18 -54.17 -21.42 18.65
C VAL B 18 -54.48 -19.96 19.00
N GLY B 19 -53.46 -19.11 19.03
CA GLY B 19 -53.66 -17.71 19.26
C GLY B 19 -53.75 -16.86 18.02
N ALA B 20 -53.55 -17.46 16.83
CA ALA B 20 -53.64 -16.77 15.54
C ALA B 20 -54.42 -17.70 14.60
N SER B 21 -55.73 -17.76 14.82
CA SER B 21 -56.58 -18.66 14.04
C SER B 21 -56.51 -18.32 12.56
N GLY B 22 -56.23 -19.33 11.74
CA GLY B 22 -56.12 -19.16 10.31
C GLY B 22 -54.73 -18.84 9.81
N TRP B 23 -53.73 -18.80 10.70
CA TRP B 23 -52.38 -18.48 10.27
C TRP B 23 -51.81 -19.60 9.39
N ASP B 24 -51.19 -19.21 8.28
CA ASP B 24 -50.64 -20.15 7.32
C ASP B 24 -49.76 -19.41 6.33
N VAL B 25 -48.51 -19.86 6.17
CA VAL B 25 -47.58 -19.23 5.23
C VAL B 25 -46.92 -20.32 4.41
N THR B 26 -46.39 -19.92 3.25
CA THR B 26 -45.68 -20.85 2.39
C THR B 26 -44.37 -21.27 3.06
N PRO B 27 -43.88 -22.48 2.74
CA PRO B 27 -42.58 -22.88 3.28
C PRO B 27 -41.44 -21.97 2.86
N GLY B 28 -41.53 -21.36 1.69
CA GLY B 28 -40.50 -20.42 1.28
C GLY B 28 -40.48 -19.18 2.16
N GLU B 29 -41.65 -18.60 2.41
CA GLU B 29 -41.71 -17.41 3.27
C GLU B 29 -41.29 -17.74 4.70
N LEU B 30 -41.73 -18.89 5.22
CA LEU B 30 -41.38 -19.26 6.58
C LEU B 30 -39.87 -19.38 6.76
N GLU B 31 -39.18 -19.92 5.75
CA GLU B 31 -37.73 -20.02 5.83
C GLU B 31 -37.08 -18.65 5.90
N GLN B 32 -37.57 -17.70 5.11
CA GLN B 32 -37.01 -16.36 5.11
C GLN B 32 -37.27 -15.65 6.44
N THR B 33 -38.45 -15.85 7.02
CA THR B 33 -38.76 -15.25 8.32
C THR B 33 -37.85 -15.81 9.41
N LEU B 34 -37.63 -17.13 9.41
CA LEU B 34 -36.75 -17.73 10.40
C LEU B 34 -35.31 -17.26 10.23
N LEU B 35 -34.85 -17.12 8.98
CA LEU B 35 -33.51 -16.60 8.74
C LEU B 35 -33.41 -15.14 9.17
N ARG B 36 -34.49 -14.37 9.02
CA ARG B 36 -34.44 -12.94 9.31
C ARG B 36 -34.39 -12.65 10.81
N ILE B 37 -34.85 -13.59 11.65
CA ILE B 37 -34.83 -13.39 13.10
C ILE B 37 -33.71 -14.17 13.77
N GLY B 38 -32.93 -14.93 13.02
CA GLY B 38 -31.72 -15.56 13.54
C GLY B 38 -31.73 -17.07 13.66
N HIS B 39 -32.57 -17.78 12.92
CA HIS B 39 -32.64 -19.24 12.98
C HIS B 39 -32.20 -19.81 11.65
N GLU B 40 -31.07 -20.52 11.65
CA GLU B 40 -30.55 -21.11 10.43
C GLU B 40 -31.41 -22.30 10.02
N VAL B 41 -31.94 -22.25 8.80
CA VAL B 41 -32.72 -23.34 8.23
C VAL B 41 -31.77 -24.15 7.36
N GLU B 42 -31.36 -25.32 7.87
CA GLU B 42 -30.41 -26.14 7.13
C GLU B 42 -31.06 -26.85 5.94
N GLU B 43 -32.33 -27.23 6.04
CA GLU B 43 -32.98 -27.95 4.96
C GLU B 43 -34.48 -27.90 5.13
N VAL B 44 -35.19 -27.75 4.01
CA VAL B 44 -36.64 -27.77 3.97
C VAL B 44 -37.06 -28.99 3.15
N ILE B 45 -37.56 -30.01 3.83
CA ILE B 45 -37.84 -31.29 3.18
C ILE B 45 -39.35 -31.51 3.08
N PRO B 46 -39.95 -31.33 1.91
CA PRO B 46 -41.36 -31.67 1.74
C PRO B 46 -41.56 -33.17 1.66
N LEU B 47 -42.73 -33.62 2.11
CA LEU B 47 -43.06 -35.03 2.09
C LEU B 47 -43.69 -35.41 0.76
N GLY B 48 -43.57 -36.69 0.41
CA GLY B 48 -44.07 -37.19 -0.85
C GLY B 48 -43.23 -36.69 -2.01
N PRO B 49 -43.90 -36.27 -3.10
CA PRO B 49 -45.35 -36.29 -3.31
C PRO B 49 -45.81 -37.60 -3.97
N VAL B 50 -47.08 -37.96 -3.80
CA VAL B 50 -47.63 -39.13 -4.47
C VAL B 50 -48.83 -38.69 -5.30
N ASP B 51 -49.15 -39.50 -6.31
CA ASP B 51 -50.30 -39.26 -7.17
C ASP B 51 -50.92 -40.59 -7.53
N GLY B 52 -52.20 -40.55 -7.90
CA GLY B 52 -52.92 -41.75 -8.27
C GLY B 52 -53.36 -42.56 -7.07
N PRO B 53 -53.80 -43.80 -7.32
CA PRO B 53 -54.37 -44.61 -6.24
C PRO B 53 -53.35 -45.07 -5.21
N VAL B 54 -53.16 -44.28 -4.16
CA VAL B 54 -52.33 -44.63 -3.00
C VAL B 54 -53.28 -44.64 -1.81
N THR B 55 -53.66 -45.83 -1.36
CA THR B 55 -54.72 -45.98 -0.37
C THR B 55 -54.26 -46.82 0.81
N VAL B 56 -55.03 -46.74 1.89
CA VAL B 56 -54.79 -47.57 3.07
C VAL B 56 -55.43 -48.93 2.86
N GLY B 57 -54.68 -49.99 3.20
CA GLY B 57 -55.17 -51.34 3.07
C GLY B 57 -54.93 -52.14 4.33
N ARG B 58 -55.62 -53.27 4.42
CA ARG B 58 -55.47 -54.21 5.52
C ARG B 58 -55.10 -55.58 4.95
N VAL B 59 -54.07 -56.19 5.51
CA VAL B 59 -53.60 -57.50 5.06
C VAL B 59 -54.57 -58.55 5.57
N ALA B 60 -55.33 -59.15 4.65
CA ALA B 60 -56.34 -60.14 5.01
C ALA B 60 -55.80 -61.57 5.03
N ASP B 61 -54.73 -61.85 4.29
CA ASP B 61 -54.12 -63.17 4.30
C ASP B 61 -52.70 -63.06 3.78
N ILE B 62 -51.87 -64.02 4.17
CA ILE B 62 -50.47 -64.08 3.76
C ILE B 62 -50.17 -65.51 3.32
N GLU B 63 -49.67 -65.65 2.09
CA GLU B 63 -49.20 -66.93 1.57
C GLU B 63 -47.68 -66.84 1.41
N GLU B 64 -46.97 -67.77 2.06
CA GLU B 64 -45.52 -67.77 2.02
C GLU B 64 -45.05 -68.49 0.76
N LEU B 65 -44.53 -67.73 -0.20
CA LEU B 65 -43.96 -68.30 -1.41
C LEU B 65 -42.55 -68.78 -1.13
N THR B 66 -42.33 -70.08 -1.24
CA THR B 66 -41.06 -70.71 -0.90
C THR B 66 -40.30 -71.08 -2.16
N GLY B 67 -39.08 -71.58 -1.96
CA GLY B 67 -38.24 -72.02 -3.06
C GLY B 67 -37.50 -70.94 -3.79
N TYR B 68 -37.47 -69.72 -3.26
CA TYR B 68 -36.78 -68.60 -3.89
C TYR B 68 -35.57 -68.19 -3.05
N LYS B 69 -34.82 -67.21 -3.57
CA LYS B 69 -33.61 -66.76 -2.90
C LYS B 69 -33.89 -66.08 -1.56
N LYS B 70 -35.10 -65.59 -1.36
CA LYS B 70 -35.46 -64.88 -0.14
C LYS B 70 -36.92 -65.18 0.16
N PRO B 71 -37.35 -64.99 1.42
CA PRO B 71 -38.77 -65.20 1.74
C PRO B 71 -39.64 -64.16 1.04
N ILE B 72 -40.63 -64.65 0.29
CA ILE B 72 -41.55 -63.82 -0.47
C ILE B 72 -42.97 -64.14 -0.03
N ARG B 73 -43.81 -63.11 0.03
CA ARG B 73 -45.19 -63.24 0.48
C ARG B 73 -46.16 -62.83 -0.61
N ALA B 74 -47.18 -63.66 -0.82
CA ALA B 74 -48.33 -63.31 -1.66
C ALA B 74 -49.46 -62.90 -0.72
N CYS B 75 -49.81 -61.62 -0.73
CA CYS B 75 -50.72 -61.05 0.24
C CYS B 75 -52.04 -60.67 -0.39
N ALA B 76 -53.13 -60.97 0.30
CA ALA B 76 -54.47 -60.49 -0.04
C ALA B 76 -54.74 -59.24 0.79
N VAL B 77 -54.91 -58.10 0.13
CA VAL B 77 -55.02 -56.81 0.78
C VAL B 77 -56.42 -56.24 0.56
N ASP B 78 -57.08 -55.87 1.65
CA ASP B 78 -58.39 -55.23 1.60
C ASP B 78 -58.20 -53.73 1.41
N ILE B 79 -58.66 -53.20 0.27
CA ILE B 79 -58.50 -51.80 -0.04
C ILE B 79 -59.83 -51.05 0.08
N GLY B 80 -60.84 -51.66 0.70
CA GLY B 80 -62.11 -51.00 0.92
C GLY B 80 -63.25 -51.41 0.01
N ASP B 81 -63.04 -52.35 -0.91
CA ASP B 81 -64.14 -52.84 -1.74
C ASP B 81 -64.29 -54.36 -1.64
N ARG B 82 -65.15 -54.94 -2.46
CA ARG B 82 -65.44 -56.36 -2.37
C ARG B 82 -64.39 -57.24 -3.06
N GLN B 83 -63.44 -56.65 -3.79
CA GLN B 83 -62.43 -57.40 -4.52
C GLN B 83 -61.08 -57.13 -3.88
N TYR B 84 -60.60 -58.07 -3.08
CA TYR B 84 -59.27 -57.94 -2.48
C TYR B 84 -58.20 -58.05 -3.55
N ARG B 85 -57.09 -57.34 -3.32
CA ARG B 85 -56.00 -57.28 -4.28
C ARG B 85 -54.88 -58.22 -3.85
N GLU B 86 -54.36 -58.97 -4.81
CA GLU B 86 -53.21 -59.84 -4.58
C GLU B 86 -51.93 -59.06 -4.87
N ILE B 87 -51.09 -58.89 -3.84
CA ILE B 87 -49.90 -58.06 -3.94
C ILE B 87 -48.71 -58.85 -3.43
N ILE B 88 -47.66 -58.92 -4.24
CA ILE B 88 -46.42 -59.59 -3.87
C ILE B 88 -45.54 -58.60 -3.11
N CYS B 89 -45.09 -58.99 -1.92
CA CYS B 89 -44.26 -58.14 -1.09
C CYS B 89 -43.11 -58.97 -0.51
N GLY B 90 -41.93 -58.37 -0.43
CA GLY B 90 -40.77 -59.06 0.07
C GLY B 90 -40.49 -58.82 1.54
N ALA B 91 -41.09 -57.78 2.11
CA ALA B 91 -40.88 -57.47 3.51
C ALA B 91 -41.52 -58.53 4.41
N THR B 92 -41.06 -58.58 5.65
CA THR B 92 -41.54 -59.56 6.62
C THR B 92 -41.97 -58.94 7.95
N ASN B 93 -42.04 -57.61 8.03
CA ASN B 93 -42.38 -56.93 9.28
C ASN B 93 -43.85 -56.61 9.41
N PHE B 94 -44.73 -57.50 8.95
CA PHE B 94 -46.17 -57.28 9.06
C PHE B 94 -46.87 -58.62 9.15
N ALA B 95 -48.04 -58.62 9.78
CA ALA B 95 -48.83 -59.82 9.99
C ALA B 95 -50.23 -59.62 9.42
N VAL B 96 -51.04 -60.68 9.51
CA VAL B 96 -52.43 -60.61 9.08
C VAL B 96 -53.19 -59.67 10.00
N GLY B 97 -53.94 -58.73 9.40
CA GLY B 97 -54.70 -57.76 10.14
C GLY B 97 -54.04 -56.40 10.27
N ASP B 98 -52.80 -56.25 9.80
CA ASP B 98 -52.10 -54.98 9.91
C ASP B 98 -52.58 -54.01 8.86
N LEU B 99 -52.56 -52.72 9.21
CA LEU B 99 -52.86 -51.65 8.27
C LEU B 99 -51.59 -51.26 7.52
N VAL B 100 -51.67 -51.23 6.19
CA VAL B 100 -50.54 -50.89 5.34
C VAL B 100 -50.97 -49.83 4.33
N VAL B 101 -50.00 -49.28 3.63
CA VAL B 101 -50.23 -48.30 2.57
C VAL B 101 -49.91 -48.97 1.24
N VAL B 102 -50.89 -48.98 0.34
CA VAL B 102 -50.82 -49.71 -0.91
C VAL B 102 -50.80 -48.72 -2.07
N ALA B 103 -49.84 -48.88 -2.97
CA ALA B 103 -49.79 -48.14 -4.22
C ALA B 103 -50.29 -49.05 -5.33
N LEU B 104 -51.45 -48.72 -5.89
CA LEU B 104 -52.11 -49.50 -6.92
C LEU B 104 -51.59 -49.11 -8.30
N PRO B 105 -51.78 -49.97 -9.30
CA PRO B 105 -51.29 -49.66 -10.65
C PRO B 105 -51.85 -48.33 -11.16
N GLY B 106 -50.95 -47.50 -11.68
CA GLY B 106 -51.29 -46.16 -12.11
C GLY B 106 -50.85 -45.07 -11.16
N ALA B 107 -50.40 -45.43 -9.96
CA ALA B 107 -49.94 -44.45 -8.99
C ALA B 107 -48.50 -44.06 -9.26
N THR B 108 -48.13 -42.86 -8.79
CA THR B 108 -46.77 -42.34 -8.93
C THR B 108 -46.19 -42.09 -7.55
N LEU B 109 -45.02 -42.65 -7.29
CA LEU B 109 -44.31 -42.50 -6.04
C LEU B 109 -43.17 -41.50 -6.18
N PRO B 110 -42.68 -40.94 -5.06
CA PRO B 110 -41.59 -39.94 -5.14
C PRO B 110 -40.42 -40.39 -5.99
N GLY B 111 -40.08 -39.60 -7.01
CA GLY B 111 -39.03 -39.93 -7.94
C GLY B 111 -39.49 -40.43 -9.29
N GLY B 112 -40.71 -40.13 -9.70
CA GLY B 112 -41.23 -40.58 -10.98
C GLY B 112 -41.47 -42.07 -11.08
N PHE B 113 -41.43 -42.80 -9.97
N PHE B 113 -41.43 -42.78 -9.97
CA PHE B 113 -41.61 -44.24 -9.98
CA PHE B 113 -41.64 -44.24 -9.94
C PHE B 113 -43.07 -44.57 -10.25
C PHE B 113 -43.10 -44.53 -10.25
N THR B 114 -43.40 -44.86 -11.50
CA THR B 114 -44.76 -45.21 -11.89
C THR B 114 -45.03 -46.66 -11.53
N ILE B 115 -46.18 -46.92 -10.90
CA ILE B 115 -46.54 -48.25 -10.43
C ILE B 115 -47.48 -48.89 -11.44
N SER B 116 -47.22 -50.15 -11.76
CA SER B 116 -48.07 -50.92 -12.64
C SER B 116 -48.04 -52.37 -12.20
N ALA B 117 -48.95 -53.16 -12.77
CA ALA B 117 -49.02 -54.58 -12.44
C ALA B 117 -47.77 -55.30 -12.96
N ARG B 118 -47.23 -56.19 -12.14
CA ARG B 118 -46.00 -56.90 -12.46
C ARG B 118 -46.20 -58.39 -12.30
N LYS B 119 -45.36 -59.16 -12.99
CA LYS B 119 -45.38 -60.62 -12.95
C LYS B 119 -44.12 -61.07 -12.22
N ALA B 120 -44.18 -61.04 -10.89
CA ALA B 120 -43.03 -61.31 -10.04
C ALA B 120 -43.24 -62.64 -9.31
N TYR B 121 -42.19 -63.46 -9.29
CA TYR B 121 -42.16 -64.72 -8.54
C TYR B 121 -43.30 -65.66 -8.97
N GLY B 122 -43.49 -65.77 -10.28
CA GLY B 122 -44.50 -66.65 -10.84
C GLY B 122 -45.92 -66.27 -10.48
N ARG B 123 -46.11 -65.06 -9.97
CA ARG B 123 -47.41 -64.56 -9.57
C ARG B 123 -47.65 -63.20 -10.21
N ASN B 124 -48.90 -62.74 -10.14
CA ASN B 124 -49.31 -61.47 -10.70
C ASN B 124 -49.54 -60.49 -9.53
N SER B 125 -48.69 -59.48 -9.43
CA SER B 125 -48.78 -58.50 -8.36
C SER B 125 -49.59 -57.29 -8.85
N ASP B 126 -50.64 -56.95 -8.10
CA ASP B 126 -51.54 -55.86 -8.47
C ASP B 126 -51.22 -54.60 -7.66
N GLY B 127 -49.97 -54.16 -7.71
CA GLY B 127 -49.51 -53.01 -6.95
C GLY B 127 -48.35 -53.37 -6.05
N MET B 128 -48.22 -52.63 -4.95
CA MET B 128 -47.14 -52.86 -4.00
C MET B 128 -47.54 -52.30 -2.64
N ILE B 129 -46.98 -52.91 -1.60
CA ILE B 129 -47.07 -52.37 -0.25
C ILE B 129 -45.84 -51.50 -0.02
N CYS B 130 -46.06 -50.27 0.43
CA CYS B 130 -45.01 -49.26 0.43
C CYS B 130 -44.28 -49.19 1.75
N SER B 131 -43.01 -48.77 1.67
CA SER B 131 -42.21 -48.46 2.84
C SER B 131 -42.22 -46.94 3.07
N ALA B 132 -41.72 -46.54 4.24
CA ALA B 132 -41.66 -45.13 4.56
C ALA B 132 -40.75 -44.38 3.59
N ALA B 133 -39.62 -44.99 3.21
CA ALA B 133 -38.69 -44.34 2.30
C ALA B 133 -39.29 -44.21 0.90
N GLU B 134 -40.06 -45.20 0.46
CA GLU B 134 -40.66 -45.13 -0.87
C GLU B 134 -41.74 -44.06 -0.95
N LEU B 135 -42.43 -43.80 0.16
CA LEU B 135 -43.43 -42.75 0.22
C LEU B 135 -42.84 -41.38 0.55
N ASN B 136 -41.52 -41.31 0.74
CA ASN B 136 -40.86 -40.08 1.20
C ASN B 136 -41.48 -39.58 2.51
N LEU B 137 -41.81 -40.50 3.39
CA LEU B 137 -42.32 -40.19 4.72
C LEU B 137 -41.25 -40.29 5.80
N GLY B 138 -40.39 -41.30 5.72
CA GLY B 138 -39.29 -41.47 6.65
C GLY B 138 -38.12 -42.19 6.02
N ALA B 139 -37.13 -42.56 6.83
CA ALA B 139 -35.95 -43.23 6.32
C ALA B 139 -36.03 -44.75 6.38
N ASP B 140 -37.07 -45.31 7.01
CA ASP B 140 -37.17 -46.75 7.17
C ASP B 140 -37.37 -47.41 5.81
N HIS B 141 -36.41 -48.26 5.42
CA HIS B 141 -36.49 -49.00 4.17
C HIS B 141 -36.34 -50.51 4.37
N SER B 142 -36.04 -50.97 5.58
CA SER B 142 -35.90 -52.41 5.82
C SER B 142 -37.23 -53.13 5.61
N GLY B 143 -38.28 -52.68 6.30
CA GLY B 143 -39.60 -53.21 6.11
C GLY B 143 -40.55 -52.21 5.46
N ILE B 144 -41.81 -52.58 5.43
CA ILE B 144 -42.85 -51.72 4.91
C ILE B 144 -43.52 -51.00 6.07
N LEU B 145 -44.29 -49.95 5.76
CA LEU B 145 -44.94 -49.15 6.80
C LEU B 145 -46.19 -49.87 7.31
N VAL B 146 -46.24 -50.07 8.63
CA VAL B 146 -47.39 -50.66 9.28
C VAL B 146 -48.01 -49.60 10.19
N LEU B 147 -49.16 -49.09 9.79
CA LEU B 147 -49.85 -48.10 10.60
C LEU B 147 -50.43 -48.76 11.86
N PRO B 148 -50.47 -48.04 12.98
CA PRO B 148 -51.02 -48.62 14.19
C PRO B 148 -52.50 -48.88 14.04
N PRO B 149 -53.05 -49.86 14.76
CA PRO B 149 -54.47 -50.20 14.59
C PRO B 149 -55.38 -49.03 14.87
N GLY B 150 -56.46 -48.94 14.10
CA GLY B 150 -57.41 -47.87 14.23
C GLY B 150 -57.02 -46.55 13.59
N ALA B 151 -55.83 -46.48 12.98
CA ALA B 151 -55.37 -45.22 12.39
C ALA B 151 -56.25 -44.77 11.24
N ALA B 152 -56.78 -45.73 10.46
CA ALA B 152 -57.65 -45.43 9.34
C ALA B 152 -58.37 -46.70 8.93
N GLU B 153 -59.36 -46.53 8.06
CA GLU B 153 -60.04 -47.70 7.53
C GLU B 153 -59.52 -48.02 6.13
N PRO B 154 -59.57 -49.29 5.74
CA PRO B 154 -59.17 -49.66 4.37
C PRO B 154 -59.96 -48.86 3.34
N GLY B 155 -59.23 -48.21 2.44
CA GLY B 155 -59.83 -47.35 1.43
C GLY B 155 -59.57 -45.88 1.63
N ALA B 156 -59.11 -45.47 2.80
CA ALA B 156 -58.82 -44.05 3.03
C ALA B 156 -57.64 -43.62 2.18
N ASP B 157 -57.69 -42.36 1.73
CA ASP B 157 -56.64 -41.81 0.90
C ASP B 157 -55.30 -41.85 1.64
N GLY B 158 -54.29 -42.45 1.01
CA GLY B 158 -53.01 -42.63 1.69
C GLY B 158 -52.31 -41.32 2.01
N ALA B 159 -52.35 -40.37 1.06
CA ALA B 159 -51.67 -39.10 1.27
C ALA B 159 -52.29 -38.33 2.42
N GLY B 160 -53.62 -38.33 2.52
CA GLY B 160 -54.27 -37.63 3.62
C GLY B 160 -53.98 -38.25 4.97
N VAL B 161 -54.05 -39.58 5.05
CA VAL B 161 -53.78 -40.26 6.33
C VAL B 161 -52.33 -40.04 6.75
N LEU B 162 -51.40 -40.19 5.81
CA LEU B 162 -49.99 -39.99 6.11
C LEU B 162 -49.60 -38.52 6.23
N GLY B 163 -50.46 -37.60 5.80
CA GLY B 163 -50.14 -36.18 5.83
C GLY B 163 -48.96 -35.85 4.95
N LEU B 164 -48.97 -36.34 3.71
CA LEU B 164 -47.84 -36.15 2.81
C LEU B 164 -47.74 -34.73 2.25
N ASP B 165 -48.73 -33.87 2.51
CA ASP B 165 -48.63 -32.47 2.13
C ASP B 165 -47.81 -31.67 3.13
N ASP B 166 -47.35 -32.29 4.21
CA ASP B 166 -46.58 -31.61 5.23
C ASP B 166 -45.19 -31.25 4.70
N VAL B 167 -44.46 -30.47 5.51
CA VAL B 167 -43.10 -30.06 5.19
C VAL B 167 -42.30 -30.08 6.48
N VAL B 168 -41.12 -30.70 6.45
CA VAL B 168 -40.26 -30.84 7.60
C VAL B 168 -39.15 -29.80 7.51
N PHE B 169 -38.92 -29.08 8.61
CA PHE B 169 -37.88 -28.06 8.69
C PHE B 169 -36.74 -28.56 9.56
N HIS B 170 -35.52 -28.49 9.03
CA HIS B 170 -34.30 -28.85 9.75
C HIS B 170 -33.58 -27.57 10.15
N LEU B 171 -33.54 -27.30 11.45
CA LEU B 171 -33.01 -26.05 11.99
C LEU B 171 -31.74 -26.31 12.79
N ALA B 172 -30.78 -25.40 12.66
CA ALA B 172 -29.57 -25.41 13.47
C ALA B 172 -29.71 -24.29 14.51
N ILE B 173 -29.96 -24.68 15.75
CA ILE B 173 -30.26 -23.72 16.81
C ILE B 173 -28.95 -23.30 17.48
N THR B 174 -28.74 -21.99 17.61
CA THR B 174 -27.55 -21.49 18.26
C THR B 174 -27.61 -21.79 19.76
N PRO B 175 -26.44 -21.96 20.41
CA PRO B 175 -26.45 -22.42 21.81
C PRO B 175 -27.00 -21.41 22.81
N ASP B 176 -27.32 -20.19 22.39
CA ASP B 176 -27.92 -19.20 23.28
C ASP B 176 -29.44 -19.24 23.25
N ARG B 177 -30.04 -20.06 22.40
CA ARG B 177 -31.49 -20.11 22.29
C ARG B 177 -32.01 -21.53 22.50
N GLY B 178 -31.68 -22.13 23.65
CA GLY B 178 -32.15 -23.46 23.95
C GLY B 178 -33.66 -23.56 24.00
N TYR B 179 -34.34 -22.47 24.33
CA TYR B 179 -35.80 -22.46 24.36
C TYR B 179 -36.41 -22.78 23.01
N CYS B 180 -35.66 -22.58 21.91
CA CYS B 180 -36.13 -22.89 20.57
C CYS B 180 -35.94 -24.37 20.20
N MET B 181 -35.51 -25.20 21.15
CA MET B 181 -35.37 -26.63 20.91
C MET B 181 -36.70 -27.34 21.08
N SER B 182 -37.80 -26.67 20.72
CA SER B 182 -39.13 -27.24 20.89
C SER B 182 -40.10 -26.47 20.00
N VAL B 183 -41.30 -27.04 19.85
CA VAL B 183 -42.35 -26.34 19.12
C VAL B 183 -42.80 -25.10 19.90
N ARG B 184 -42.71 -25.15 21.23
CA ARG B 184 -43.11 -24.01 22.05
C ARG B 184 -42.29 -22.77 21.72
N GLY B 185 -40.95 -22.89 21.77
CA GLY B 185 -40.10 -21.74 21.53
C GLY B 185 -40.16 -21.25 20.10
N LEU B 186 -40.20 -22.17 19.13
CA LEU B 186 -40.25 -21.76 17.73
C LEU B 186 -41.58 -21.11 17.40
N ALA B 187 -42.68 -21.62 17.95
CA ALA B 187 -43.98 -20.98 17.74
C ALA B 187 -43.98 -19.58 18.35
N ARG B 188 -43.36 -19.43 19.52
CA ARG B 188 -43.29 -18.10 20.14
C ARG B 188 -42.49 -17.13 19.27
N GLU B 189 -41.40 -17.61 18.67
CA GLU B 189 -40.60 -16.75 17.79
C GLU B 189 -41.41 -16.30 16.59
N LEU B 190 -42.20 -17.21 15.99
CA LEU B 190 -43.02 -16.83 14.85
C LEU B 190 -44.14 -15.87 15.26
N ALA B 191 -44.64 -16.00 16.49
CA ALA B 191 -45.64 -15.04 16.97
C ALA B 191 -45.03 -13.66 17.15
N CYS B 192 -43.75 -13.59 17.53
CA CYS B 192 -43.07 -12.30 17.62
C CYS B 192 -42.83 -11.70 16.24
N ALA B 193 -42.35 -12.52 15.29
CA ALA B 193 -42.01 -12.01 13.98
C ALA B 193 -43.24 -11.56 13.20
N TYR B 194 -44.39 -12.19 13.43
CA TYR B 194 -45.61 -11.86 12.71
C TYR B 194 -46.58 -11.04 13.55
N ASP B 195 -46.16 -10.56 14.72
CA ASP B 195 -46.98 -9.70 15.58
C ASP B 195 -48.32 -10.35 15.91
N LEU B 196 -48.28 -11.64 16.25
CA LEU B 196 -49.48 -12.40 16.55
C LEU B 196 -49.65 -12.58 18.05
N ASP B 197 -50.86 -12.95 18.46
N ASP B 197 -50.87 -12.92 18.45
CA ASP B 197 -51.12 -13.32 19.83
CA ASP B 197 -51.13 -13.33 19.83
C ASP B 197 -50.71 -14.78 20.04
C ASP B 197 -50.66 -14.77 20.01
N PHE B 198 -49.90 -15.01 21.07
CA PHE B 198 -49.34 -16.33 21.34
C PHE B 198 -50.01 -16.95 22.56
N VAL B 199 -50.51 -18.17 22.41
CA VAL B 199 -51.05 -18.95 23.51
C VAL B 199 -50.00 -20.00 23.87
N ASP B 200 -49.39 -19.84 25.03
CA ASP B 200 -48.30 -20.71 25.45
C ASP B 200 -48.80 -22.13 25.63
N PRO B 201 -48.28 -23.11 24.88
CA PRO B 201 -48.72 -24.50 25.06
C PRO B 201 -48.39 -25.08 26.43
N ALA B 202 -47.57 -24.40 27.23
CA ALA B 202 -47.24 -24.84 28.57
C ALA B 202 -48.02 -24.10 29.65
N SER B 203 -48.93 -23.21 29.28
CA SER B 203 -49.69 -22.45 30.26
C SER B 203 -50.74 -23.35 30.91
N ASN B 204 -51.31 -22.83 32.00
CA ASN B 204 -52.31 -23.61 32.73
C ASN B 204 -53.62 -23.72 31.96
N SER B 205 -53.92 -22.75 31.09
CA SER B 205 -55.12 -22.87 30.27
C SER B 205 -55.00 -24.01 29.27
N ARG B 206 -53.80 -24.28 28.77
CA ARG B 206 -53.58 -25.36 27.81
C ARG B 206 -53.23 -26.67 28.49
N VAL B 207 -52.58 -26.63 29.64
CA VAL B 207 -52.31 -27.82 30.44
C VAL B 207 -52.84 -27.57 31.85
N PRO B 208 -54.13 -27.78 32.09
CA PRO B 208 -54.71 -27.52 33.42
C PRO B 208 -54.04 -28.38 34.48
N PRO B 209 -53.81 -27.82 35.66
CA PRO B 209 -53.08 -28.58 36.70
C PRO B 209 -53.87 -29.79 37.17
N LEU B 210 -53.15 -30.89 37.36
CA LEU B 210 -53.72 -32.11 37.92
C LEU B 210 -53.77 -32.02 39.44
N PRO B 211 -54.63 -32.82 40.07
CA PRO B 211 -54.79 -32.72 41.54
C PRO B 211 -53.48 -32.98 42.28
N ILE B 212 -53.36 -32.35 43.44
CA ILE B 212 -52.22 -32.51 44.34
C ILE B 212 -52.78 -32.88 45.70
N GLU B 213 -52.80 -34.18 46.01
CA GLU B 213 -53.36 -34.67 47.26
C GLU B 213 -52.32 -35.26 48.20
N GLY B 214 -51.04 -35.27 47.80
CA GLY B 214 -50.00 -35.81 48.63
C GLY B 214 -48.75 -36.17 47.85
N PRO B 215 -47.71 -36.60 48.55
CA PRO B 215 -46.45 -36.94 47.85
C PRO B 215 -46.60 -38.18 46.99
N ALA B 216 -45.92 -38.18 45.86
CA ALA B 216 -45.96 -39.30 44.92
C ALA B 216 -44.91 -40.35 45.20
N TRP B 217 -43.77 -39.96 45.77
CA TRP B 217 -42.70 -40.89 46.10
C TRP B 217 -41.70 -40.23 47.03
N PRO B 218 -41.15 -40.95 48.01
CA PRO B 218 -40.14 -40.34 48.89
C PRO B 218 -38.90 -39.96 48.10
N LEU B 219 -38.33 -38.80 48.43
CA LEU B 219 -37.26 -38.22 47.64
C LEU B 219 -36.30 -37.46 48.54
N THR B 220 -35.01 -37.73 48.40
CA THR B 220 -33.96 -36.98 49.05
C THR B 220 -33.07 -36.36 47.99
N VAL B 221 -32.87 -35.05 48.06
CA VAL B 221 -32.13 -34.31 47.03
C VAL B 221 -31.01 -33.53 47.72
N GLN B 222 -29.78 -33.76 47.28
CA GLN B 222 -28.64 -32.99 47.75
C GLN B 222 -28.53 -31.72 46.93
N PRO B 223 -28.77 -30.54 47.53
CA PRO B 223 -28.80 -29.30 46.74
C PRO B 223 -27.46 -28.92 46.14
N GLU B 224 -26.35 -29.55 46.56
CA GLU B 224 -25.06 -29.25 45.96
C GLU B 224 -24.96 -29.74 44.53
N THR B 225 -25.80 -30.69 44.12
CA THR B 225 -25.78 -31.22 42.77
C THR B 225 -26.27 -30.24 41.72
N GLY B 226 -26.70 -29.04 42.12
CA GLY B 226 -27.16 -28.03 41.19
C GLY B 226 -28.54 -28.23 40.62
N VAL B 227 -29.26 -29.28 41.04
N VAL B 227 -29.26 -29.28 41.03
CA VAL B 227 -30.61 -29.51 40.56
CA VAL B 227 -30.60 -29.51 40.53
C VAL B 227 -31.52 -28.39 41.04
C VAL B 227 -31.52 -28.41 41.03
N ARG B 228 -32.29 -27.83 40.11
CA ARG B 228 -33.19 -26.73 40.46
C ARG B 228 -34.61 -27.19 40.75
N ARG B 229 -35.03 -28.33 40.21
CA ARG B 229 -36.39 -28.82 40.41
C ARG B 229 -36.43 -30.32 40.12
N PHE B 230 -37.26 -31.03 40.88
CA PHE B 230 -37.42 -32.47 40.70
C PHE B 230 -38.87 -32.83 41.03
N ALA B 231 -39.64 -33.14 40.01
CA ALA B 231 -41.07 -33.41 40.16
C ALA B 231 -41.39 -34.83 39.71
N LEU B 232 -42.33 -35.47 40.40
CA LEU B 232 -42.72 -36.84 40.13
C LEU B 232 -44.23 -36.99 40.26
N ARG B 233 -44.85 -37.69 39.31
CA ARG B 233 -46.28 -37.96 39.35
C ARG B 233 -46.52 -39.34 38.74
N PRO B 234 -47.30 -40.19 39.39
CA PRO B 234 -47.51 -41.55 38.89
C PRO B 234 -48.72 -41.70 37.98
N VAL B 235 -48.63 -42.70 37.10
CA VAL B 235 -49.75 -43.14 36.27
C VAL B 235 -49.88 -44.65 36.44
N ILE B 236 -51.00 -45.09 36.99
CA ILE B 236 -51.19 -46.48 37.37
C ILE B 236 -52.16 -47.16 36.42
N GLY B 237 -51.94 -48.45 36.22
CA GLY B 237 -52.87 -49.28 35.46
C GLY B 237 -52.88 -49.05 33.97
N ILE B 238 -51.73 -48.77 33.36
CA ILE B 238 -51.70 -48.61 31.92
C ILE B 238 -51.79 -49.99 31.26
N ASP B 239 -52.29 -50.01 30.03
CA ASP B 239 -52.46 -51.25 29.28
C ASP B 239 -51.15 -51.62 28.58
N PRO B 240 -50.53 -52.75 28.90
CA PRO B 240 -49.28 -53.13 28.21
C PRO B 240 -49.45 -53.37 26.73
N ALA B 241 -50.69 -53.58 26.26
CA ALA B 241 -50.93 -53.85 24.85
C ALA B 241 -51.23 -52.60 24.03
N ALA B 242 -51.45 -51.46 24.68
CA ALA B 242 -51.81 -50.24 23.96
C ALA B 242 -50.61 -49.72 23.16
N VAL B 243 -50.90 -49.16 21.99
CA VAL B 243 -49.89 -48.54 21.15
C VAL B 243 -50.25 -47.07 20.99
N SER B 244 -49.23 -46.27 20.69
CA SER B 244 -49.46 -44.85 20.49
C SER B 244 -50.27 -44.63 19.22
N PRO B 245 -51.21 -43.68 19.22
CA PRO B 245 -51.99 -43.41 18.00
C PRO B 245 -51.08 -42.88 16.89
N TRP B 246 -51.60 -42.94 15.66
CA TRP B 246 -50.78 -42.63 14.50
C TRP B 246 -50.36 -41.17 14.47
N TRP B 247 -51.25 -40.26 14.92
CA TRP B 247 -50.89 -38.85 14.92
C TRP B 247 -49.70 -38.58 15.83
N LEU B 248 -49.54 -39.37 16.90
CA LEU B 248 -48.41 -39.19 17.79
C LEU B 248 -47.17 -39.88 17.27
N GLN B 249 -47.31 -41.07 16.69
CA GLN B 249 -46.15 -41.76 16.12
C GLN B 249 -45.61 -41.01 14.91
N ARG B 250 -46.49 -40.35 14.14
CA ARG B 250 -46.04 -39.65 12.94
C ARG B 250 -45.26 -38.39 13.29
N ARG B 251 -45.73 -37.62 14.27
CA ARG B 251 -45.01 -36.40 14.66
C ARG B 251 -43.66 -36.73 15.27
N LEU B 252 -43.57 -37.83 16.01
CA LEU B 252 -42.26 -38.31 16.48
C LEU B 252 -41.38 -38.70 15.30
N LEU B 253 -41.95 -39.37 14.31
CA LEU B 253 -41.18 -39.80 13.15
C LEU B 253 -40.62 -38.60 12.38
N LEU B 254 -41.50 -37.63 12.08
CA LEU B 254 -41.05 -36.45 11.34
C LEU B 254 -40.07 -35.61 12.14
N CYS B 255 -40.01 -35.77 13.45
CA CYS B 255 -39.01 -35.12 14.29
C CYS B 255 -37.75 -35.95 14.48
N GLY B 256 -37.71 -37.16 13.92
CA GLY B 256 -36.52 -37.99 14.01
C GLY B 256 -36.44 -38.87 15.23
N ILE B 257 -37.59 -39.28 15.79
CA ILE B 257 -37.63 -40.13 16.97
C ILE B 257 -38.50 -41.34 16.65
N ARG B 258 -37.97 -42.54 16.93
CA ARG B 258 -38.72 -43.76 16.68
C ARG B 258 -39.69 -44.04 17.81
N ALA B 259 -40.91 -44.42 17.44
CA ALA B 259 -41.92 -44.80 18.42
C ALA B 259 -41.61 -46.19 18.98
N THR B 260 -41.82 -46.35 20.29
CA THR B 260 -41.58 -47.63 20.93
C THR B 260 -42.83 -48.09 21.67
N CYS B 261 -43.16 -47.42 22.76
CA CYS B 261 -44.34 -47.72 23.57
C CYS B 261 -44.94 -46.40 24.03
N PRO B 262 -46.23 -46.39 24.38
CA PRO B 262 -46.86 -45.12 24.81
C PRO B 262 -46.12 -44.38 25.90
N ALA B 263 -45.64 -45.08 26.94
CA ALA B 263 -44.99 -44.40 28.06
C ALA B 263 -43.77 -43.60 27.60
N VAL B 264 -42.96 -44.18 26.70
CA VAL B 264 -41.78 -43.46 26.22
C VAL B 264 -42.17 -42.48 25.12
N ASP B 265 -43.13 -42.85 24.28
CA ASP B 265 -43.55 -41.95 23.20
C ASP B 265 -44.09 -40.63 23.74
N VAL B 266 -44.84 -40.69 24.85
CA VAL B 266 -45.42 -39.46 25.39
C VAL B 266 -44.33 -38.58 25.98
N THR B 267 -43.33 -39.17 26.64
CA THR B 267 -42.24 -38.37 27.20
C THR B 267 -41.45 -37.68 26.09
N ASN B 268 -41.21 -38.38 24.98
CA ASN B 268 -40.51 -37.75 23.86
C ASN B 268 -41.38 -36.70 23.19
N TYR B 269 -42.68 -36.97 23.04
CA TYR B 269 -43.58 -36.02 22.40
C TYR B 269 -43.66 -34.72 23.19
N VAL B 270 -43.83 -34.83 24.51
CA VAL B 270 -43.94 -33.65 25.35
C VAL B 270 -42.63 -32.86 25.34
N MET B 271 -41.50 -33.56 25.31
CA MET B 271 -40.21 -32.88 25.23
C MET B 271 -40.10 -32.07 23.94
N LEU B 272 -40.55 -32.64 22.82
CA LEU B 272 -40.53 -31.90 21.57
C LEU B 272 -41.50 -30.73 21.61
N GLU B 273 -42.63 -30.90 22.30
CA GLU B 273 -43.67 -29.86 22.29
C GLU B 273 -43.29 -28.69 23.17
N LEU B 274 -42.81 -28.96 24.39
CA LEU B 274 -42.57 -27.93 25.37
C LEU B 274 -41.10 -27.65 25.66
N GLY B 275 -40.19 -28.54 25.28
CA GLY B 275 -38.79 -28.35 25.53
C GLY B 275 -38.28 -28.87 26.85
N HIS B 276 -39.14 -29.51 27.64
CA HIS B 276 -38.76 -30.03 28.94
C HIS B 276 -38.56 -31.54 28.81
N PRO B 277 -37.32 -32.04 28.87
CA PRO B 277 -37.12 -33.49 28.78
C PRO B 277 -37.84 -34.23 29.90
N MET B 278 -38.51 -35.32 29.52
CA MET B 278 -39.27 -36.14 30.45
C MET B 278 -38.76 -37.57 30.39
N HIS B 279 -38.95 -38.30 31.49
CA HIS B 279 -38.54 -39.70 31.54
C HIS B 279 -39.56 -40.48 32.35
N ALA B 280 -39.81 -41.72 31.92
CA ALA B 280 -40.78 -42.60 32.55
C ALA B 280 -40.07 -43.78 33.20
N HIS B 281 -40.33 -43.99 34.49
CA HIS B 281 -39.80 -45.13 35.22
C HIS B 281 -40.91 -46.15 35.44
N ASP B 282 -40.53 -47.42 35.49
CA ASP B 282 -41.41 -48.47 36.00
C ASP B 282 -41.40 -48.38 37.52
N ARG B 283 -42.51 -47.91 38.09
CA ARG B 283 -42.55 -47.68 39.54
C ARG B 283 -42.41 -48.98 40.32
N ASN B 284 -42.88 -50.09 39.76
CA ASN B 284 -42.76 -51.39 40.43
C ASN B 284 -41.32 -51.87 40.52
N ARG B 285 -40.40 -51.27 39.76
CA ARG B 285 -38.99 -51.63 39.81
C ARG B 285 -38.16 -50.63 40.59
N ILE B 286 -38.80 -49.73 41.34
CA ILE B 286 -38.12 -48.80 42.23
C ILE B 286 -38.10 -49.40 43.63
N SER B 287 -36.94 -49.41 44.26
CA SER B 287 -36.76 -50.01 45.58
C SER B 287 -36.42 -48.91 46.57
N GLY B 288 -37.44 -48.41 47.26
CA GLY B 288 -37.23 -47.46 48.34
C GLY B 288 -37.19 -46.00 47.92
N THR B 289 -36.47 -45.20 48.70
CA THR B 289 -36.43 -43.75 48.48
C THR B 289 -35.54 -43.42 47.29
N LEU B 290 -36.01 -42.53 46.43
CA LEU B 290 -35.20 -42.04 45.32
C LEU B 290 -34.28 -40.94 45.82
N GLY B 291 -32.99 -41.06 45.49
CA GLY B 291 -32.01 -40.10 45.95
C GLY B 291 -31.25 -39.42 44.83
N VAL B 292 -31.13 -38.09 44.92
CA VAL B 292 -30.36 -37.30 43.96
C VAL B 292 -29.09 -36.85 44.66
N ARG B 293 -27.95 -37.36 44.20
CA ARG B 293 -26.68 -37.09 44.84
C ARG B 293 -25.57 -37.20 43.81
N PHE B 294 -24.41 -36.64 44.16
CA PHE B 294 -23.22 -36.84 43.35
C PHE B 294 -22.78 -38.29 43.40
N ALA B 295 -22.27 -38.79 42.28
CA ALA B 295 -21.69 -40.12 42.26
C ALA B 295 -20.42 -40.15 43.10
N ARG B 296 -20.16 -41.30 43.71
CA ARG B 296 -18.95 -41.46 44.51
C ARG B 296 -17.80 -41.91 43.60
N SER B 297 -16.59 -41.86 44.17
CA SER B 297 -15.40 -42.23 43.42
C SER B 297 -15.46 -43.69 43.00
N GLY B 298 -15.30 -43.94 41.70
CA GLY B 298 -15.33 -45.29 41.18
C GLY B 298 -16.70 -45.91 41.06
N GLU B 299 -17.77 -45.14 41.25
CA GLU B 299 -19.11 -45.66 41.09
C GLU B 299 -19.45 -45.83 39.62
N THR B 300 -20.27 -46.83 39.31
CA THR B 300 -20.67 -47.13 37.95
C THR B 300 -22.18 -47.34 37.89
N ALA B 301 -22.69 -47.44 36.67
CA ALA B 301 -24.12 -47.67 36.44
C ALA B 301 -24.31 -48.12 34.99
N VAL B 302 -25.33 -48.95 34.79
CA VAL B 302 -25.71 -49.44 33.47
C VAL B 302 -26.91 -48.61 33.00
N THR B 303 -26.79 -48.00 31.83
CA THR B 303 -27.78 -47.06 31.35
C THR B 303 -28.90 -47.77 30.60
N LEU B 304 -29.78 -46.99 29.97
CA LEU B 304 -30.93 -47.51 29.25
C LEU B 304 -30.51 -48.54 28.20
N ASP B 305 -29.41 -48.28 27.51
CA ASP B 305 -28.94 -49.12 26.41
C ASP B 305 -28.11 -50.31 26.88
N GLY B 306 -28.16 -50.65 28.16
CA GLY B 306 -27.43 -51.80 28.66
C GLY B 306 -25.93 -51.68 28.56
N ILE B 307 -25.40 -50.47 28.74
CA ILE B 307 -23.96 -50.22 28.67
C ILE B 307 -23.51 -49.62 30.00
N GLU B 308 -22.46 -50.18 30.57
CA GLU B 308 -21.95 -49.70 31.85
C GLU B 308 -21.09 -48.46 31.65
N ARG B 309 -21.22 -47.50 32.55
CA ARG B 309 -20.54 -46.22 32.47
C ARG B 309 -19.71 -46.00 33.73
N LYS B 310 -18.48 -45.51 33.55
CA LYS B 310 -17.64 -45.11 34.67
C LYS B 310 -17.99 -43.68 35.03
N LEU B 311 -18.42 -43.46 36.27
CA LEU B 311 -18.94 -42.18 36.71
C LEU B 311 -17.87 -41.37 37.44
N ASP B 312 -18.07 -40.06 37.46
CA ASP B 312 -17.19 -39.12 38.13
C ASP B 312 -17.92 -38.55 39.35
N THR B 313 -17.12 -38.02 40.29
CA THR B 313 -17.71 -37.38 41.46
C THR B 313 -18.46 -36.10 41.12
N ALA B 314 -18.32 -35.59 39.89
CA ALA B 314 -19.07 -34.44 39.43
C ALA B 314 -20.35 -34.82 38.70
N ASP B 315 -20.63 -36.12 38.55
CA ASP B 315 -21.85 -36.56 37.90
C ASP B 315 -22.99 -36.61 38.91
N VAL B 316 -24.16 -36.16 38.49
CA VAL B 316 -25.37 -36.18 39.30
C VAL B 316 -26.16 -37.43 38.97
N LEU B 317 -26.57 -38.17 39.99
CA LEU B 317 -27.21 -39.46 39.82
C LEU B 317 -28.58 -39.49 40.48
N ILE B 318 -29.45 -40.35 39.95
CA ILE B 318 -30.69 -40.75 40.60
C ILE B 318 -30.53 -42.21 41.00
N VAL B 319 -30.61 -42.49 42.29
CA VAL B 319 -30.46 -43.84 42.82
C VAL B 319 -31.60 -44.12 43.78
N ASP B 320 -31.78 -45.40 44.10
CA ASP B 320 -32.68 -45.82 45.16
C ASP B 320 -31.92 -46.67 46.17
N ASP B 321 -32.61 -47.60 46.82
CA ASP B 321 -31.94 -48.47 47.79
C ASP B 321 -31.29 -49.69 47.13
N ALA B 322 -31.59 -49.97 45.87
CA ALA B 322 -31.08 -51.15 45.19
C ALA B 322 -29.97 -50.85 44.19
N ALA B 323 -30.19 -49.91 43.28
CA ALA B 323 -29.22 -49.60 42.23
C ALA B 323 -29.38 -48.14 41.81
N THR B 324 -28.73 -47.78 40.71
CA THR B 324 -28.83 -46.45 40.15
C THR B 324 -29.96 -46.42 39.13
N ALA B 325 -30.81 -45.39 39.21
CA ALA B 325 -31.98 -45.31 38.35
C ALA B 325 -31.75 -44.51 37.09
N ALA B 326 -30.83 -43.54 37.11
CA ALA B 326 -30.61 -42.68 35.96
C ALA B 326 -29.32 -41.89 36.15
N ILE B 327 -28.70 -41.54 35.02
CA ILE B 327 -27.65 -40.53 35.00
C ILE B 327 -28.34 -39.18 34.78
N GLY B 328 -28.36 -38.35 35.82
CA GLY B 328 -29.14 -37.12 35.84
C GLY B 328 -29.02 -36.25 34.61
N GLY B 329 -30.09 -36.18 33.82
CA GLY B 329 -30.14 -35.33 32.66
C GLY B 329 -29.47 -35.86 31.42
N VAL B 330 -29.00 -37.11 31.44
CA VAL B 330 -28.34 -37.69 30.28
C VAL B 330 -29.18 -38.86 29.78
N MET B 331 -29.33 -39.91 30.59
CA MET B 331 -30.08 -41.07 30.20
C MET B 331 -30.41 -41.89 31.43
N GLY B 332 -31.60 -42.49 31.44
CA GLY B 332 -31.99 -43.35 32.54
C GLY B 332 -31.30 -44.70 32.50
N ALA B 333 -31.38 -45.41 33.62
CA ALA B 333 -30.76 -46.72 33.73
C ALA B 333 -31.76 -47.80 33.33
N ALA B 334 -31.22 -48.98 33.01
CA ALA B 334 -32.07 -50.11 32.63
C ALA B 334 -32.82 -50.70 33.82
N SER B 335 -32.40 -50.37 35.05
CA SER B 335 -33.03 -50.96 36.23
C SER B 335 -34.50 -50.55 36.33
N THR B 336 -34.76 -49.25 36.32
CA THR B 336 -36.12 -48.71 36.38
C THR B 336 -36.69 -48.41 34.99
N GLU B 337 -36.08 -48.97 33.94
CA GLU B 337 -36.53 -48.71 32.58
C GLU B 337 -37.93 -49.29 32.36
N VAL B 338 -38.73 -48.57 31.57
CA VAL B 338 -40.05 -49.06 31.19
C VAL B 338 -39.89 -50.24 30.25
N ARG B 339 -40.62 -51.32 30.52
CA ARG B 339 -40.58 -52.54 29.72
C ARG B 339 -41.96 -52.82 29.16
N ALA B 340 -42.06 -53.91 28.39
CA ALA B 340 -43.33 -54.25 27.74
C ALA B 340 -44.42 -54.58 28.75
N ASP B 341 -44.04 -55.17 29.88
CA ASP B 341 -44.99 -55.58 30.91
C ASP B 341 -45.24 -54.50 31.96
N SER B 342 -44.76 -53.28 31.73
CA SER B 342 -44.93 -52.22 32.70
C SER B 342 -46.40 -51.79 32.77
N THR B 343 -46.93 -51.69 33.99
CA THR B 343 -48.31 -51.27 34.21
C THR B 343 -48.45 -50.04 35.08
N ASP B 344 -47.43 -49.68 35.86
CA ASP B 344 -47.48 -48.51 36.73
C ASP B 344 -46.23 -47.68 36.50
N VAL B 345 -46.41 -46.44 36.06
CA VAL B 345 -45.31 -45.58 35.63
C VAL B 345 -45.20 -44.39 36.55
N LEU B 346 -43.97 -44.04 36.93
CA LEU B 346 -43.66 -42.84 37.70
C LEU B 346 -42.86 -41.90 36.80
N LEU B 347 -43.45 -40.77 36.46
CA LEU B 347 -42.86 -39.85 35.49
C LEU B 347 -41.92 -38.86 36.19
N GLU B 348 -40.77 -38.63 35.57
CA GLU B 348 -39.71 -37.79 36.11
C GLU B 348 -39.64 -36.49 35.33
N ALA B 349 -39.83 -35.37 36.02
CA ALA B 349 -39.70 -34.04 35.43
C ALA B 349 -38.69 -33.26 36.29
N ALA B 350 -37.46 -33.15 35.81
CA ALA B 350 -36.38 -32.57 36.58
C ALA B 350 -35.62 -31.53 35.77
N ILE B 351 -35.01 -30.60 36.48
CA ILE B 351 -34.19 -29.53 35.89
C ILE B 351 -32.78 -29.69 36.46
N TRP B 352 -31.83 -30.05 35.60
CA TRP B 352 -30.47 -30.30 36.03
C TRP B 352 -29.58 -29.10 35.76
N ASP B 353 -28.40 -29.12 36.36
CA ASP B 353 -27.43 -28.04 36.15
C ASP B 353 -26.86 -28.15 34.74
N PRO B 354 -26.92 -27.09 33.94
CA PRO B 354 -26.46 -27.20 32.54
C PRO B 354 -25.00 -27.56 32.41
N ALA B 355 -24.13 -26.97 33.24
CA ALA B 355 -22.71 -27.27 33.16
C ALA B 355 -22.42 -28.70 33.60
N ALA B 356 -23.13 -29.19 34.63
CA ALA B 356 -22.91 -30.55 35.10
C ALA B 356 -23.29 -31.58 34.05
N VAL B 357 -24.42 -31.34 33.35
CA VAL B 357 -24.83 -32.26 32.30
C VAL B 357 -23.87 -32.20 31.13
N SER B 358 -23.37 -31.01 30.80
CA SER B 358 -22.45 -30.85 29.67
C SER B 358 -21.16 -31.64 29.91
N ARG B 359 -20.58 -31.51 31.10
CA ARG B 359 -19.36 -32.24 31.41
C ARG B 359 -19.59 -33.75 31.37
N THR B 360 -20.74 -34.19 31.87
CA THR B 360 -20.99 -35.63 31.97
C THR B 360 -21.29 -36.25 30.60
N GLN B 361 -22.14 -35.59 29.81
CA GLN B 361 -22.49 -36.15 28.50
C GLN B 361 -21.31 -36.11 27.54
N ARG B 362 -20.41 -35.13 27.69
CA ARG B 362 -19.25 -35.05 26.83
C ARG B 362 -18.18 -36.06 27.25
N ARG B 363 -17.99 -36.25 28.56
N ARG B 363 -18.00 -36.28 28.56
CA ARG B 363 -17.04 -37.25 29.03
CA ARG B 363 -17.02 -37.25 29.03
C ARG B 363 -17.48 -38.66 28.68
C ARG B 363 -17.49 -38.69 28.85
N LEU B 364 -18.80 -38.91 28.67
CA LEU B 364 -19.34 -40.23 28.39
C LEU B 364 -19.79 -40.40 26.95
N HIS B 365 -19.71 -39.34 26.14
CA HIS B 365 -20.07 -39.38 24.72
C HIS B 365 -21.54 -39.80 24.54
N LEU B 366 -22.43 -39.05 25.19
CA LEU B 366 -23.87 -39.31 25.16
C LEU B 366 -24.62 -38.02 24.87
N PRO B 367 -24.66 -37.59 23.59
CA PRO B 367 -25.42 -36.39 23.22
C PRO B 367 -26.89 -36.69 22.98
N SER B 368 -27.59 -37.12 24.03
CA SER B 368 -28.98 -37.50 23.91
C SER B 368 -29.86 -36.27 23.72
N GLU B 369 -31.12 -36.52 23.34
CA GLU B 369 -32.08 -35.44 23.16
C GLU B 369 -32.27 -34.65 24.45
N ALA B 370 -32.23 -35.33 25.60
CA ALA B 370 -32.40 -34.66 26.88
C ALA B 370 -31.16 -33.85 27.25
N ALA B 371 -29.97 -34.42 27.06
CA ALA B 371 -28.75 -33.78 27.52
C ALA B 371 -28.49 -32.48 26.76
N ARG B 372 -28.61 -32.52 25.44
CA ARG B 372 -28.34 -31.33 24.64
C ARG B 372 -29.39 -30.24 24.85
N ARG B 373 -30.49 -30.55 25.53
CA ARG B 373 -31.43 -29.52 25.97
C ARG B 373 -31.10 -29.01 27.37
N TYR B 374 -30.73 -29.90 28.28
CA TYR B 374 -30.39 -29.48 29.63
C TYR B 374 -29.13 -28.61 29.64
N GLU B 375 -28.15 -28.95 28.81
CA GLU B 375 -26.92 -28.15 28.76
C GLU B 375 -27.14 -26.79 28.14
N ARG B 376 -28.26 -26.56 27.46
CA ARG B 376 -28.65 -25.25 26.96
C ARG B 376 -29.71 -24.59 27.82
N THR B 377 -29.86 -25.04 29.08
CA THR B 377 -30.81 -24.54 30.06
C THR B 377 -32.26 -24.82 29.65
N VAL B 378 -32.99 -25.54 30.51
CA VAL B 378 -34.40 -25.84 30.31
C VAL B 378 -35.20 -25.00 31.28
N ASP B 379 -36.33 -24.44 30.81
CA ASP B 379 -37.20 -23.57 31.59
C ASP B 379 -37.68 -24.28 32.85
N PRO B 380 -37.21 -23.86 34.03
CA PRO B 380 -37.59 -24.56 35.27
C PRO B 380 -39.03 -24.33 35.69
N ALA B 381 -39.73 -23.36 35.10
CA ALA B 381 -41.07 -23.03 35.54
C ALA B 381 -42.14 -23.96 34.99
N ILE B 382 -41.82 -24.74 33.96
CA ILE B 382 -42.82 -25.56 33.28
C ILE B 382 -42.70 -27.04 33.65
N SER B 383 -41.97 -27.36 34.73
CA SER B 383 -41.73 -28.76 35.08
C SER B 383 -43.04 -29.49 35.36
N VAL B 384 -43.84 -28.97 36.31
CA VAL B 384 -45.10 -29.63 36.65
C VAL B 384 -46.07 -29.57 35.48
N ALA B 385 -46.03 -28.49 34.69
CA ALA B 385 -46.87 -28.43 33.50
C ALA B 385 -46.52 -29.53 32.52
N ALA B 386 -45.22 -29.69 32.21
CA ALA B 386 -44.79 -30.78 31.36
C ALA B 386 -45.08 -32.12 32.00
N LEU B 387 -45.00 -32.20 33.32
CA LEU B 387 -45.31 -33.44 34.03
C LEU B 387 -46.80 -33.78 33.88
N ASP B 388 -47.68 -32.80 34.11
CA ASP B 388 -49.11 -33.05 33.98
C ASP B 388 -49.51 -33.32 32.53
N ARG B 389 -48.82 -32.70 31.58
CA ARG B 389 -49.08 -33.00 30.17
C ARG B 389 -48.78 -34.46 29.86
N CYS B 390 -47.70 -35.00 30.41
N CYS B 390 -47.72 -35.01 30.45
CA CYS B 390 -47.36 -36.40 30.17
CA CYS B 390 -47.35 -36.39 30.18
C CYS B 390 -48.38 -37.33 30.83
C CYS B 390 -48.28 -37.38 30.86
N ALA B 391 -48.69 -37.08 32.10
CA ALA B 391 -49.57 -37.98 32.84
C ALA B 391 -50.96 -38.05 32.21
N ARG B 392 -51.51 -36.89 31.82
CA ARG B 392 -52.82 -36.87 31.20
C ARG B 392 -52.82 -37.57 29.85
N LEU B 393 -51.77 -37.34 29.05
CA LEU B 393 -51.72 -37.94 27.72
C LEU B 393 -51.47 -39.44 27.80
N LEU B 394 -50.60 -39.88 28.70
CA LEU B 394 -50.30 -41.30 28.83
C LEU B 394 -51.51 -42.07 29.33
N ALA B 395 -52.20 -41.55 30.34
CA ALA B 395 -53.38 -42.24 30.86
C ALA B 395 -54.47 -42.34 29.80
N ASP B 396 -54.59 -41.34 28.94
CA ASP B 396 -55.62 -41.36 27.90
C ASP B 396 -55.28 -42.40 26.82
N ILE B 397 -54.01 -42.47 26.42
CA ILE B 397 -53.62 -43.35 25.32
C ILE B 397 -53.56 -44.80 25.77
N ALA B 398 -52.88 -45.06 26.89
CA ALA B 398 -52.64 -46.42 27.38
C ALA B 398 -53.70 -46.89 28.36
N GLY B 399 -54.83 -46.20 28.46
CA GLY B 399 -55.93 -46.64 29.31
C GLY B 399 -55.59 -46.64 30.78
N GLY B 400 -54.66 -45.79 31.20
CA GLY B 400 -54.26 -45.72 32.60
C GLY B 400 -55.10 -44.75 33.39
N GLU B 401 -54.61 -44.44 34.59
CA GLU B 401 -55.31 -43.54 35.51
C GLU B 401 -54.28 -42.68 36.23
N VAL B 402 -54.48 -41.38 36.23
CA VAL B 402 -53.54 -40.45 36.83
C VAL B 402 -53.75 -40.43 38.35
N SER B 403 -52.68 -40.69 39.09
N SER B 403 -52.68 -40.69 39.09
CA SER B 403 -52.75 -40.60 40.55
CA SER B 403 -52.77 -40.61 40.54
C SER B 403 -52.71 -39.13 40.98
C SER B 403 -52.72 -39.14 40.98
N PRO B 404 -53.55 -38.74 41.95
CA PRO B 404 -53.58 -37.33 42.37
C PRO B 404 -52.43 -36.94 43.28
N THR B 405 -51.37 -37.75 43.32
CA THR B 405 -50.20 -37.46 44.14
C THR B 405 -49.12 -36.78 43.32
N LEU B 406 -48.31 -35.96 43.99
CA LEU B 406 -47.26 -35.21 43.32
C LEU B 406 -46.16 -34.86 44.31
N THR B 407 -44.92 -35.16 43.92
CA THR B 407 -43.73 -34.65 44.60
C THR B 407 -43.14 -33.57 43.72
N ASP B 408 -42.80 -32.42 44.33
CA ASP B 408 -42.29 -31.27 43.58
C ASP B 408 -41.24 -30.56 44.44
N TRP B 409 -40.01 -31.04 44.37
CA TRP B 409 -38.90 -30.40 45.07
C TRP B 409 -38.44 -29.18 44.30
N ARG B 410 -38.35 -28.04 44.99
CA ARG B 410 -38.00 -26.78 44.35
C ARG B 410 -36.89 -26.05 45.08
N GLY B 411 -36.08 -26.76 45.87
CA GLY B 411 -34.96 -26.16 46.56
C GLY B 411 -35.25 -25.89 48.02
N ASP B 412 -34.20 -25.53 48.74
N ASP B 412 -34.20 -25.51 48.74
CA ASP B 412 -34.30 -25.18 50.16
CA ASP B 412 -34.28 -25.17 50.16
C ASP B 412 -33.84 -23.75 50.38
C ASP B 412 -33.84 -23.74 50.37
N PRO B 413 -34.75 -22.80 50.62
CA PRO B 413 -36.20 -22.95 50.71
C PRO B 413 -36.84 -23.08 49.33
N PRO B 414 -38.07 -23.59 49.24
CA PRO B 414 -38.70 -23.78 47.93
C PRO B 414 -38.80 -22.49 47.15
N CYS B 415 -38.43 -22.55 45.87
CA CYS B 415 -38.50 -21.41 44.97
C CYS B 415 -39.86 -21.40 44.29
N ASP B 416 -40.63 -20.34 44.52
CA ASP B 416 -41.95 -20.18 43.93
C ASP B 416 -41.99 -19.09 42.86
N ASP B 417 -40.83 -18.60 42.44
CA ASP B 417 -40.76 -17.57 41.40
C ASP B 417 -39.42 -17.69 40.71
N TRP B 418 -39.42 -18.13 39.45
CA TRP B 418 -38.21 -18.40 38.69
C TRP B 418 -37.78 -17.21 37.84
N SER B 419 -38.12 -16.00 38.24
CA SER B 419 -37.81 -14.82 37.44
C SER B 419 -36.33 -14.49 37.56
N PRO B 420 -35.63 -14.29 36.44
CA PRO B 420 -34.25 -13.80 36.49
C PRO B 420 -34.17 -12.42 37.10
N PRO B 421 -32.98 -11.93 37.42
CA PRO B 421 -32.86 -10.56 37.96
C PRO B 421 -33.28 -9.54 36.93
N PRO B 422 -33.93 -8.46 37.34
CA PRO B 422 -34.31 -7.40 36.39
C PRO B 422 -33.09 -6.71 35.81
N ILE B 423 -33.28 -6.15 34.62
CA ILE B 423 -32.23 -5.43 33.89
C ILE B 423 -32.70 -4.00 33.66
N ARG B 424 -31.80 -3.05 33.92
CA ARG B 424 -32.07 -1.64 33.65
C ARG B 424 -31.40 -1.23 32.36
N MET B 425 -32.13 -0.52 31.51
CA MET B 425 -31.63 -0.10 30.21
C MET B 425 -32.37 1.15 29.76
N GLY B 426 -31.63 2.10 29.19
CA GLY B 426 -32.27 3.29 28.64
C GLY B 426 -33.18 2.93 27.48
N VAL B 427 -34.29 3.66 27.36
CA VAL B 427 -35.30 3.33 26.37
C VAL B 427 -34.76 3.44 24.95
N ASP B 428 -33.76 4.29 24.75
CA ASP B 428 -33.18 4.52 23.43
C ASP B 428 -31.86 3.81 23.21
N VAL B 429 -31.48 2.90 24.12
CA VAL B 429 -30.24 2.14 23.95
C VAL B 429 -30.27 1.29 22.67
N PRO B 430 -31.35 0.55 22.37
CA PRO B 430 -31.40 -0.14 21.07
C PRO B 430 -31.32 0.82 19.89
N ASP B 431 -31.85 2.03 20.03
CA ASP B 431 -31.79 2.99 18.93
C ASP B 431 -30.36 3.43 18.65
N ARG B 432 -29.55 3.61 19.70
CA ARG B 432 -28.18 4.07 19.53
C ARG B 432 -27.31 3.00 18.88
N ILE B 433 -27.42 1.75 19.35
CA ILE B 433 -26.57 0.69 18.82
C ILE B 433 -26.98 0.34 17.40
N ALA B 434 -28.28 0.33 17.12
CA ALA B 434 -28.74 0.06 15.76
C ALA B 434 -28.49 1.22 14.81
N GLY B 435 -28.28 2.43 15.33
CA GLY B 435 -28.18 3.60 14.48
C GLY B 435 -29.46 3.94 13.78
N VAL B 436 -30.60 3.54 14.33
CA VAL B 436 -31.92 3.78 13.74
C VAL B 436 -32.81 4.40 14.80
N ALA B 437 -33.57 5.42 14.42
CA ALA B 437 -34.56 6.03 15.30
C ALA B 437 -35.84 5.20 15.21
N TYR B 438 -35.94 4.19 16.07
CA TYR B 438 -37.11 3.34 16.07
C TYR B 438 -38.34 4.12 16.52
N PRO B 439 -39.54 3.73 16.07
CA PRO B 439 -40.76 4.39 16.53
C PRO B 439 -40.91 4.32 18.04
N GLN B 440 -41.74 5.21 18.57
CA GLN B 440 -41.95 5.29 20.01
C GLN B 440 -42.52 3.98 20.54
N GLY B 441 -41.96 3.50 21.65
CA GLY B 441 -42.45 2.29 22.28
C GLY B 441 -42.04 1.00 21.60
N THR B 442 -41.12 1.04 20.64
CA THR B 442 -40.74 -0.17 19.93
C THR B 442 -39.94 -1.11 20.84
N THR B 443 -39.02 -0.57 21.64
CA THR B 443 -38.20 -1.41 22.51
C THR B 443 -39.06 -2.12 23.55
N ALA B 444 -39.98 -1.40 24.17
CA ALA B 444 -40.83 -2.01 25.20
C ALA B 444 -41.77 -3.04 24.60
N ARG B 445 -42.26 -2.79 23.37
CA ARG B 445 -43.18 -3.74 22.75
C ARG B 445 -42.47 -5.04 22.38
N ARG B 446 -41.28 -4.93 21.79
CA ARG B 446 -40.54 -6.13 21.39
C ARG B 446 -40.13 -6.94 22.60
N LEU B 447 -39.65 -6.27 23.66
CA LEU B 447 -39.25 -7.00 24.86
C LEU B 447 -40.44 -7.64 25.56
N ALA B 448 -41.62 -7.04 25.44
CA ALA B 448 -42.82 -7.69 25.99
C ALA B 448 -43.23 -8.87 25.13
N GLN B 449 -42.97 -8.83 23.83
CA GLN B 449 -43.31 -9.95 22.95
C GLN B 449 -42.54 -11.20 23.34
N ILE B 450 -41.24 -11.07 23.63
CA ILE B 450 -40.43 -12.24 23.96
C ILE B 450 -40.67 -12.75 25.37
N GLY B 451 -41.61 -12.14 26.11
CA GLY B 451 -42.03 -12.65 27.40
C GLY B 451 -41.54 -11.89 28.61
N ALA B 452 -40.84 -10.78 28.42
CA ALA B 452 -40.27 -10.04 29.55
C ALA B 452 -41.28 -9.08 30.15
N VAL B 453 -41.07 -8.76 31.42
CA VAL B 453 -41.88 -7.77 32.13
C VAL B 453 -41.17 -6.43 32.04
N VAL B 454 -41.86 -5.43 31.51
CA VAL B 454 -41.27 -4.12 31.24
C VAL B 454 -42.01 -3.06 32.05
N THR B 455 -41.26 -2.27 32.81
CA THR B 455 -41.80 -1.13 33.53
C THR B 455 -40.99 0.11 33.17
N HIS B 456 -41.67 1.25 33.12
CA HIS B 456 -41.07 2.50 32.70
C HIS B 456 -40.77 3.38 33.89
N ASP B 457 -39.58 4.01 33.88
CA ASP B 457 -39.14 4.93 34.93
C ASP B 457 -38.52 6.14 34.23
N GLY B 458 -39.37 6.99 33.68
CA GLY B 458 -38.91 8.13 32.89
C GLY B 458 -38.36 7.71 31.55
N ASP B 459 -37.03 7.61 31.46
CA ASP B 459 -36.37 7.11 30.26
C ASP B 459 -35.67 5.77 30.47
N THR B 460 -35.64 5.26 31.69
CA THR B 460 -34.99 3.99 32.00
C THR B 460 -36.04 2.88 32.08
N LEU B 461 -35.83 1.82 31.32
CA LEU B 461 -36.69 0.64 31.37
C LEU B 461 -36.13 -0.34 32.39
N THR B 462 -37.03 -1.00 33.11
CA THR B 462 -36.68 -2.10 34.00
C THR B 462 -37.29 -3.37 33.40
N VAL B 463 -36.44 -4.24 32.89
CA VAL B 463 -36.86 -5.42 32.13
C VAL B 463 -36.50 -6.67 32.91
N THR B 464 -37.50 -7.52 33.16
CA THR B 464 -37.28 -8.81 33.80
C THR B 464 -37.53 -9.90 32.78
N PRO B 465 -36.49 -10.54 32.24
CA PRO B 465 -36.69 -11.54 31.18
C PRO B 465 -37.45 -12.75 31.70
N PRO B 466 -38.07 -13.52 30.81
CA PRO B 466 -38.81 -14.71 31.25
C PRO B 466 -37.87 -15.84 31.64
N SER B 467 -38.42 -16.82 32.35
CA SER B 467 -37.62 -17.91 32.88
C SER B 467 -37.02 -18.80 31.80
N TRP B 468 -37.59 -18.80 30.60
CA TRP B 468 -37.05 -19.59 29.49
C TRP B 468 -36.02 -18.83 28.68
N ARG B 469 -35.58 -17.67 29.15
CA ARG B 469 -34.57 -16.86 28.45
C ARG B 469 -33.44 -16.48 29.41
N PRO B 470 -32.67 -17.47 29.90
CA PRO B 470 -31.53 -17.14 30.77
C PRO B 470 -30.37 -16.50 30.02
N ASP B 471 -30.44 -16.43 28.69
CA ASP B 471 -29.42 -15.73 27.91
C ASP B 471 -29.53 -14.22 28.02
N LEU B 472 -30.66 -13.70 28.51
CA LEU B 472 -30.87 -12.26 28.64
C LEU B 472 -30.35 -11.82 30.00
N ARG B 473 -29.10 -11.38 30.02
CA ARG B 473 -28.44 -10.96 31.26
C ARG B 473 -28.06 -9.50 31.31
N GLN B 474 -27.74 -8.88 30.18
CA GLN B 474 -27.26 -7.51 30.10
C GLN B 474 -28.10 -6.73 29.10
N PRO B 475 -28.00 -5.40 29.09
CA PRO B 475 -28.73 -4.62 28.08
C PRO B 475 -28.40 -5.01 26.66
N ALA B 476 -27.16 -5.43 26.39
CA ALA B 476 -26.80 -5.85 25.03
C ALA B 476 -27.66 -7.02 24.57
N ASP B 477 -27.94 -7.97 25.47
CA ASP B 477 -28.83 -9.07 25.13
C ASP B 477 -30.21 -8.58 24.75
N LEU B 478 -30.69 -7.54 25.44
CA LEU B 478 -31.98 -6.96 25.10
C LEU B 478 -31.92 -6.21 23.77
N VAL B 479 -30.77 -5.59 23.46
CA VAL B 479 -30.62 -4.88 22.20
C VAL B 479 -30.74 -5.84 21.02
N GLU B 480 -30.16 -7.03 21.14
CA GLU B 480 -30.24 -8.02 20.07
C GLU B 480 -31.69 -8.42 19.81
N GLU B 481 -32.49 -8.55 20.86
CA GLU B 481 -33.89 -8.94 20.69
C GLU B 481 -34.66 -7.88 19.93
N VAL B 482 -34.43 -6.60 20.25
CA VAL B 482 -35.13 -5.53 19.55
C VAL B 482 -34.67 -5.46 18.09
N LEU B 483 -33.36 -5.59 17.85
CA LEU B 483 -32.83 -5.40 16.51
C LEU B 483 -33.20 -6.55 15.59
N ARG B 484 -33.15 -7.80 16.08
CA ARG B 484 -33.43 -8.93 15.22
C ARG B 484 -34.90 -9.03 14.86
N LEU B 485 -35.80 -8.63 15.76
CA LEU B 485 -37.23 -8.67 15.46
C LEU B 485 -37.63 -7.52 14.54
N GLU B 486 -37.01 -6.34 14.72
CA GLU B 486 -37.25 -5.24 13.80
C GLU B 486 -36.57 -5.44 12.46
N GLY B 487 -35.61 -6.35 12.38
CA GLY B 487 -34.94 -6.65 11.13
C GLY B 487 -33.65 -5.86 10.96
N LEU B 488 -32.54 -6.57 10.72
CA LEU B 488 -31.26 -5.91 10.53
C LEU B 488 -31.17 -5.18 9.19
N GLU B 489 -32.15 -5.36 8.30
CA GLU B 489 -32.12 -4.69 7.01
C GLU B 489 -32.41 -3.20 7.12
N VAL B 490 -33.04 -2.75 8.21
CA VAL B 490 -33.33 -1.33 8.39
C VAL B 490 -32.13 -0.54 8.86
N ILE B 491 -31.05 -1.20 9.25
CA ILE B 491 -29.87 -0.50 9.75
C ILE B 491 -29.15 0.17 8.57
N PRO B 492 -28.86 1.47 8.63
CA PRO B 492 -28.22 2.14 7.49
C PRO B 492 -26.75 1.78 7.36
N SER B 493 -26.11 2.29 6.31
CA SER B 493 -24.71 2.00 6.02
C SER B 493 -23.94 3.31 6.00
N VAL B 494 -23.25 3.62 7.10
CA VAL B 494 -22.44 4.83 7.20
C VAL B 494 -21.03 4.42 7.58
N LEU B 495 -20.04 5.02 6.92
CA LEU B 495 -18.65 4.70 7.19
C LEU B 495 -18.18 5.40 8.47
N PRO B 496 -17.40 4.71 9.30
N PRO B 496 -17.39 4.72 9.29
CA PRO B 496 -17.02 5.26 10.60
CA PRO B 496 -16.84 5.37 10.48
C PRO B 496 -15.91 6.29 10.45
C PRO B 496 -15.85 6.45 10.09
N PRO B 497 -15.71 7.13 11.48
N PRO B 497 -15.92 7.62 10.72
CA PRO B 497 -14.60 8.12 11.45
CA PRO B 497 -14.91 8.66 10.47
C PRO B 497 -13.26 7.52 11.90
C PRO B 497 -13.51 8.15 10.77
N ALA B 498 -12.66 6.76 11.01
N ALA B 498 -12.72 7.98 9.72
CA ALA B 498 -11.37 6.15 11.32
CA ALA B 498 -11.43 7.30 9.87
C ALA B 498 -10.27 7.20 11.28
C ALA B 498 -10.45 8.19 10.64
N PRO B 499 -9.46 7.33 12.33
N PRO B 499 -9.66 7.61 11.54
CA PRO B 499 -8.46 8.41 12.37
CA PRO B 499 -8.53 8.33 12.13
C PRO B 499 -7.30 8.19 11.41
C PRO B 499 -7.30 8.20 11.25
N ALA B 500 -6.39 9.17 11.39
CA ALA B 500 -5.17 9.13 10.59
C ALA B 500 -4.27 8.00 11.07
N GLY B 501 -4.23 6.91 10.30
CA GLY B 501 -3.41 5.77 10.64
C GLY B 501 -1.99 5.89 10.13
N ARG B 502 -1.12 5.03 10.65
CA ARG B 502 0.30 5.06 10.32
C ARG B 502 0.66 4.12 9.17
N GLY B 503 -0.28 3.33 8.68
CA GLY B 503 -0.01 2.46 7.56
C GLY B 503 0.74 1.20 7.96
N LEU B 504 1.44 0.63 6.98
CA LEU B 504 2.18 -0.60 7.19
C LEU B 504 3.43 -0.34 8.03
N THR B 505 3.74 -1.29 8.91
CA THR B 505 4.99 -1.23 9.66
C THR B 505 6.16 -1.57 8.74
N ALA B 506 7.38 -1.34 9.25
CA ALA B 506 8.56 -1.68 8.47
C ALA B 506 8.69 -3.17 8.24
N GLY B 507 8.28 -3.98 9.22
CA GLY B 507 8.35 -5.42 9.05
C GLY B 507 7.32 -5.94 8.06
N GLN B 508 6.10 -5.41 8.11
CA GLN B 508 5.08 -5.80 7.15
C GLN B 508 5.42 -5.34 5.74
N GLN B 509 6.07 -4.19 5.61
CA GLN B 509 6.50 -3.72 4.29
C GLN B 509 7.64 -4.56 3.75
N ARG B 510 8.57 -4.96 4.62
CA ARG B 510 9.68 -5.80 4.18
C ARG B 510 9.19 -7.18 3.77
N ARG B 511 8.19 -7.72 4.47
CA ARG B 511 7.65 -9.03 4.12
C ARG B 511 7.07 -9.03 2.71
N ARG B 512 6.51 -7.91 2.27
CA ARG B 512 6.02 -7.82 0.90
C ARG B 512 7.17 -7.75 -0.10
N THR B 513 8.17 -6.90 0.19
CA THR B 513 9.29 -6.72 -0.72
C THR B 513 10.05 -8.02 -0.92
N ILE B 514 10.18 -8.83 0.13
CA ILE B 514 10.84 -10.13 -0.01
C ILE B 514 10.01 -11.04 -0.92
N GLY B 515 8.70 -11.05 -0.75
CA GLY B 515 7.86 -11.89 -1.59
C GLY B 515 7.91 -11.48 -3.05
N ARG B 516 7.84 -10.17 -3.32
CA ARG B 516 7.91 -9.70 -4.70
C ARG B 516 9.25 -10.05 -5.33
N SER B 517 10.33 -9.95 -4.56
CA SER B 517 11.66 -10.19 -5.11
C SER B 517 11.85 -11.66 -5.47
N LEU B 518 11.48 -12.56 -4.56
CA LEU B 518 11.64 -13.99 -4.82
C LEU B 518 10.74 -14.44 -5.96
N ALA B 519 9.51 -13.92 -6.02
CA ALA B 519 8.61 -14.27 -7.11
C ALA B 519 9.13 -13.77 -8.45
N LEU B 520 9.68 -12.56 -8.47
CA LEU B 520 10.24 -12.04 -9.71
C LEU B 520 11.53 -12.76 -10.11
N SER B 521 12.15 -13.49 -9.18
CA SER B 521 13.36 -14.25 -9.48
C SER B 521 13.06 -15.70 -9.86
N GLY B 522 11.79 -16.11 -9.87
CA GLY B 522 11.41 -17.43 -10.31
C GLY B 522 10.86 -18.36 -9.24
N TYR B 523 10.64 -17.87 -8.03
CA TYR B 523 10.16 -18.72 -6.95
C TYR B 523 8.63 -18.64 -6.84
N VAL B 524 8.03 -19.75 -6.43
CA VAL B 524 6.58 -19.88 -6.31
C VAL B 524 6.25 -20.05 -4.84
N GLU B 525 5.39 -19.18 -4.32
CA GLU B 525 5.04 -19.20 -2.90
C GLU B 525 4.04 -20.31 -2.60
N ILE B 526 4.22 -20.95 -1.45
CA ILE B 526 3.28 -21.93 -0.93
C ILE B 526 2.82 -21.46 0.45
N LEU B 527 1.82 -22.17 0.98
CA LEU B 527 1.34 -21.93 2.34
C LEU B 527 1.76 -23.11 3.20
N PRO B 528 2.83 -22.99 3.99
CA PRO B 528 3.33 -24.17 4.72
C PRO B 528 2.41 -24.57 5.86
N THR B 529 2.33 -25.89 6.08
CA THR B 529 1.53 -26.45 7.16
C THR B 529 2.37 -26.60 8.42
N PRO B 530 1.82 -26.25 9.59
CA PRO B 530 2.61 -26.32 10.82
C PRO B 530 2.88 -27.75 11.30
N PHE B 531 2.08 -28.72 10.87
CA PHE B 531 2.25 -30.10 11.32
C PHE B 531 3.39 -30.76 10.56
N LEU B 532 4.45 -31.12 11.30
CA LEU B 532 5.61 -31.73 10.68
C LEU B 532 5.27 -33.13 10.14
N PRO B 533 5.95 -33.55 9.07
CA PRO B 533 5.79 -34.94 8.62
C PRO B 533 6.29 -35.92 9.67
N ALA B 534 5.78 -37.16 9.58
CA ALA B 534 6.12 -38.19 10.54
C ALA B 534 7.60 -38.55 10.44
N GLY B 535 8.33 -38.37 11.53
CA GLY B 535 9.73 -38.74 11.57
C GLY B 535 10.61 -37.98 10.60
N VAL B 536 10.31 -36.70 10.38
CA VAL B 536 11.10 -35.91 9.42
C VAL B 536 12.51 -35.68 9.96
N PHE B 537 12.65 -35.49 11.27
CA PHE B 537 13.96 -35.26 11.85
C PHE B 537 14.80 -36.53 11.90
N ASP B 538 14.17 -37.71 11.87
CA ASP B 538 14.93 -38.95 11.76
C ASP B 538 15.51 -39.11 10.36
N LEU B 539 14.76 -38.69 9.33
CA LEU B 539 15.29 -38.70 7.97
C LEU B 539 16.44 -37.72 7.82
N TRP B 540 16.36 -36.57 8.49
CA TRP B 540 17.42 -35.59 8.44
C TRP B 540 18.65 -36.01 9.23
N GLY B 541 18.55 -37.05 10.05
CA GLY B 541 19.69 -37.49 10.83
C GLY B 541 20.12 -36.55 11.92
N LEU B 542 19.21 -35.69 12.40
CA LEU B 542 19.55 -34.76 13.46
C LEU B 542 19.86 -35.50 14.76
N GLU B 543 20.71 -34.89 15.58
CA GLU B 543 20.99 -35.45 16.89
C GLU B 543 19.77 -35.31 17.80
N ALA B 544 19.73 -36.18 18.82
CA ALA B 544 18.60 -36.17 19.74
C ALA B 544 18.50 -34.86 20.53
N ASP B 545 19.61 -34.13 20.67
CA ASP B 545 19.63 -32.86 21.38
C ASP B 545 19.49 -31.67 20.46
N ASP B 546 19.20 -31.88 19.18
CA ASP B 546 19.04 -30.77 18.25
C ASP B 546 17.84 -29.93 18.65
N SER B 547 18.04 -28.60 18.68
CA SER B 547 17.01 -27.70 19.17
C SER B 547 15.74 -27.77 18.33
N ARG B 548 15.87 -28.15 17.05
CA ARG B 548 14.70 -28.30 16.20
C ARG B 548 13.79 -29.44 16.64
N ARG B 549 14.32 -30.40 17.39
CA ARG B 549 13.51 -31.50 17.88
C ARG B 549 12.61 -31.10 19.05
N MET B 550 12.95 -30.02 19.75
CA MET B 550 12.09 -29.52 20.82
C MET B 550 10.85 -28.87 20.24
N THR B 551 9.82 -29.68 19.98
CA THR B 551 8.62 -29.23 19.29
C THR B 551 7.43 -29.21 20.22
N THR B 552 6.45 -28.37 19.88
CA THR B 552 5.17 -28.36 20.55
C THR B 552 4.25 -29.38 19.88
N ARG B 553 3.60 -30.21 20.68
CA ARG B 553 2.80 -31.31 20.18
C ARG B 553 1.31 -31.01 20.38
N VAL B 554 0.50 -31.47 19.42
CA VAL B 554 -0.95 -31.25 19.44
C VAL B 554 -1.62 -32.49 20.02
N LEU B 555 -2.61 -32.26 20.88
CA LEU B 555 -3.26 -33.38 21.57
C LEU B 555 -4.19 -34.14 20.63
N ASN B 556 -4.93 -33.44 19.77
CA ASN B 556 -5.92 -34.04 18.89
C ASN B 556 -5.68 -33.63 17.44
N PRO B 557 -4.62 -34.14 16.82
CA PRO B 557 -4.36 -33.82 15.42
C PRO B 557 -5.24 -34.63 14.48
N LEU B 558 -5.40 -34.10 13.27
CA LEU B 558 -6.16 -34.82 12.25
C LEU B 558 -5.44 -36.07 11.77
N GLU B 559 -4.13 -36.17 12.03
CA GLU B 559 -3.35 -37.37 11.75
C GLU B 559 -2.47 -37.65 12.95
N ALA B 560 -2.70 -38.79 13.60
CA ALA B 560 -2.02 -39.09 14.86
C ALA B 560 -0.51 -39.20 14.71
N ASP B 561 -0.01 -39.39 13.48
CA ASP B 561 1.43 -39.45 13.24
C ASP B 561 2.03 -38.10 12.90
N ARG B 562 1.24 -37.02 12.96
CA ARG B 562 1.72 -35.66 12.74
C ARG B 562 1.20 -34.74 13.83
N PRO B 563 1.67 -34.89 15.07
CA PRO B 563 1.15 -34.06 16.16
C PRO B 563 2.02 -32.83 16.45
N GLN B 564 3.26 -32.84 15.98
CA GLN B 564 4.23 -31.82 16.35
C GLN B 564 4.14 -30.61 15.42
N LEU B 565 4.32 -29.43 16.00
CA LEU B 565 4.32 -28.19 15.24
C LEU B 565 5.73 -27.90 14.72
N ALA B 566 5.78 -27.16 13.62
CA ALA B 566 7.01 -26.99 12.86
C ALA B 566 7.95 -26.01 13.56
N THR B 567 9.17 -26.45 13.85
CA THR B 567 10.24 -25.57 14.28
C THR B 567 11.06 -25.03 13.12
N THR B 568 10.75 -25.47 11.90
CA THR B 568 11.45 -25.02 10.70
C THR B 568 10.50 -25.16 9.52
N LEU B 569 10.69 -24.30 8.51
CA LEU B 569 9.80 -24.29 7.36
C LEU B 569 10.19 -25.30 6.28
N LEU B 570 11.39 -25.85 6.35
CA LEU B 570 11.85 -26.75 5.29
C LEU B 570 11.00 -28.01 5.13
N PRO B 571 10.58 -28.72 6.20
CA PRO B 571 9.77 -29.93 5.97
C PRO B 571 8.50 -29.68 5.17
N ALA B 572 7.85 -28.54 5.36
CA ALA B 572 6.65 -28.24 4.58
C ALA B 572 7.01 -27.90 3.14
N LEU B 573 8.10 -27.15 2.93
CA LEU B 573 8.53 -26.82 1.58
C LEU B 573 8.97 -28.06 0.82
N LEU B 574 9.73 -28.95 1.47
CA LEU B 574 10.16 -30.17 0.82
C LEU B 574 8.99 -31.09 0.50
N GLU B 575 7.92 -31.03 1.32
CA GLU B 575 6.73 -31.82 1.03
C GLU B 575 6.02 -31.29 -0.22
N ALA B 576 5.91 -29.96 -0.35
CA ALA B 576 5.36 -29.38 -1.57
C ALA B 576 6.30 -29.59 -2.74
N LEU B 577 7.61 -29.67 -2.50
N LEU B 577 7.61 -29.64 -2.49
CA LEU B 577 8.54 -29.93 -3.58
CA LEU B 577 8.57 -29.93 -3.56
C LEU B 577 8.38 -31.34 -4.13
C LEU B 577 8.35 -31.33 -4.11
N VAL B 578 8.13 -32.31 -3.25
CA VAL B 578 7.90 -33.68 -3.70
C VAL B 578 6.59 -33.77 -4.48
N ARG B 579 5.56 -33.04 -4.04
CA ARG B 579 4.27 -33.07 -4.72
C ARG B 579 4.40 -32.57 -6.16
N ASN B 580 5.18 -31.51 -6.38
CA ASN B 580 5.33 -30.97 -7.72
C ASN B 580 6.16 -31.91 -8.60
N VAL B 581 7.30 -32.38 -8.08
CA VAL B 581 8.18 -33.24 -8.87
C VAL B 581 7.50 -34.57 -9.17
N SER B 582 6.77 -35.12 -8.20
CA SER B 582 6.11 -36.41 -8.41
C SER B 582 4.96 -36.32 -9.41
N ARG B 583 4.58 -35.13 -9.85
CA ARG B 583 3.45 -34.95 -10.76
C ARG B 583 3.86 -34.33 -12.09
N GLY B 584 5.15 -34.41 -12.45
CA GLY B 584 5.61 -33.99 -13.74
C GLY B 584 6.30 -32.65 -13.78
N LEU B 585 6.29 -31.90 -12.67
CA LEU B 585 6.92 -30.58 -12.63
C LEU B 585 8.23 -30.71 -11.86
N VAL B 586 9.29 -31.12 -12.58
CA VAL B 586 10.57 -31.43 -11.97
C VAL B 586 11.48 -30.23 -11.82
N ASP B 587 11.19 -29.13 -12.49
CA ASP B 587 11.99 -27.90 -12.42
C ASP B 587 11.19 -26.89 -11.61
N VAL B 588 11.44 -26.84 -10.31
CA VAL B 588 10.61 -26.09 -9.39
C VAL B 588 11.47 -25.31 -8.41
N ALA B 589 10.97 -24.12 -8.03
CA ALA B 589 11.61 -23.29 -7.01
C ALA B 589 10.49 -22.71 -6.15
N LEU B 590 10.46 -23.10 -4.88
CA LEU B 590 9.41 -22.71 -3.97
C LEU B 590 9.98 -21.84 -2.85
N PHE B 591 9.09 -21.05 -2.23
CA PHE B 591 9.47 -20.28 -1.05
C PHE B 591 8.23 -20.08 -0.19
N ALA B 592 8.47 -19.81 1.10
CA ALA B 592 7.40 -19.59 2.05
C ALA B 592 7.86 -18.60 3.11
N ILE B 593 6.94 -17.76 3.57
CA ILE B 593 7.19 -16.80 4.64
C ILE B 593 6.11 -17.03 5.69
N ALA B 594 6.47 -17.68 6.79
CA ALA B 594 5.53 -17.98 7.86
C ALA B 594 6.29 -18.08 9.17
N GLN B 595 5.56 -18.29 10.25
CA GLN B 595 6.15 -18.42 11.57
C GLN B 595 6.38 -19.88 11.92
N VAL B 596 7.29 -20.10 12.87
CA VAL B 596 7.55 -21.43 13.40
C VAL B 596 7.14 -21.44 14.87
N VAL B 597 7.17 -22.63 15.47
CA VAL B 597 6.81 -22.82 16.87
C VAL B 597 8.01 -23.46 17.56
N GLN B 598 8.75 -22.68 18.34
CA GLN B 598 9.98 -23.13 19.00
C GLN B 598 9.82 -22.97 20.51
N PRO B 599 9.35 -24.00 21.20
CA PRO B 599 9.23 -23.90 22.66
C PRO B 599 10.59 -23.93 23.34
N THR B 600 10.72 -23.14 24.40
CA THR B 600 11.92 -23.08 25.21
C THR B 600 11.80 -23.89 26.49
N GLU B 601 10.66 -24.55 26.72
CA GLU B 601 10.43 -25.33 27.91
C GLU B 601 9.27 -26.29 27.64
N GLN B 602 8.90 -27.07 28.66
CA GLN B 602 7.75 -27.94 28.53
C GLN B 602 6.46 -27.11 28.50
N THR B 603 5.38 -27.77 28.09
CA THR B 603 4.09 -27.10 27.98
C THR B 603 3.61 -26.71 29.38
N ARG B 604 3.63 -25.41 29.67
CA ARG B 604 3.22 -24.87 30.97
C ARG B 604 2.06 -23.93 30.75
N GLY B 605 0.91 -24.24 31.37
CA GLY B 605 -0.27 -23.41 31.25
C GLY B 605 -0.38 -22.37 32.34
N VAL B 606 -1.32 -21.45 32.14
CA VAL B 606 -1.59 -20.38 33.09
C VAL B 606 -3.05 -20.47 33.50
N GLY B 607 -3.31 -20.42 34.80
CA GLY B 607 -4.66 -20.51 35.31
C GLY B 607 -5.55 -19.39 34.81
N LEU B 608 -6.84 -19.58 35.01
CA LEU B 608 -7.83 -18.62 34.52
C LEU B 608 -7.72 -17.30 35.28
N ILE B 609 -7.49 -16.22 34.54
CA ILE B 609 -7.54 -14.87 35.09
C ILE B 609 -8.97 -14.37 35.01
N PRO B 610 -9.54 -13.82 36.08
CA PRO B 610 -10.93 -13.38 36.04
C PRO B 610 -11.17 -12.35 34.94
N VAL B 611 -12.25 -12.53 34.19
CA VAL B 611 -12.52 -11.74 32.99
C VAL B 611 -13.44 -10.58 33.34
N ASP B 612 -13.56 -10.28 34.62
CA ASP B 612 -14.32 -9.12 35.08
C ASP B 612 -13.44 -7.89 35.23
N ARG B 613 -12.24 -7.92 34.67
CA ARG B 613 -11.28 -6.82 34.81
C ARG B 613 -10.20 -6.97 33.75
N ARG B 614 -9.43 -5.91 33.59
CA ARG B 614 -8.27 -5.96 32.71
C ARG B 614 -7.13 -6.71 33.39
N PRO B 615 -6.46 -7.62 32.68
CA PRO B 615 -5.27 -8.26 33.25
C PRO B 615 -4.15 -7.25 33.43
N THR B 616 -3.45 -7.35 34.56
CA THR B 616 -2.35 -6.45 34.83
C THR B 616 -1.22 -6.68 33.83
N ASP B 617 -0.34 -5.68 33.73
CA ASP B 617 0.79 -5.79 32.80
C ASP B 617 1.69 -6.96 33.14
N ASP B 618 1.77 -7.32 34.43
CA ASP B 618 2.53 -8.50 34.82
C ASP B 618 1.81 -9.77 34.40
N GLU B 619 0.48 -9.79 34.48
CA GLU B 619 -0.28 -10.96 34.06
C GLU B 619 -0.23 -11.13 32.54
N ILE B 620 -0.18 -10.03 31.79
CA ILE B 620 -0.05 -10.13 30.33
C ILE B 620 1.32 -10.66 29.97
N ALA B 621 2.37 -10.21 30.68
CA ALA B 621 3.71 -10.71 30.40
C ALA B 621 3.85 -12.18 30.77
N MET B 622 3.15 -12.63 31.81
CA MET B 622 3.20 -14.04 32.17
C MET B 622 2.55 -14.93 31.12
N LEU B 623 1.44 -14.47 30.55
CA LEU B 623 0.79 -15.24 29.48
C LEU B 623 1.66 -15.31 28.24
N ASP B 624 2.46 -14.27 27.98
CA ASP B 624 3.35 -14.29 26.82
C ASP B 624 4.55 -15.20 27.05
N ALA B 625 5.08 -15.21 28.28
CA ALA B 625 6.24 -16.04 28.57
C ALA B 625 5.89 -17.52 28.55
N SER B 626 4.67 -17.88 28.93
CA SER B 626 4.25 -19.28 28.90
C SER B 626 4.03 -19.81 27.49
N LEU B 627 4.10 -18.95 26.48
CA LEU B 627 3.93 -19.35 25.09
C LEU B 627 5.27 -19.63 24.44
N PRO B 628 5.32 -20.59 23.51
CA PRO B 628 6.57 -20.85 22.79
C PRO B 628 6.93 -19.70 21.87
N ARG B 629 8.23 -19.55 21.64
CA ARG B 629 8.72 -18.51 20.73
C ARG B 629 8.27 -18.81 19.31
N GLN B 630 7.78 -17.78 18.62
CA GLN B 630 7.22 -17.92 17.29
C GLN B 630 7.79 -16.84 16.37
N PRO B 631 9.05 -16.98 15.96
CA PRO B 631 9.63 -16.00 15.04
C PRO B 631 9.18 -16.25 13.61
N GLN B 632 9.34 -15.22 12.79
CA GLN B 632 8.95 -15.28 11.39
C GLN B 632 10.15 -15.68 10.53
N HIS B 633 9.98 -16.70 9.72
CA HIS B 633 11.04 -17.24 8.88
C HIS B 633 10.71 -17.08 7.41
N VAL B 634 11.75 -16.95 6.60
CA VAL B 634 11.66 -17.06 5.14
C VAL B 634 12.53 -18.22 4.72
N ALA B 635 11.98 -19.11 3.88
CA ALA B 635 12.69 -20.30 3.46
C ALA B 635 12.38 -20.57 2.00
N ALA B 636 13.18 -21.44 1.39
CA ALA B 636 13.03 -21.75 -0.02
C ALA B 636 13.74 -23.06 -0.34
N VAL B 637 13.24 -23.75 -1.36
CA VAL B 637 13.82 -25.01 -1.84
C VAL B 637 13.86 -24.99 -3.36
N LEU B 638 14.86 -25.68 -3.92
CA LEU B 638 15.04 -25.72 -5.36
C LEU B 638 15.46 -27.13 -5.79
N ALA B 639 15.03 -27.52 -6.99
CA ALA B 639 15.41 -28.79 -7.57
C ALA B 639 15.26 -28.71 -9.08
N GLY B 640 15.90 -29.65 -9.77
CA GLY B 640 15.79 -29.69 -11.21
C GLY B 640 16.57 -28.55 -11.86
N LEU B 641 16.02 -28.04 -12.96
CA LEU B 641 16.66 -26.95 -13.68
C LEU B 641 16.35 -25.62 -13.02
N ARG B 642 17.39 -24.80 -12.81
CA ARG B 642 17.17 -23.44 -12.34
C ARG B 642 16.74 -22.53 -13.48
N GLU B 643 17.38 -22.65 -14.64
CA GLU B 643 17.03 -21.91 -15.83
C GLU B 643 16.57 -22.89 -16.91
N PRO B 644 15.40 -22.70 -17.50
CA PRO B 644 14.91 -23.68 -18.47
C PRO B 644 15.69 -23.62 -19.77
N ARG B 645 15.54 -24.68 -20.56
CA ARG B 645 16.14 -24.72 -21.88
C ARG B 645 15.27 -23.96 -22.88
N GLY B 646 15.89 -23.59 -23.99
CA GLY B 646 15.21 -22.87 -25.04
C GLY B 646 16.10 -22.67 -26.25
N PRO B 647 15.73 -21.74 -27.13
CA PRO B 647 16.57 -21.43 -28.29
C PRO B 647 17.94 -20.85 -27.93
N TRP B 648 18.22 -20.59 -26.65
CA TRP B 648 19.53 -20.08 -26.21
C TRP B 648 20.48 -21.19 -25.80
N GLY B 649 19.94 -22.32 -25.31
CA GLY B 649 20.77 -23.41 -24.85
C GLY B 649 20.00 -24.43 -24.05
N PRO B 650 20.70 -25.40 -23.47
CA PRO B 650 20.05 -26.49 -22.74
C PRO B 650 19.68 -26.17 -21.30
N GLY B 651 19.79 -24.92 -20.86
CA GLY B 651 19.46 -24.57 -19.49
C GLY B 651 20.56 -24.95 -18.52
N ARG B 652 20.35 -24.58 -17.25
CA ARG B 652 21.34 -24.77 -16.21
C ARG B 652 20.69 -25.43 -15.00
N PRO B 653 21.25 -26.52 -14.49
CA PRO B 653 20.66 -27.18 -13.32
C PRO B 653 20.87 -26.39 -12.04
N VAL B 654 20.05 -26.70 -11.04
CA VAL B 654 20.16 -26.05 -9.74
C VAL B 654 21.48 -26.45 -9.09
N GLU B 655 22.19 -25.46 -8.56
CA GLU B 655 23.41 -25.68 -7.79
C GLU B 655 23.33 -24.87 -6.49
N ALA B 656 24.29 -25.12 -5.60
CA ALA B 656 24.29 -24.47 -4.30
C ALA B 656 24.36 -22.96 -4.42
N ALA B 657 25.05 -22.44 -5.45
CA ALA B 657 25.15 -20.99 -5.63
C ALA B 657 23.78 -20.36 -5.85
N ASP B 658 22.83 -21.12 -6.39
CA ASP B 658 21.48 -20.60 -6.58
C ASP B 658 20.81 -20.33 -5.24
N ALA B 659 21.05 -21.18 -4.25
CA ALA B 659 20.52 -20.93 -2.91
C ALA B 659 21.26 -19.77 -2.25
N PHE B 660 22.56 -19.64 -2.50
CA PHE B 660 23.30 -18.50 -1.99
C PHE B 660 22.79 -17.20 -2.58
N GLU B 661 22.46 -17.20 -3.88
CA GLU B 661 21.88 -16.01 -4.49
C GLU B 661 20.50 -15.72 -3.92
N ALA B 662 19.75 -16.75 -3.53
CA ALA B 662 18.46 -16.52 -2.88
C ALA B 662 18.62 -15.77 -1.57
N VAL B 663 19.73 -15.99 -0.87
CA VAL B 663 20.02 -15.22 0.33
C VAL B 663 20.24 -13.75 -0.01
N ARG B 664 21.03 -13.49 -1.04
CA ARG B 664 21.33 -12.12 -1.42
C ARG B 664 20.11 -11.41 -1.99
N ILE B 665 19.19 -12.15 -2.62
CA ILE B 665 17.93 -11.56 -3.04
C ILE B 665 17.13 -11.11 -1.82
N ILE B 666 17.08 -11.94 -0.78
CA ILE B 666 16.38 -11.58 0.44
C ILE B 666 17.12 -10.45 1.16
N ALA B 667 18.46 -10.47 1.12
CA ALA B 667 19.23 -9.42 1.78
C ALA B 667 19.00 -8.07 1.11
N ARG B 668 18.99 -8.03 -0.23
CA ARG B 668 18.75 -6.78 -0.93
C ARG B 668 17.32 -6.29 -0.70
N ALA B 669 16.36 -7.22 -0.64
CA ALA B 669 14.98 -6.83 -0.34
C ALA B 669 14.85 -6.25 1.06
N SER B 670 15.68 -6.71 1.99
CA SER B 670 15.68 -6.20 3.35
C SER B 670 16.64 -5.02 3.54
N ARG B 671 17.42 -4.68 2.52
CA ARG B 671 18.39 -3.59 2.59
C ARG B 671 19.38 -3.78 3.73
N VAL B 672 19.86 -5.01 3.89
CA VAL B 672 20.90 -5.33 4.86
C VAL B 672 22.05 -6.01 4.11
N ASP B 673 23.23 -5.94 4.71
CA ASP B 673 24.41 -6.60 4.19
C ASP B 673 24.64 -7.89 4.96
N VAL B 674 24.85 -8.99 4.23
CA VAL B 674 25.06 -10.30 4.83
C VAL B 674 26.42 -10.83 4.39
N THR B 675 26.95 -11.76 5.18
CA THR B 675 28.15 -12.50 4.84
C THR B 675 27.84 -13.99 4.94
N LEU B 676 28.42 -14.76 4.03
CA LEU B 676 28.25 -16.21 4.01
C LEU B 676 29.55 -16.86 4.46
N ARG B 677 29.45 -17.79 5.41
CA ARG B 677 30.60 -18.47 5.95
C ARG B 677 30.38 -19.97 5.92
N PRO B 678 31.42 -20.75 5.64
CA PRO B 678 31.26 -22.21 5.59
C PRO B 678 30.83 -22.76 6.94
N ALA B 679 29.91 -23.72 6.92
CA ALA B 679 29.41 -24.30 8.15
C ALA B 679 28.92 -25.71 7.89
N GLN B 680 28.86 -26.50 8.95
CA GLN B 680 28.27 -27.83 8.93
C GLN B 680 26.97 -27.78 9.73
N TYR B 681 25.86 -28.09 9.06
CA TYR B 681 24.55 -27.96 9.69
C TYR B 681 23.56 -28.79 8.90
N LEU B 682 23.10 -29.90 9.48
CA LEU B 682 22.11 -30.73 8.81
C LEU B 682 20.80 -29.96 8.64
N PRO B 683 20.02 -30.26 7.61
CA PRO B 683 20.20 -31.32 6.60
C PRO B 683 21.01 -30.87 5.38
N TRP B 684 21.88 -29.88 5.51
CA TRP B 684 22.62 -29.37 4.36
C TRP B 684 23.86 -30.22 4.09
N HIS B 685 24.35 -30.12 2.86
CA HIS B 685 25.62 -30.71 2.48
C HIS B 685 26.75 -30.01 3.23
N PRO B 686 27.52 -30.72 4.06
CA PRO B 686 28.51 -30.02 4.91
C PRO B 686 29.62 -29.33 4.13
N GLY B 687 29.82 -29.68 2.86
CA GLY B 687 30.84 -29.02 2.05
C GLY B 687 30.26 -27.94 1.16
N ARG B 688 28.93 -27.85 1.13
CA ARG B 688 28.22 -26.86 0.32
C ARG B 688 27.15 -26.18 1.16
N CYS B 689 27.52 -25.80 2.39
CA CYS B 689 26.60 -25.17 3.32
C CYS B 689 27.21 -23.86 3.80
N ALA B 690 26.49 -22.77 3.62
CA ALA B 690 26.91 -21.45 4.10
C ALA B 690 26.01 -21.02 5.24
N GLN B 691 26.62 -20.49 6.30
CA GLN B 691 25.88 -19.86 7.37
C GLN B 691 25.80 -18.36 7.10
N VAL B 692 24.60 -17.80 7.21
CA VAL B 692 24.34 -16.41 6.86
C VAL B 692 24.43 -15.56 8.11
N PHE B 693 25.18 -14.45 8.03
CA PHE B 693 25.38 -13.56 9.15
C PHE B 693 25.00 -12.14 8.75
N VAL B 694 24.23 -11.47 9.60
CA VAL B 694 23.98 -10.04 9.49
C VAL B 694 24.84 -9.39 10.58
N GLY B 695 25.99 -8.86 10.19
CA GLY B 695 26.98 -8.43 11.16
C GLY B 695 27.71 -9.62 11.74
N GLU B 696 27.53 -9.86 13.04
CA GLU B 696 28.07 -11.05 13.70
C GLU B 696 26.98 -11.92 14.30
N SER B 697 25.74 -11.75 13.84
CA SER B 697 24.60 -12.51 14.34
C SER B 697 24.12 -13.48 13.27
N SER B 698 24.05 -14.76 13.62
CA SER B 698 23.60 -15.78 12.69
C SER B 698 22.10 -15.66 12.45
N VAL B 699 21.69 -15.71 11.18
CA VAL B 699 20.29 -15.61 10.81
C VAL B 699 19.78 -16.81 10.04
N GLY B 700 20.63 -17.76 9.67
CA GLY B 700 20.17 -18.95 8.99
C GLY B 700 21.29 -19.61 8.21
N HIS B 701 20.88 -20.53 7.33
CA HIS B 701 21.80 -21.31 6.51
C HIS B 701 21.24 -21.43 5.10
N ALA B 702 22.10 -21.88 4.18
CA ALA B 702 21.72 -22.06 2.79
C ALA B 702 22.74 -22.94 2.10
N GLY B 703 22.32 -23.56 1.01
CA GLY B 703 23.20 -24.36 0.19
C GLY B 703 22.50 -25.62 -0.29
N GLN B 704 23.31 -26.59 -0.69
CA GLN B 704 22.80 -27.88 -1.16
C GLN B 704 22.52 -28.80 0.03
N LEU B 705 21.47 -29.61 -0.12
CA LEU B 705 21.11 -30.54 0.94
C LEU B 705 22.05 -31.75 0.94
N HIS B 706 22.16 -32.38 2.10
CA HIS B 706 23.02 -33.55 2.25
C HIS B 706 22.50 -34.70 1.39
N PRO B 707 23.37 -35.40 0.68
CA PRO B 707 22.89 -36.48 -0.21
C PRO B 707 22.22 -37.62 0.53
N ALA B 708 22.62 -37.90 1.77
CA ALA B 708 21.94 -38.93 2.54
C ALA B 708 20.53 -38.51 2.94
N VAL B 709 20.36 -37.22 3.29
CA VAL B 709 19.03 -36.72 3.57
C VAL B 709 18.15 -36.78 2.32
N ILE B 710 18.75 -36.50 1.15
CA ILE B 710 18.00 -36.59 -0.10
C ILE B 710 17.57 -38.02 -0.38
N GLU B 711 18.44 -38.99 -0.08
CA GLU B 711 18.10 -40.39 -0.32
C GLU B 711 16.99 -40.85 0.63
N ARG B 712 17.14 -40.58 1.92
CA ARG B 712 16.18 -41.07 2.90
C ARG B 712 14.84 -40.35 2.82
N SER B 713 14.78 -39.18 2.18
CA SER B 713 13.56 -38.40 2.09
C SER B 713 12.90 -38.48 0.72
N GLY B 714 13.47 -39.22 -0.22
CA GLY B 714 12.90 -39.30 -1.56
C GLY B 714 12.93 -38.00 -2.33
N LEU B 715 13.93 -37.15 -2.08
CA LEU B 715 14.05 -35.86 -2.72
C LEU B 715 14.83 -35.97 -4.03
N PRO B 716 14.69 -35.00 -4.92
CA PRO B 716 15.54 -34.99 -6.12
C PRO B 716 16.99 -34.76 -5.76
N LYS B 717 17.87 -35.37 -6.57
CA LYS B 717 19.30 -35.19 -6.36
C LYS B 717 19.68 -33.73 -6.54
N GLY B 718 20.60 -33.26 -5.71
CA GLY B 718 21.07 -31.90 -5.81
C GLY B 718 20.08 -30.86 -5.35
N THR B 719 19.05 -31.25 -4.60
CA THR B 719 18.10 -30.29 -4.06
C THR B 719 18.81 -29.32 -3.12
N CYS B 720 18.54 -28.03 -3.30
CA CYS B 720 19.12 -26.98 -2.46
C CYS B 720 18.03 -26.32 -1.63
N ALA B 721 18.45 -25.66 -0.55
CA ALA B 721 17.50 -25.06 0.37
C ALA B 721 18.14 -23.88 1.08
N VAL B 722 17.28 -23.06 1.67
CA VAL B 722 17.69 -21.88 2.44
C VAL B 722 16.61 -21.58 3.45
N GLU B 723 17.03 -21.22 4.67
CA GLU B 723 16.08 -20.79 5.69
C GLU B 723 16.71 -19.69 6.52
N LEU B 724 16.03 -18.55 6.62
CA LEU B 724 16.50 -17.40 7.37
C LEU B 724 15.48 -17.04 8.44
N ASN B 725 15.98 -16.47 9.54
CA ASN B 725 15.16 -15.98 10.63
C ASN B 725 14.98 -14.47 10.43
N LEU B 726 13.80 -14.08 9.94
CA LEU B 726 13.55 -12.67 9.63
C LEU B 726 13.58 -11.81 10.89
N ASP B 727 13.12 -12.34 12.03
CA ASP B 727 13.17 -11.59 13.27
C ASP B 727 14.60 -11.33 13.72
N ALA B 728 15.55 -12.16 13.31
CA ALA B 728 16.95 -11.95 13.65
C ALA B 728 17.64 -10.92 12.76
N ILE B 729 17.00 -10.51 11.67
CA ILE B 729 17.54 -9.50 10.76
C ILE B 729 16.95 -8.15 11.17
N PRO B 730 17.76 -7.17 11.55
CA PRO B 730 17.21 -5.89 11.99
C PRO B 730 16.69 -5.07 10.82
N CYS B 731 15.54 -4.42 11.04
CA CYS B 731 15.01 -3.50 10.04
C CYS B 731 15.93 -2.29 9.91
N SER B 732 16.35 -2.01 8.67
CA SER B 732 17.29 -0.94 8.40
C SER B 732 16.60 0.17 7.61
N ALA B 733 17.04 1.40 7.86
CA ALA B 733 16.57 2.57 7.13
C ALA B 733 17.79 3.40 6.71
N PRO B 734 18.54 2.95 5.72
CA PRO B 734 19.75 3.68 5.32
C PRO B 734 19.41 4.92 4.52
N LEU B 735 20.22 5.97 4.72
CA LEU B 735 20.09 7.23 4.02
C LEU B 735 21.39 7.50 3.27
N PRO B 736 21.56 6.94 2.08
CA PRO B 736 22.80 7.13 1.34
C PRO B 736 22.95 8.57 0.86
N ALA B 737 24.20 8.99 0.68
CA ALA B 737 24.53 10.31 0.15
C ALA B 737 25.65 10.14 -0.87
N PRO B 738 25.35 9.55 -2.03
CA PRO B 738 26.40 9.28 -3.01
C PRO B 738 26.96 10.57 -3.58
N ARG B 739 28.28 10.58 -3.78
CA ARG B 739 28.99 11.71 -4.37
C ARG B 739 29.65 11.22 -5.66
N VAL B 740 29.07 11.63 -6.80
CA VAL B 740 29.55 11.17 -8.10
C VAL B 740 30.75 12.00 -8.51
N SER B 741 31.89 11.32 -8.71
CA SER B 741 33.11 12.01 -9.09
C SER B 741 33.16 12.24 -10.59
N PRO B 742 33.41 13.47 -11.05
CA PRO B 742 33.47 13.73 -12.50
C PRO B 742 34.78 13.33 -13.16
N TYR B 743 35.69 12.72 -12.43
CA TYR B 743 37.01 12.41 -12.95
C TYR B 743 37.06 10.98 -13.48
N PRO B 744 37.89 10.72 -14.48
CA PRO B 744 37.94 9.38 -15.08
C PRO B 744 38.46 8.35 -14.10
N ALA B 745 38.22 7.09 -14.43
CA ALA B 745 38.66 5.97 -13.62
C ALA B 745 39.91 5.33 -14.22
N VAL B 746 40.53 4.47 -13.43
CA VAL B 746 41.67 3.67 -13.86
C VAL B 746 41.31 2.20 -13.67
N PHE B 747 41.49 1.41 -14.72
CA PHE B 747 41.16 -0.01 -14.69
C PHE B 747 42.43 -0.84 -14.59
N GLN B 748 42.49 -1.71 -13.60
CA GLN B 748 43.59 -2.66 -13.44
C GLN B 748 43.04 -3.97 -12.92
N ASP B 749 43.75 -5.06 -13.24
CA ASP B 749 43.43 -6.38 -12.73
C ASP B 749 44.60 -6.89 -11.91
N VAL B 750 44.29 -7.60 -10.83
CA VAL B 750 45.32 -8.16 -9.95
C VAL B 750 45.05 -9.65 -9.78
N SER B 751 46.09 -10.46 -9.97
N SER B 751 46.09 -10.46 -9.95
CA SER B 751 45.99 -11.91 -9.85
CA SER B 751 45.99 -11.91 -9.86
C SER B 751 46.73 -12.35 -8.59
C SER B 751 46.73 -12.37 -8.61
N LEU B 752 46.01 -13.02 -7.69
CA LEU B 752 46.56 -13.49 -6.43
C LEU B 752 46.41 -14.99 -6.32
N VAL B 753 47.45 -15.64 -5.80
CA VAL B 753 47.45 -17.08 -5.54
C VAL B 753 47.35 -17.28 -4.04
N VAL B 754 46.34 -18.06 -3.61
CA VAL B 754 46.08 -18.32 -2.21
C VAL B 754 45.89 -19.82 -2.02
N ALA B 755 45.81 -20.23 -0.75
CA ALA B 755 45.47 -21.61 -0.44
C ALA B 755 44.04 -21.90 -0.87
N ALA B 756 43.76 -23.18 -1.14
CA ALA B 756 42.45 -23.56 -1.64
C ALA B 756 41.36 -23.25 -0.63
N ASP B 757 41.64 -23.42 0.66
CA ASP B 757 40.63 -23.22 1.68
C ASP B 757 40.31 -21.75 1.93
N ILE B 758 41.09 -20.83 1.38
CA ILE B 758 40.86 -19.40 1.59
C ILE B 758 39.61 -18.98 0.83
N PRO B 759 38.59 -18.44 1.51
CA PRO B 759 37.39 -17.97 0.80
C PRO B 759 37.73 -16.79 -0.10
N ALA B 760 37.09 -16.76 -1.29
CA ALA B 760 37.32 -15.68 -2.22
C ALA B 760 36.88 -14.34 -1.66
N GLN B 761 35.86 -14.33 -0.80
CA GLN B 761 35.42 -13.08 -0.18
C GLN B 761 36.49 -12.52 0.74
N ALA B 762 37.18 -13.39 1.48
CA ALA B 762 38.24 -12.94 2.38
C ALA B 762 39.37 -12.28 1.60
N VAL B 763 39.68 -12.80 0.41
CA VAL B 763 40.69 -12.18 -0.44
C VAL B 763 40.23 -10.80 -0.89
N ALA B 764 38.95 -10.68 -1.26
CA ALA B 764 38.43 -9.39 -1.69
C ALA B 764 38.40 -8.39 -0.55
N ASP B 765 38.05 -8.85 0.66
CA ASP B 765 38.06 -7.96 1.82
C ASP B 765 39.47 -7.48 2.13
N ALA B 766 40.46 -8.35 1.96
CA ALA B 766 41.85 -7.95 2.18
C ALA B 766 42.31 -6.97 1.11
N VAL B 767 41.94 -7.21 -0.15
CA VAL B 767 42.28 -6.28 -1.22
C VAL B 767 41.60 -4.94 -1.00
N ARG B 768 40.33 -4.96 -0.57
CA ARG B 768 39.60 -3.72 -0.35
C ARG B 768 40.20 -2.91 0.80
N ALA B 769 40.63 -3.60 1.86
CA ALA B 769 41.15 -2.91 3.03
C ALA B 769 42.46 -2.18 2.74
N GLY B 770 43.29 -2.74 1.87
CA GLY B 770 44.58 -2.14 1.58
C GLY B 770 44.55 -1.10 0.46
N ALA B 771 43.61 -1.25 -0.48
CA ALA B 771 43.55 -0.33 -1.60
C ALA B 771 43.19 1.08 -1.17
N GLY B 772 42.34 1.21 -0.16
CA GLY B 772 41.96 2.52 0.34
C GLY B 772 40.70 3.05 -0.31
N ASP B 773 40.52 4.37 -0.19
CA ASP B 773 39.33 5.02 -0.72
C ASP B 773 39.35 5.17 -2.23
N LEU B 774 40.52 5.02 -2.87
CA LEU B 774 40.58 5.12 -4.32
C LEU B 774 39.84 3.97 -5.00
N LEU B 775 39.75 2.81 -4.33
CA LEU B 775 39.08 1.66 -4.90
C LEU B 775 37.59 1.93 -5.01
N GLU B 776 37.09 2.05 -6.24
CA GLU B 776 35.68 2.30 -6.47
C GLU B 776 34.87 1.01 -6.62
N ASP B 777 35.46 -0.02 -7.22
CA ASP B 777 34.74 -1.27 -7.43
C ASP B 777 35.76 -2.41 -7.59
N ILE B 778 35.39 -3.57 -7.08
CA ILE B 778 36.20 -4.78 -7.19
C ILE B 778 35.29 -5.95 -7.54
N ALA B 779 35.76 -6.81 -8.44
CA ALA B 779 34.93 -7.92 -8.92
C ALA B 779 35.81 -9.10 -9.30
N LEU B 780 35.53 -10.25 -8.71
CA LEU B 780 36.22 -11.48 -9.07
C LEU B 780 35.66 -12.02 -10.39
N PHE B 781 36.55 -12.37 -11.32
CA PHE B 781 36.09 -12.91 -12.59
C PHE B 781 36.88 -14.13 -13.06
N ASP B 782 37.77 -14.69 -12.24
CA ASP B 782 38.52 -15.87 -12.65
C ASP B 782 39.04 -16.61 -11.44
N VAL B 783 38.87 -17.93 -11.44
CA VAL B 783 39.45 -18.82 -10.43
C VAL B 783 40.14 -19.94 -11.19
N PHE B 784 41.47 -19.98 -11.13
CA PHE B 784 42.28 -20.88 -11.94
C PHE B 784 43.05 -21.84 -11.05
N THR B 785 42.94 -23.13 -11.35
CA THR B 785 43.62 -24.20 -10.62
C THR B 785 44.35 -25.13 -11.57
N GLY B 786 45.00 -24.56 -12.58
CA GLY B 786 45.69 -25.35 -13.58
C GLY B 786 46.98 -25.95 -13.06
N PRO B 787 47.75 -26.58 -13.97
CA PRO B 787 49.00 -27.22 -13.53
C PRO B 787 50.06 -26.24 -13.05
N GLN B 788 50.12 -25.03 -13.61
CA GLN B 788 51.10 -24.05 -13.13
C GLN B 788 50.77 -23.53 -11.74
N ILE B 789 49.59 -23.85 -11.21
CA ILE B 789 49.22 -23.53 -9.84
C ILE B 789 49.46 -24.77 -8.99
N GLY B 790 50.10 -24.58 -7.83
CA GLY B 790 50.40 -25.71 -6.97
C GLY B 790 49.16 -26.40 -6.45
N GLU B 791 49.36 -27.63 -5.96
CA GLU B 791 48.25 -28.39 -5.40
C GLU B 791 47.68 -27.70 -4.18
N HIS B 792 46.36 -27.83 -4.02
CA HIS B 792 45.63 -27.23 -2.90
C HIS B 792 45.78 -25.71 -2.87
N ARG B 793 46.01 -25.12 -4.04
CA ARG B 793 46.09 -23.67 -4.19
C ARG B 793 45.24 -23.26 -5.39
N LYS B 794 44.88 -21.98 -5.42
CA LYS B 794 44.04 -21.46 -6.49
C LYS B 794 44.43 -20.03 -6.80
N SER B 795 44.34 -19.67 -8.07
CA SER B 795 44.64 -18.31 -8.52
C SER B 795 43.35 -17.54 -8.69
N LEU B 796 43.30 -16.34 -8.10
CA LEU B 796 42.13 -15.47 -8.17
C LEU B 796 42.53 -14.16 -8.85
N THR B 797 41.73 -13.72 -9.80
CA THR B 797 41.98 -12.49 -10.53
C THR B 797 40.78 -11.56 -10.37
N PHE B 798 41.00 -10.42 -9.73
CA PHE B 798 39.96 -9.43 -9.50
C PHE B 798 40.11 -8.27 -10.47
N ALA B 799 38.98 -7.75 -10.93
CA ALA B 799 38.96 -6.54 -11.73
C ALA B 799 38.81 -5.34 -10.79
N LEU B 800 39.83 -4.50 -10.74
CA LEU B 800 39.83 -3.32 -9.88
C LEU B 800 39.48 -2.07 -10.68
N ARG B 801 38.80 -1.14 -10.02
CA ARG B 801 38.42 0.13 -10.63
C ARG B 801 38.75 1.24 -9.64
N PHE B 802 39.74 2.06 -9.97
CA PHE B 802 40.15 3.16 -9.11
C PHE B 802 39.65 4.48 -9.68
N ARG B 803 39.24 5.38 -8.79
CA ARG B 803 38.80 6.71 -9.19
C ARG B 803 38.95 7.66 -8.01
N ALA B 804 39.57 8.81 -8.26
CA ALA B 804 39.72 9.82 -7.22
C ALA B 804 38.55 10.79 -7.25
N PRO B 805 38.18 11.36 -6.09
CA PRO B 805 37.06 12.30 -6.07
C PRO B 805 37.42 13.72 -6.49
N ASP B 806 38.72 14.04 -6.60
CA ASP B 806 39.11 15.43 -6.85
C ASP B 806 40.21 15.58 -7.89
N ARG B 807 40.61 14.50 -8.56
CA ARG B 807 41.74 14.59 -9.49
C ARG B 807 41.71 13.42 -10.44
N THR B 808 42.50 13.53 -11.51
CA THR B 808 42.75 12.42 -12.42
C THR B 808 43.99 11.67 -11.96
N LEU B 809 43.87 10.34 -11.85
CA LEU B 809 44.95 9.53 -11.35
C LEU B 809 45.94 9.18 -12.47
N THR B 810 47.14 8.77 -12.05
CA THR B 810 48.12 8.17 -12.94
C THR B 810 48.20 6.67 -12.65
N GLU B 811 48.82 5.93 -13.58
CA GLU B 811 48.98 4.50 -13.37
C GLU B 811 49.83 4.21 -12.14
N ASP B 812 50.80 5.09 -11.83
CA ASP B 812 51.60 4.91 -10.62
C ASP B 812 50.75 5.14 -9.37
N ASP B 813 49.84 6.11 -9.41
CA ASP B 813 48.94 6.32 -8.28
C ASP B 813 48.04 5.11 -8.08
N ALA B 814 47.52 4.54 -9.17
CA ALA B 814 46.67 3.36 -9.06
C ALA B 814 47.48 2.14 -8.63
N SER B 815 48.69 1.99 -9.19
CA SER B 815 49.52 0.84 -8.83
C SER B 815 49.96 0.90 -7.36
N ALA B 816 50.07 2.10 -6.80
CA ALA B 816 50.38 2.22 -5.38
C ALA B 816 49.26 1.62 -4.53
N ALA B 817 48.01 1.89 -4.87
CA ALA B 817 46.90 1.29 -4.15
C ALA B 817 46.79 -0.21 -4.43
N ARG B 818 47.13 -0.65 -5.64
CA ARG B 818 47.10 -2.07 -5.94
C ARG B 818 48.19 -2.82 -5.18
N ASP B 819 49.41 -2.28 -5.19
CA ASP B 819 50.49 -2.90 -4.43
C ASP B 819 50.20 -2.87 -2.93
N ALA B 820 49.55 -1.82 -2.44
CA ALA B 820 49.11 -1.80 -1.04
C ALA B 820 48.02 -2.84 -0.79
N ALA B 821 47.19 -3.11 -1.79
CA ALA B 821 46.18 -4.15 -1.65
C ALA B 821 46.82 -5.54 -1.62
N VAL B 822 47.85 -5.75 -2.45
CA VAL B 822 48.53 -7.04 -2.46
C VAL B 822 49.22 -7.30 -1.13
N GLN B 823 49.84 -6.27 -0.55
CA GLN B 823 50.48 -6.43 0.75
C GLN B 823 49.45 -6.79 1.83
N SER B 824 48.28 -6.13 1.79
CA SER B 824 47.21 -6.48 2.72
C SER B 824 46.75 -7.92 2.50
N ALA B 825 46.62 -8.34 1.24
CA ALA B 825 46.24 -9.71 0.96
C ALA B 825 47.29 -10.69 1.45
N ALA B 826 48.57 -10.32 1.38
CA ALA B 826 49.63 -11.19 1.87
C ALA B 826 49.56 -11.32 3.39
N GLU B 827 49.21 -10.23 4.09
CA GLU B 827 49.18 -10.26 5.54
C GLU B 827 47.94 -10.94 6.10
N ARG B 828 46.82 -10.90 5.38
CA ARG B 828 45.55 -11.37 5.92
C ARG B 828 45.18 -12.77 5.47
N VAL B 829 45.52 -13.18 4.25
CA VAL B 829 45.15 -14.51 3.79
C VAL B 829 46.36 -15.22 3.18
N GLY B 830 47.53 -14.63 3.33
CA GLY B 830 48.75 -15.24 2.81
C GLY B 830 48.80 -15.33 1.30
N ALA B 831 48.27 -14.32 0.61
CA ALA B 831 48.26 -14.31 -0.84
C ALA B 831 49.65 -14.03 -1.39
N VAL B 832 49.93 -14.61 -2.55
CA VAL B 832 51.17 -14.36 -3.28
C VAL B 832 50.80 -13.80 -4.65
N LEU B 833 51.46 -12.72 -5.03
CA LEU B 833 51.25 -12.14 -6.35
C LEU B 833 51.56 -13.17 -7.43
N ARG B 834 50.65 -13.34 -8.37
CA ARG B 834 50.80 -14.35 -9.41
C ARG B 834 52.06 -14.08 -10.23
N GLY B 835 52.87 -15.12 -10.42
CA GLY B 835 54.10 -15.00 -11.18
C GLY B 835 54.55 -16.32 -11.77
N MET D 2 19.10 -74.84 -8.04
CA MET D 2 18.04 -74.38 -7.16
C MET D 2 17.48 -75.53 -6.32
N LEU D 3 18.34 -76.49 -6.00
CA LEU D 3 17.93 -77.66 -5.23
C LEU D 3 18.83 -77.88 -4.03
N SER D 4 19.93 -78.59 -4.24
CA SER D 4 20.82 -78.97 -3.15
C SER D 4 21.52 -77.75 -2.56
N PRO D 5 22.02 -77.85 -1.32
CA PRO D 5 22.82 -76.76 -0.77
C PRO D 5 24.04 -76.41 -1.59
N GLU D 6 24.51 -77.33 -2.45
CA GLU D 6 25.59 -77.00 -3.37
C GLU D 6 25.16 -75.89 -4.33
N ALA D 7 23.93 -75.96 -4.84
CA ALA D 7 23.41 -74.91 -5.71
C ALA D 7 23.12 -73.63 -4.94
N LEU D 8 22.86 -73.72 -3.64
CA LEU D 8 22.60 -72.54 -2.84
C LEU D 8 23.90 -71.85 -2.43
N THR D 9 24.86 -72.63 -1.92
CA THR D 9 26.15 -72.05 -1.54
C THR D 9 26.88 -71.46 -2.72
N THR D 10 26.68 -72.01 -3.92
CA THR D 10 27.29 -71.45 -5.12
C THR D 10 26.74 -70.07 -5.43
N ALA D 11 25.42 -69.92 -5.36
CA ALA D 11 24.81 -68.63 -5.66
C ALA D 11 25.09 -67.60 -4.56
N VAL D 12 25.19 -68.05 -3.31
CA VAL D 12 25.51 -67.13 -2.22
C VAL D 12 26.92 -66.59 -2.38
N ASP D 13 27.88 -67.45 -2.70
CA ASP D 13 29.26 -66.99 -2.91
C ASP D 13 29.35 -66.09 -4.14
N ALA D 14 28.60 -66.41 -5.19
CA ALA D 14 28.56 -65.54 -6.36
C ALA D 14 27.94 -64.19 -6.02
N ALA D 15 26.97 -64.18 -5.11
CA ALA D 15 26.37 -62.93 -4.67
C ALA D 15 27.25 -62.21 -3.66
N GLN D 16 27.96 -62.95 -2.82
CA GLN D 16 28.75 -62.32 -1.76
C GLN D 16 30.03 -61.68 -2.31
N GLN D 17 30.70 -62.35 -3.26
CA GLN D 17 31.92 -61.79 -3.82
C GLN D 17 31.62 -60.59 -4.70
N ALA D 18 30.47 -60.59 -5.40
CA ALA D 18 30.09 -59.42 -6.17
C ALA D 18 29.67 -58.26 -5.27
N ILE D 19 29.16 -58.57 -4.08
CA ILE D 19 28.81 -57.53 -3.13
C ILE D 19 30.07 -56.88 -2.55
N ALA D 20 31.08 -57.69 -2.23
CA ALA D 20 32.33 -57.16 -1.71
C ALA D 20 33.14 -56.43 -2.79
N LEU D 21 32.86 -56.69 -4.07
CA LEU D 21 33.57 -56.02 -5.14
C LEU D 21 33.05 -54.60 -5.38
N ALA D 22 31.75 -54.38 -5.15
CA ALA D 22 31.15 -53.07 -5.40
C ALA D 22 31.77 -52.02 -4.48
N ASP D 23 32.30 -50.96 -5.08
CA ASP D 23 32.91 -49.87 -4.33
C ASP D 23 32.09 -48.59 -4.35
N THR D 24 31.09 -48.48 -5.21
CA THR D 24 30.19 -47.34 -5.25
C THR D 24 28.76 -47.79 -5.02
N LEU D 25 27.91 -46.85 -4.59
CA LEU D 25 26.52 -47.17 -4.35
C LEU D 25 25.79 -47.55 -5.64
N ASP D 26 26.21 -46.98 -6.77
CA ASP D 26 25.58 -47.31 -8.04
C ASP D 26 25.85 -48.75 -8.45
N VAL D 27 27.08 -49.22 -8.20
CA VAL D 27 27.42 -50.61 -8.55
C VAL D 27 26.68 -51.58 -7.66
N LEU D 28 26.57 -51.27 -6.36
CA LEU D 28 25.84 -52.15 -5.45
C LEU D 28 24.36 -52.25 -5.84
N ALA D 29 23.82 -51.23 -6.50
CA ALA D 29 22.45 -51.29 -6.98
C ALA D 29 22.33 -52.32 -8.10
N ARG D 30 23.35 -52.45 -8.94
CA ARG D 30 23.35 -53.48 -9.96
C ARG D 30 23.45 -54.87 -9.36
N VAL D 31 24.31 -55.03 -8.35
CA VAL D 31 24.46 -56.32 -7.69
C VAL D 31 23.16 -56.72 -7.00
N LYS D 32 22.45 -55.75 -6.41
CA LYS D 32 21.18 -56.03 -5.78
C LYS D 32 20.15 -56.56 -6.78
N THR D 33 20.23 -56.09 -8.03
CA THR D 33 19.29 -56.55 -9.04
C THR D 33 19.60 -57.96 -9.51
N GLU D 34 20.87 -58.26 -9.77
CA GLU D 34 21.27 -59.53 -10.34
C GLU D 34 21.48 -60.62 -9.31
N HIS D 35 21.63 -60.28 -8.03
CA HIS D 35 21.88 -61.27 -6.99
C HIS D 35 20.83 -61.30 -5.90
N LEU D 36 19.92 -60.33 -5.85
CA LEU D 36 18.81 -60.37 -4.90
C LEU D 36 17.47 -60.01 -5.53
N GLY D 37 17.45 -59.50 -6.76
CA GLY D 37 16.22 -59.15 -7.42
C GLY D 37 15.43 -60.37 -7.86
N ASP D 38 14.32 -60.10 -8.56
CA ASP D 38 13.42 -61.17 -8.99
C ASP D 38 14.06 -62.12 -9.99
N ARG D 39 15.07 -61.66 -10.74
CA ARG D 39 15.73 -62.47 -11.76
C ARG D 39 17.03 -63.08 -11.25
N SER D 40 17.24 -63.08 -9.95
CA SER D 40 18.46 -63.60 -9.35
C SER D 40 18.33 -65.09 -9.07
N PRO D 41 19.47 -65.80 -8.97
CA PRO D 41 19.39 -67.25 -8.68
C PRO D 41 18.70 -67.56 -7.36
N LEU D 42 18.98 -66.78 -6.31
CA LEU D 42 18.36 -67.04 -5.02
C LEU D 42 16.86 -66.79 -5.04
N ALA D 43 16.40 -65.87 -5.89
CA ALA D 43 14.95 -65.65 -6.00
C ALA D 43 14.28 -66.78 -6.75
N LEU D 44 14.95 -67.33 -7.77
CA LEU D 44 14.37 -68.43 -8.53
C LEU D 44 14.28 -69.69 -7.70
N ALA D 45 15.15 -69.82 -6.68
CA ALA D 45 15.08 -70.97 -5.80
C ALA D 45 13.82 -70.93 -4.93
N ARG D 46 13.44 -69.74 -4.46
CA ARG D 46 12.19 -69.58 -3.72
C ARG D 46 10.96 -69.70 -4.62
N GLN D 47 11.09 -69.40 -5.91
CA GLN D 47 9.98 -69.59 -6.83
C GLN D 47 9.76 -71.05 -7.17
N ALA D 48 10.81 -71.86 -7.16
CA ALA D 48 10.69 -73.30 -7.43
C ALA D 48 10.13 -74.07 -6.24
N LEU D 49 9.93 -73.42 -5.10
CA LEU D 49 9.35 -74.10 -3.94
C LEU D 49 7.87 -74.35 -4.12
N ALA D 50 7.21 -73.66 -5.05
CA ALA D 50 5.79 -73.89 -5.29
C ALA D 50 5.56 -75.13 -6.15
N VAL D 51 6.46 -75.41 -7.10
CA VAL D 51 6.32 -76.59 -7.95
C VAL D 51 6.89 -77.84 -7.30
N LEU D 52 7.44 -77.74 -6.09
CA LEU D 52 7.95 -78.89 -5.37
C LEU D 52 6.81 -79.62 -4.65
N PRO D 53 6.93 -80.93 -4.47
CA PRO D 53 5.90 -81.65 -3.71
C PRO D 53 5.72 -81.07 -2.31
N LYS D 54 4.49 -81.14 -1.81
CA LYS D 54 4.15 -80.50 -0.55
C LYS D 54 4.94 -81.08 0.61
N GLU D 55 5.29 -82.36 0.55
CA GLU D 55 6.05 -82.99 1.62
C GLU D 55 7.50 -82.51 1.69
N GLN D 56 7.99 -81.84 0.65
CA GLN D 56 9.36 -81.39 0.58
C GLN D 56 9.52 -79.88 0.68
N ARG D 57 8.41 -79.14 0.78
CA ARG D 57 8.50 -77.68 0.83
C ARG D 57 9.09 -77.20 2.15
N ALA D 58 8.75 -77.87 3.26
CA ALA D 58 9.24 -77.43 4.57
C ALA D 58 10.74 -77.64 4.71
N GLU D 59 11.26 -78.74 4.17
CA GLU D 59 12.69 -79.00 4.28
C GLU D 59 13.50 -78.13 3.33
N ALA D 60 13.14 -78.14 2.04
CA ALA D 60 13.89 -77.36 1.06
C ALA D 60 13.71 -75.86 1.26
N GLY D 61 12.51 -75.45 1.69
CA GLY D 61 12.29 -74.04 1.95
C GLY D 61 13.11 -73.48 3.09
N LYS D 62 13.47 -74.33 4.04
CA LYS D 62 14.31 -73.89 5.16
C LYS D 62 15.74 -73.63 4.70
N ARG D 63 16.24 -74.45 3.76
CA ARG D 63 17.59 -74.25 3.25
C ARG D 63 17.68 -73.01 2.38
N VAL D 64 16.56 -72.59 1.77
CA VAL D 64 16.56 -71.40 0.94
C VAL D 64 16.57 -70.14 1.80
N ASN D 65 15.85 -70.17 2.92
CA ASN D 65 15.78 -68.99 3.79
C ASN D 65 17.15 -68.68 4.40
N ALA D 66 17.90 -69.71 4.80
CA ALA D 66 19.23 -69.48 5.36
C ALA D 66 20.20 -68.98 4.30
N ALA D 67 20.04 -69.43 3.05
CA ALA D 67 20.91 -68.95 1.98
C ALA D 67 20.56 -67.52 1.58
N ARG D 68 19.26 -67.21 1.52
CA ARG D 68 18.84 -65.85 1.18
C ARG D 68 19.25 -64.86 2.28
N ASN D 69 19.13 -65.27 3.54
CA ASN D 69 19.54 -64.40 4.64
C ASN D 69 21.04 -64.17 4.64
N ALA D 70 21.82 -65.12 4.09
CA ALA D 70 23.27 -64.94 4.02
C ALA D 70 23.62 -63.82 3.05
N ALA D 71 23.05 -63.86 1.84
CA ALA D 71 23.32 -62.81 0.87
C ALA D 71 22.66 -61.49 1.27
N GLN D 72 21.51 -61.56 1.94
CA GLN D 72 20.84 -60.33 2.39
C GLN D 72 21.65 -59.65 3.48
N ARG D 73 22.23 -60.43 4.40
CA ARG D 73 23.03 -59.85 5.47
C ARG D 73 24.30 -59.20 4.92
N SER D 74 24.93 -59.83 3.92
CA SER D 74 26.12 -59.25 3.33
C SER D 74 25.80 -57.97 2.55
N TYR D 75 24.59 -57.87 2.00
CA TYR D 75 24.21 -56.66 1.28
C TYR D 75 24.00 -55.50 2.24
N ASP D 76 23.32 -55.74 3.37
CA ASP D 76 23.02 -54.65 4.30
C ASP D 76 24.30 -54.09 4.92
N GLU D 77 25.23 -54.96 5.32
CA GLU D 77 26.48 -54.49 5.90
C GLU D 77 27.34 -53.77 4.86
N ARG D 78 27.26 -54.20 3.60
CA ARG D 78 28.00 -53.52 2.54
C ARG D 78 27.35 -52.18 2.19
N LEU D 79 26.02 -52.13 2.21
CA LEU D 79 25.32 -50.87 1.97
C LEU D 79 25.63 -49.86 3.07
N ALA D 80 25.71 -50.31 4.32
CA ALA D 80 26.05 -49.41 5.41
C ALA D 80 27.50 -48.96 5.34
N THR D 81 28.40 -49.83 4.86
CA THR D 81 29.80 -49.44 4.75
C THR D 81 29.99 -48.37 3.68
N LEU D 82 29.37 -48.57 2.51
CA LEU D 82 29.49 -47.59 1.44
C LEU D 82 28.80 -46.29 1.80
N ARG D 83 27.67 -46.37 2.49
CA ARG D 83 26.99 -45.15 2.95
C ARG D 83 27.83 -44.41 3.98
N ALA D 84 28.52 -45.15 4.85
CA ALA D 84 29.40 -44.51 5.83
C ALA D 84 30.58 -43.83 5.14
N GLU D 85 31.19 -44.49 4.17
CA GLU D 85 32.28 -43.88 3.41
C GLU D 85 31.80 -42.65 2.66
N ARG D 86 30.62 -42.73 2.04
CA ARG D 86 30.07 -41.59 1.31
C ARG D 86 29.84 -40.41 2.25
N ASP D 87 29.25 -40.67 3.42
CA ASP D 87 28.97 -39.59 4.36
C ASP D 87 30.24 -38.97 4.91
N ALA D 88 31.31 -39.75 5.03
CA ALA D 88 32.58 -39.22 5.54
C ALA D 88 33.42 -38.55 4.48
N ALA D 89 33.02 -38.63 3.21
CA ALA D 89 33.80 -38.07 2.11
C ALA D 89 33.15 -36.86 1.45
N VAL D 90 31.89 -36.55 1.75
CA VAL D 90 31.21 -35.46 1.08
C VAL D 90 31.83 -34.11 1.46
N LEU D 91 32.39 -34.00 2.66
CA LEU D 91 32.92 -32.72 3.12
C LEU D 91 34.07 -32.25 2.23
N VAL D 92 35.01 -33.14 1.92
CA VAL D 92 36.20 -32.76 1.18
C VAL D 92 36.03 -33.00 -0.31
N ALA D 93 35.53 -34.17 -0.71
CA ALA D 93 35.44 -34.53 -2.12
C ALA D 93 34.43 -33.68 -2.89
N GLU D 94 33.57 -32.92 -2.20
CA GLU D 94 32.60 -32.07 -2.87
C GLU D 94 32.52 -30.69 -2.23
N GLY D 95 33.62 -30.24 -1.63
CA GLY D 95 33.62 -28.94 -0.97
C GLY D 95 33.72 -27.79 -1.98
N ILE D 96 33.00 -26.72 -1.70
CA ILE D 96 32.97 -25.55 -2.56
C ILE D 96 33.25 -24.30 -1.72
N ASP D 97 33.60 -23.22 -2.40
CA ASP D 97 33.76 -21.92 -1.77
C ASP D 97 32.39 -21.25 -1.74
N VAL D 98 31.73 -21.31 -0.58
CA VAL D 98 30.39 -20.76 -0.44
C VAL D 98 30.35 -19.24 -0.44
N THR D 99 31.50 -18.57 -0.48
CA THR D 99 31.57 -17.11 -0.51
C THR D 99 31.77 -16.54 -1.90
N LEU D 100 31.74 -17.38 -2.93
CA LEU D 100 31.90 -16.91 -4.29
C LEU D 100 30.73 -15.99 -4.66
N PRO D 101 30.97 -14.99 -5.52
CA PRO D 101 29.86 -14.18 -6.02
C PRO D 101 28.88 -15.05 -6.80
N SER D 102 27.59 -14.78 -6.59
CA SER D 102 26.55 -15.61 -7.16
C SER D 102 25.51 -14.83 -7.96
N THR D 103 25.62 -13.50 -8.02
CA THR D 103 24.60 -12.66 -8.66
C THR D 103 24.93 -12.56 -10.14
N ARG D 104 24.28 -13.41 -10.95
CA ARG D 104 24.47 -13.36 -12.39
C ARG D 104 23.78 -12.17 -13.02
N VAL D 105 22.69 -11.71 -12.41
CA VAL D 105 21.96 -10.54 -12.86
C VAL D 105 21.95 -9.53 -11.72
N PRO D 106 22.87 -8.56 -11.72
CA PRO D 106 22.88 -7.57 -10.64
C PRO D 106 21.64 -6.70 -10.65
N ALA D 107 21.12 -6.44 -9.47
CA ALA D 107 19.89 -5.66 -9.34
C ALA D 107 20.12 -4.22 -9.78
N GLY D 108 19.03 -3.58 -10.20
CA GLY D 108 19.04 -2.18 -10.58
C GLY D 108 18.66 -1.30 -9.41
N ALA D 109 18.01 -0.18 -9.74
CA ALA D 109 17.62 0.78 -8.71
C ALA D 109 16.53 1.69 -9.25
N ARG D 110 15.42 1.79 -8.52
CA ARG D 110 14.48 2.87 -8.76
C ARG D 110 15.06 4.18 -8.26
N HIS D 111 14.62 5.28 -8.84
CA HIS D 111 15.21 6.56 -8.52
C HIS D 111 14.82 6.99 -7.11
N PRO D 112 15.74 7.59 -6.35
CA PRO D 112 15.41 8.02 -4.98
C PRO D 112 14.27 9.01 -4.91
N ILE D 113 14.13 9.89 -5.90
CA ILE D 113 13.01 10.82 -5.92
C ILE D 113 11.70 10.09 -6.10
N ILE D 114 11.70 9.06 -6.95
CA ILE D 114 10.49 8.26 -7.14
C ILE D 114 10.18 7.47 -5.87
N MET D 115 11.20 6.93 -5.22
CA MET D 115 10.99 6.21 -3.96
C MET D 115 10.49 7.15 -2.87
N LEU D 116 11.10 8.33 -2.74
CA LEU D 116 10.61 9.31 -1.78
C LEU D 116 9.19 9.74 -2.08
N ALA D 117 8.86 9.92 -3.36
CA ALA D 117 7.50 10.25 -3.75
C ALA D 117 6.54 9.12 -3.36
N GLU D 118 6.98 7.87 -3.53
CA GLU D 118 6.15 6.73 -3.16
C GLU D 118 5.93 6.67 -1.65
N HIS D 119 6.98 6.96 -0.87
CA HIS D 119 6.84 6.95 0.58
C HIS D 119 5.94 8.08 1.04
N VAL D 120 6.01 9.24 0.39
CA VAL D 120 5.11 10.34 0.71
C VAL D 120 3.67 9.97 0.35
N ALA D 121 3.48 9.34 -0.81
CA ALA D 121 2.14 8.92 -1.22
C ALA D 121 1.54 7.93 -0.21
N ASP D 122 2.31 6.90 0.16
CA ASP D 122 1.83 5.92 1.12
C ASP D 122 1.47 6.57 2.46
N THR D 123 2.19 7.62 2.85
CA THR D 123 1.88 8.29 4.11
C THR D 123 0.49 8.90 4.08
N PHE D 124 0.12 9.53 2.95
CA PHE D 124 -1.18 10.19 2.88
C PHE D 124 -2.30 9.21 2.54
N ILE D 125 -2.00 8.15 1.79
CA ILE D 125 -3.00 7.09 1.58
C ILE D 125 -3.41 6.49 2.92
N ALA D 126 -2.44 6.30 3.81
CA ALA D 126 -2.73 5.76 5.14
C ALA D 126 -3.58 6.70 5.98
N MET D 127 -3.63 7.99 5.64
CA MET D 127 -4.50 8.95 6.30
C MET D 127 -5.74 9.26 5.48
N GLY D 128 -6.14 8.37 4.59
CA GLY D 128 -7.37 8.51 3.84
C GLY D 128 -7.31 9.38 2.61
N TRP D 129 -6.16 9.97 2.30
CA TRP D 129 -6.06 10.82 1.12
C TRP D 129 -5.87 9.97 -0.14
N GLU D 130 -5.88 10.64 -1.28
CA GLU D 130 -5.74 9.97 -2.57
C GLU D 130 -4.78 10.77 -3.45
N LEU D 131 -4.37 10.15 -4.56
CA LEU D 131 -3.42 10.75 -5.49
C LEU D 131 -4.14 11.16 -6.78
N ALA D 132 -3.73 12.29 -7.34
CA ALA D 132 -4.25 12.79 -8.61
C ALA D 132 -3.10 13.25 -9.49
N GLU D 133 -3.32 13.17 -10.80
CA GLU D 133 -2.32 13.56 -11.79
C GLU D 133 -2.86 14.66 -12.69
N GLY D 134 -1.94 15.27 -13.44
CA GLY D 134 -2.30 16.33 -14.36
C GLY D 134 -1.23 16.54 -15.41
N PRO D 135 -1.58 17.20 -16.51
CA PRO D 135 -0.61 17.42 -17.58
C PRO D 135 0.47 18.41 -17.19
N GLU D 136 1.67 18.17 -17.70
CA GLU D 136 2.80 19.07 -17.42
C GLU D 136 2.75 20.31 -18.28
N VAL D 137 2.18 20.23 -19.48
CA VAL D 137 1.89 21.40 -20.30
C VAL D 137 0.47 21.83 -19.96
N GLU D 138 0.35 22.91 -19.19
CA GLU D 138 -0.92 23.34 -18.64
C GLU D 138 -1.34 24.68 -19.23
N THR D 139 -2.65 24.91 -19.30
CA THR D 139 -3.17 26.21 -19.69
C THR D 139 -2.89 27.24 -18.61
N GLU D 140 -2.71 28.48 -19.02
CA GLU D 140 -2.50 29.57 -18.07
C GLU D 140 -3.73 29.81 -17.20
N GLN D 141 -4.90 29.34 -17.63
CA GLN D 141 -6.11 29.48 -16.83
C GLN D 141 -5.98 28.74 -15.50
N PHE D 142 -5.58 27.47 -15.56
CA PHE D 142 -5.45 26.67 -14.34
C PHE D 142 -4.13 26.87 -13.63
N ASN D 143 -3.12 27.42 -14.31
CA ASN D 143 -1.81 27.60 -13.70
C ASN D 143 -1.66 28.90 -12.96
N PHE D 144 -2.40 29.94 -13.36
CA PHE D 144 -2.28 31.25 -12.73
C PHE D 144 -3.64 31.88 -12.47
N ASP D 145 -4.50 31.93 -13.49
CA ASP D 145 -5.77 32.65 -13.37
C ASP D 145 -6.64 32.06 -12.27
N ALA D 146 -6.89 30.76 -12.31
CA ALA D 146 -7.71 30.11 -11.29
C ALA D 146 -7.03 30.05 -9.93
N LEU D 147 -5.73 30.34 -9.85
CA LEU D 147 -4.99 30.36 -8.60
C LEU D 147 -4.80 31.77 -8.05
N ASN D 148 -5.69 32.69 -8.42
CA ASN D 148 -5.73 34.05 -7.88
C ASN D 148 -4.45 34.82 -8.18
N PHE D 149 -3.76 34.47 -9.25
CA PHE D 149 -2.62 35.27 -9.68
C PHE D 149 -3.09 36.52 -10.39
N PRO D 150 -2.64 37.71 -9.99
CA PRO D 150 -3.00 38.93 -10.71
C PRO D 150 -2.51 38.91 -12.14
N ALA D 151 -3.11 39.76 -12.97
CA ALA D 151 -2.77 39.80 -14.39
C ALA D 151 -1.35 40.29 -14.61
N ASP D 152 -0.87 41.24 -13.79
CA ASP D 152 0.47 41.78 -13.90
C ASP D 152 1.43 41.17 -12.89
N HIS D 153 1.26 39.90 -12.57
CA HIS D 153 2.14 39.24 -11.61
C HIS D 153 3.51 39.01 -12.22
N PRO D 154 4.59 39.19 -11.45
CA PRO D 154 5.93 38.99 -12.02
C PRO D 154 6.21 37.55 -12.44
N ALA D 155 5.59 36.57 -11.79
CA ALA D 155 5.83 35.18 -12.16
C ALA D 155 5.19 34.80 -13.49
N ARG D 156 4.19 35.57 -13.95
CA ARG D 156 3.61 35.34 -15.27
C ARG D 156 4.55 35.73 -16.40
N GLY D 157 5.66 36.40 -16.11
CA GLY D 157 6.56 36.85 -17.15
C GLY D 157 7.33 35.72 -17.80
N GLU D 158 8.05 36.07 -18.86
CA GLU D 158 8.87 35.11 -19.58
C GLU D 158 10.18 34.79 -18.86
N GLN D 159 10.49 35.49 -17.77
CA GLN D 159 11.76 35.26 -17.09
C GLN D 159 11.67 34.11 -16.09
N ASP D 160 10.52 33.92 -15.44
CA ASP D 160 10.38 32.92 -14.39
C ASP D 160 9.54 31.72 -14.79
N THR D 161 8.96 31.72 -16.00
CA THR D 161 8.05 30.66 -16.40
C THR D 161 8.35 30.25 -17.84
N PHE D 162 8.49 28.95 -18.07
CA PHE D 162 8.63 28.42 -19.42
C PHE D 162 7.29 28.54 -20.14
N TYR D 163 7.24 29.38 -21.17
CA TYR D 163 6.04 29.57 -21.97
C TYR D 163 6.18 28.88 -23.31
N ILE D 164 5.05 28.41 -23.83
CA ILE D 164 5.02 27.70 -25.10
C ILE D 164 4.89 28.72 -26.23
N ALA D 165 5.79 28.63 -27.20
CA ALA D 165 5.75 29.53 -28.35
C ALA D 165 4.52 29.23 -29.20
N PRO D 166 3.95 30.25 -29.86
CA PRO D 166 4.38 31.67 -29.91
C PRO D 166 4.00 32.46 -28.67
N GLU D 167 4.31 33.75 -28.65
CA GLU D 167 4.06 34.59 -27.49
C GLU D 167 2.57 34.76 -27.25
N ASP D 168 2.20 34.89 -25.97
CA ASP D 168 0.81 35.12 -25.55
C ASP D 168 -0.10 33.98 -25.99
N SER D 169 0.40 32.74 -25.86
CA SER D 169 -0.39 31.57 -26.20
C SER D 169 -1.20 31.04 -25.02
N ARG D 170 -1.04 31.61 -23.83
CA ARG D 170 -1.72 31.15 -22.62
C ARG D 170 -1.50 29.67 -22.40
N GLN D 171 -0.30 29.20 -22.75
CA GLN D 171 0.08 27.80 -22.61
C GLN D 171 1.54 27.76 -22.17
N LEU D 172 1.84 26.93 -21.17
CA LEU D 172 3.14 26.98 -20.53
C LEU D 172 3.44 25.63 -19.89
N LEU D 173 4.69 25.49 -19.43
CA LEU D 173 5.05 24.43 -18.51
C LEU D 173 4.70 24.88 -17.10
N ARG D 174 4.04 24.01 -16.33
CA ARG D 174 3.52 24.41 -15.03
C ARG D 174 4.65 24.77 -14.08
N THR D 175 4.47 25.88 -13.36
CA THR D 175 5.40 26.32 -12.33
C THR D 175 5.15 25.65 -10.99
N HIS D 176 4.12 24.81 -10.89
CA HIS D 176 3.79 24.07 -9.68
C HIS D 176 2.72 23.05 -10.04
N THR D 177 2.48 22.11 -9.13
CA THR D 177 1.45 21.10 -9.30
C THR D 177 0.08 21.59 -8.84
N SER D 178 -0.04 22.87 -8.51
CA SER D 178 -1.34 23.40 -8.08
C SER D 178 -2.44 23.25 -9.12
N PRO D 179 -2.21 23.44 -10.42
CA PRO D 179 -3.30 23.23 -11.39
C PRO D 179 -3.85 21.81 -11.39
N VAL D 180 -3.08 20.82 -10.92
CA VAL D 180 -3.62 19.47 -10.80
C VAL D 180 -4.74 19.44 -9.78
N GLN D 181 -4.59 20.21 -8.70
CA GLN D 181 -5.61 20.24 -7.66
C GLN D 181 -6.79 21.12 -8.05
N ILE D 182 -6.58 22.11 -8.92
CA ILE D 182 -7.69 22.86 -9.47
C ILE D 182 -8.58 21.96 -10.33
N ARG D 183 -7.95 21.06 -11.10
CA ARG D 183 -8.72 20.12 -11.90
C ARG D 183 -9.49 19.14 -11.02
N THR D 184 -8.85 18.64 -9.96
CA THR D 184 -9.53 17.72 -9.05
C THR D 184 -10.69 18.41 -8.35
N LEU D 185 -10.51 19.68 -7.98
CA LEU D 185 -11.59 20.43 -7.35
C LEU D 185 -12.77 20.61 -8.30
N LEU D 186 -12.50 20.73 -9.60
CA LEU D 186 -13.57 20.87 -10.58
C LEU D 186 -14.21 19.52 -10.93
N ALA D 187 -13.44 18.44 -10.86
CA ALA D 187 -13.91 17.14 -11.34
C ALA D 187 -14.51 16.26 -10.25
N ARG D 188 -14.09 16.43 -9.00
CA ARG D 188 -14.54 15.56 -7.92
C ARG D 188 -15.55 16.27 -7.03
N GLU D 189 -16.31 15.47 -6.30
CA GLU D 189 -17.28 15.98 -5.34
C GLU D 189 -16.60 16.20 -3.99
N LEU D 190 -17.19 17.09 -3.20
CA LEU D 190 -16.66 17.38 -1.88
C LEU D 190 -17.11 16.30 -0.88
N PRO D 191 -16.30 16.03 0.16
CA PRO D 191 -15.00 16.64 0.48
C PRO D 191 -13.86 16.09 -0.36
N VAL D 192 -12.77 16.84 -0.50
CA VAL D 192 -11.62 16.45 -1.30
C VAL D 192 -10.39 16.38 -0.38
N TYR D 193 -9.67 15.26 -0.45
CA TYR D 193 -8.41 15.08 0.28
C TYR D 193 -7.45 14.41 -0.70
N ILE D 194 -6.72 15.23 -1.46
CA ILE D 194 -5.84 14.72 -2.51
C ILE D 194 -4.43 15.28 -2.32
N ILE D 195 -3.45 14.51 -2.79
CA ILE D 195 -2.10 15.01 -2.98
C ILE D 195 -1.71 14.78 -4.42
N SER D 196 -0.89 15.69 -4.96
CA SER D 196 -0.39 15.58 -6.32
C SER D 196 1.14 15.60 -6.27
N ILE D 197 1.75 14.61 -6.91
CA ILE D 197 3.20 14.51 -7.01
C ILE D 197 3.53 14.49 -8.49
N GLY D 198 4.11 15.59 -8.99
CA GLY D 198 4.39 15.70 -10.41
C GLY D 198 5.62 16.52 -10.67
N ARG D 199 5.99 16.58 -11.94
CA ARG D 199 7.19 17.29 -12.37
C ARG D 199 6.87 18.78 -12.54
N THR D 200 7.76 19.63 -12.03
CA THR D 200 7.55 21.07 -12.00
C THR D 200 8.71 21.75 -12.72
N PHE D 201 8.40 22.86 -13.40
CA PHE D 201 9.35 23.53 -14.29
C PHE D 201 9.51 24.99 -13.85
N ARG D 202 10.69 25.33 -13.35
CA ARG D 202 11.05 26.70 -13.01
C ARG D 202 12.27 27.12 -13.82
N THR D 203 12.55 28.42 -13.80
CA THR D 203 13.58 29.00 -14.65
C THR D 203 14.98 28.92 -14.06
N ASP D 204 15.14 28.41 -12.84
CA ASP D 204 16.43 28.42 -12.19
C ASP D 204 17.44 27.55 -12.94
N GLU D 205 18.68 28.03 -12.97
CA GLU D 205 19.74 27.29 -13.65
C GLU D 205 20.18 26.10 -12.80
N LEU D 206 20.72 25.09 -13.47
CA LEU D 206 21.09 23.83 -12.82
C LEU D 206 22.48 23.96 -12.20
N ASP D 207 22.54 23.96 -10.87
CA ASP D 207 23.81 23.92 -10.17
C ASP D 207 23.74 22.95 -8.99
N ALA D 208 24.48 23.24 -7.92
CA ALA D 208 24.58 22.30 -6.80
C ALA D 208 23.34 22.29 -5.93
N THR D 209 22.58 23.39 -5.90
CA THR D 209 21.41 23.48 -5.02
C THR D 209 20.14 23.90 -5.76
N HIS D 210 20.18 24.03 -7.08
CA HIS D 210 19.00 24.40 -7.86
C HIS D 210 18.91 23.51 -9.09
N THR D 211 17.69 23.40 -9.61
CA THR D 211 17.43 22.65 -10.83
C THR D 211 16.18 23.22 -11.49
N PRO D 212 16.18 23.37 -12.82
CA PRO D 212 14.97 23.87 -13.49
C PRO D 212 13.83 22.87 -13.49
N ILE D 213 14.15 21.58 -13.48
CA ILE D 213 13.15 20.51 -13.51
C ILE D 213 13.22 19.80 -12.17
N PHE D 214 12.20 19.96 -11.35
CA PHE D 214 12.16 19.32 -10.04
C PHE D 214 10.75 18.78 -9.79
N HIS D 215 10.66 17.85 -8.85
CA HIS D 215 9.40 17.24 -8.45
C HIS D 215 8.99 17.79 -7.09
N GLN D 216 7.72 18.13 -6.96
CA GLN D 216 7.20 18.63 -5.69
C GLN D 216 5.90 17.90 -5.36
N VAL D 217 5.61 17.82 -4.07
CA VAL D 217 4.37 17.24 -3.56
C VAL D 217 3.49 18.38 -3.06
N GLU D 218 2.25 18.41 -3.54
CA GLU D 218 1.27 19.39 -3.10
C GLU D 218 0.04 18.67 -2.56
N GLY D 219 -0.46 19.13 -1.43
CA GLY D 219 -1.65 18.58 -0.81
C GLY D 219 -2.79 19.58 -0.83
N LEU D 220 -4.00 19.07 -0.91
CA LEU D 220 -5.18 19.92 -0.96
C LEU D 220 -6.32 19.21 -0.25
N ALA D 221 -6.85 19.84 0.80
CA ALA D 221 -7.98 19.31 1.55
C ALA D 221 -9.05 20.38 1.63
N VAL D 222 -10.27 20.06 1.18
CA VAL D 222 -11.39 20.97 1.22
C VAL D 222 -12.57 20.25 1.85
N ASP D 223 -13.02 20.72 3.00
CA ASP D 223 -14.10 20.08 3.73
C ASP D 223 -14.82 21.15 4.56
N ARG D 224 -15.80 20.71 5.34
CA ARG D 224 -16.54 21.60 6.23
C ARG D 224 -15.79 21.75 7.54
N GLY D 225 -15.34 22.96 7.83
CA GLY D 225 -14.71 23.23 9.12
C GLY D 225 -13.24 22.88 9.22
N LEU D 226 -12.50 22.94 8.11
CA LEU D 226 -11.06 22.74 8.16
C LEU D 226 -10.38 24.02 8.64
N SER D 227 -9.47 23.88 9.59
CA SER D 227 -8.81 25.02 10.20
C SER D 227 -7.29 24.94 9.97
N MET D 228 -6.61 25.99 10.41
CA MET D 228 -5.15 25.97 10.41
C MET D 228 -4.61 24.87 11.31
N ALA D 229 -5.38 24.49 12.34
CA ALA D 229 -4.95 23.40 13.21
C ALA D 229 -4.90 22.08 12.45
N HIS D 230 -5.86 21.86 11.55
CA HIS D 230 -5.83 20.65 10.73
C HIS D 230 -4.66 20.69 9.75
N LEU D 231 -4.37 21.87 9.20
CA LEU D 231 -3.18 22.04 8.37
C LEU D 231 -1.92 21.70 9.16
N ARG D 232 -1.78 22.28 10.35
CA ARG D 232 -0.59 22.01 11.16
C ARG D 232 -0.51 20.54 11.56
N GLY D 233 -1.66 19.92 11.84
CA GLY D 233 -1.66 18.51 12.18
C GLY D 233 -1.20 17.64 11.02
N THR D 234 -1.67 17.93 9.81
CA THR D 234 -1.25 17.17 8.64
C THR D 234 0.25 17.35 8.39
N LEU D 235 0.75 18.59 8.49
CA LEU D 235 2.16 18.83 8.26
C LEU D 235 3.04 18.07 9.25
N ASP D 236 2.59 17.98 10.51
CA ASP D 236 3.39 17.28 11.51
C ASP D 236 3.43 15.78 11.23
N ALA D 237 2.32 15.19 10.79
CA ALA D 237 2.33 13.79 10.39
C ALA D 237 3.22 13.59 9.15
N PHE D 238 3.18 14.55 8.23
CA PHE D 238 4.06 14.51 7.06
C PHE D 238 5.52 14.57 7.50
N ALA D 239 5.85 15.44 8.46
CA ALA D 239 7.24 15.57 8.88
C ALA D 239 7.71 14.35 9.66
N ARG D 240 6.82 13.75 10.46
CA ARG D 240 7.22 12.59 11.24
C ARG D 240 7.52 11.39 10.35
N ALA D 241 6.75 11.22 9.28
CA ALA D 241 6.95 10.07 8.40
C ALA D 241 8.24 10.17 7.59
N GLU D 242 8.71 11.39 7.34
CA GLU D 242 9.89 11.58 6.49
C GLU D 242 11.15 11.90 7.28
N PHE D 243 11.03 12.44 8.50
CA PHE D 243 12.19 12.88 9.25
C PHE D 243 12.34 12.21 10.62
N GLY D 244 11.41 11.34 11.01
CA GLY D 244 11.54 10.60 12.24
C GLY D 244 10.50 10.98 13.29
N PRO D 245 10.47 10.23 14.39
CA PRO D 245 9.46 10.49 15.42
C PRO D 245 9.63 11.82 16.12
N SER D 246 10.85 12.35 16.20
CA SER D 246 11.11 13.62 16.87
C SER D 246 10.91 14.82 15.96
N ALA D 247 10.36 14.62 14.76
CA ALA D 247 10.18 15.71 13.82
C ALA D 247 8.96 16.55 14.19
N ARG D 248 9.08 17.86 13.96
CA ARG D 248 8.00 18.79 14.22
C ARG D 248 8.15 19.97 13.28
N THR D 249 7.02 20.56 12.90
CA THR D 249 7.01 21.66 11.95
C THR D 249 6.84 23.00 12.65
N ARG D 250 7.24 24.06 11.95
CA ARG D 250 7.06 25.44 12.39
C ARG D 250 6.58 26.26 11.20
N ILE D 251 5.54 27.07 11.42
CA ILE D 251 4.97 27.89 10.36
C ILE D 251 5.15 29.36 10.72
N ARG D 252 5.59 30.14 9.74
CA ARG D 252 5.74 31.58 9.83
C ARG D 252 4.88 32.25 8.76
N PRO D 253 4.23 33.37 9.06
CA PRO D 253 3.40 34.03 8.06
C PRO D 253 4.20 34.42 6.83
N HIS D 254 3.58 34.27 5.67
CA HIS D 254 4.21 34.60 4.39
C HIS D 254 3.09 34.99 3.42
N PHE D 255 3.38 34.92 2.13
CA PHE D 255 2.39 35.28 1.11
C PHE D 255 2.45 34.30 -0.05
N PHE D 256 1.27 33.92 -0.53
CA PHE D 256 1.11 33.15 -1.75
C PHE D 256 -0.21 33.58 -2.36
N PRO D 257 -0.28 33.73 -3.68
CA PRO D 257 -1.51 34.29 -4.29
C PRO D 257 -2.74 33.43 -4.07
N PHE D 258 -2.59 32.12 -3.91
CA PHE D 258 -3.71 31.20 -3.83
C PHE D 258 -4.09 30.82 -2.40
N THR D 259 -3.42 31.37 -1.39
CA THR D 259 -3.73 31.08 -0.01
C THR D 259 -3.89 32.37 0.78
N GLU D 260 -4.70 32.30 1.83
CA GLU D 260 -4.95 33.43 2.72
C GLU D 260 -5.66 32.95 3.99
N PRO D 261 -4.97 32.89 5.13
CA PRO D 261 -3.56 33.28 5.38
C PRO D 261 -2.55 32.31 4.76
N SER D 262 -1.32 32.77 4.55
CA SER D 262 -0.26 31.96 3.97
C SER D 262 0.88 31.81 4.97
N ALA D 263 1.69 30.77 4.76
CA ALA D 263 2.78 30.50 5.69
C ALA D 263 3.85 29.66 5.02
N GLU D 264 5.08 29.81 5.51
CA GLU D 264 6.20 28.95 5.13
C GLU D 264 6.42 27.91 6.22
N VAL D 265 6.76 26.70 5.82
CA VAL D 265 6.91 25.58 6.74
C VAL D 265 8.39 25.30 6.95
N ASP D 266 8.82 25.30 8.20
CA ASP D 266 10.16 24.87 8.58
C ASP D 266 10.04 23.54 9.33
N VAL D 267 11.06 22.70 9.18
CA VAL D 267 11.05 21.36 9.78
C VAL D 267 12.25 21.22 10.69
N TRP D 268 12.08 20.43 11.75
CA TRP D 268 13.13 20.11 12.70
C TRP D 268 13.34 18.61 12.72
N PHE D 269 14.55 18.17 12.40
CA PHE D 269 14.92 16.76 12.51
C PHE D 269 16.26 16.65 13.23
N ALA D 270 16.34 15.70 14.16
CA ALA D 270 17.49 15.57 15.03
C ALA D 270 18.67 14.84 14.38
N ASN D 271 18.45 14.17 13.25
CA ASN D 271 19.53 13.42 12.62
C ASN D 271 20.55 14.31 11.93
N LYS D 272 20.30 15.61 11.85
CA LYS D 272 21.23 16.57 11.23
C LYS D 272 21.58 16.17 9.80
N ALA D 277 18.50 21.44 13.96
CA ALA D 277 18.04 22.82 13.76
C ALA D 277 16.88 22.86 12.78
N TRP D 278 16.26 24.03 12.65
CA TRP D 278 15.15 24.20 11.72
C TRP D 278 15.66 24.36 10.30
N VAL D 279 14.94 23.76 9.35
CA VAL D 279 15.28 23.81 7.93
C VAL D 279 14.05 24.26 7.16
N GLU D 280 14.23 25.20 6.24
CA GLU D 280 13.15 25.61 5.36
C GLU D 280 12.69 24.45 4.51
N TRP D 281 11.38 24.16 4.55
CA TRP D 281 10.82 22.99 3.90
C TRP D 281 9.87 23.33 2.76
N GLY D 282 8.86 24.14 3.03
CA GLY D 282 7.90 24.47 1.99
C GLY D 282 6.96 25.56 2.40
N GLY D 283 5.80 25.61 1.72
CA GLY D 283 4.80 26.61 2.00
C GLY D 283 3.43 25.98 2.12
N CYS D 284 2.53 26.71 2.76
CA CYS D 284 1.18 26.20 3.03
C CYS D 284 0.24 27.39 3.23
N GLY D 285 -0.96 27.10 3.69
CA GLY D 285 -1.94 28.15 3.98
C GLY D 285 -3.35 27.67 3.68
N MET D 286 -4.31 28.46 4.15
CA MET D 286 -5.72 28.19 3.87
C MET D 286 -6.05 28.59 2.44
N VAL D 287 -6.81 27.74 1.75
CA VAL D 287 -7.15 28.00 0.36
C VAL D 287 -7.92 29.31 0.25
N HIS D 288 -7.47 30.16 -0.67
CA HIS D 288 -8.10 31.47 -0.84
C HIS D 288 -9.55 31.30 -1.28
N PRO D 289 -10.46 32.12 -0.75
CA PRO D 289 -11.87 31.99 -1.16
C PRO D 289 -12.10 32.27 -2.63
N ASN D 290 -11.25 33.08 -3.27
CA ASN D 290 -11.38 33.31 -4.70
C ASN D 290 -11.15 32.03 -5.49
N VAL D 291 -10.27 31.15 -4.99
CA VAL D 291 -10.02 29.88 -5.67
C VAL D 291 -11.26 28.99 -5.59
N LEU D 292 -11.95 29.00 -4.45
CA LEU D 292 -13.15 28.19 -4.30
C LEU D 292 -14.27 28.67 -5.21
N ARG D 293 -14.49 29.98 -5.28
CA ARG D 293 -15.51 30.50 -6.18
C ARG D 293 -15.13 30.26 -7.64
N ALA D 294 -13.83 30.22 -7.96
CA ALA D 294 -13.39 29.86 -9.29
C ALA D 294 -13.64 28.39 -9.60
N THR D 295 -13.95 27.58 -8.59
CA THR D 295 -14.26 26.17 -8.79
C THR D 295 -15.70 25.84 -8.37
N GLY D 296 -16.53 26.84 -8.14
CA GLY D 296 -17.92 26.60 -7.81
C GLY D 296 -18.19 26.13 -6.41
N ILE D 297 -17.33 26.46 -5.45
CA ILE D 297 -17.44 26.03 -4.07
C ILE D 297 -17.76 27.23 -3.20
N ASP D 298 -18.73 27.06 -2.30
CA ASP D 298 -19.17 28.14 -1.43
C ASP D 298 -18.17 28.35 -0.31
N PRO D 299 -17.50 29.51 -0.24
CA PRO D 299 -16.52 29.73 0.84
C PRO D 299 -17.13 29.82 2.21
N ASP D 300 -18.44 30.10 2.32
CA ASP D 300 -19.11 30.16 3.61
C ASP D 300 -19.46 28.80 4.16
N LEU D 301 -19.43 27.74 3.34
CA LEU D 301 -19.74 26.40 3.79
C LEU D 301 -18.53 25.47 3.81
N TYR D 302 -17.52 25.72 2.98
CA TYR D 302 -16.35 24.87 2.89
C TYR D 302 -15.08 25.70 3.05
N SER D 303 -14.17 25.22 3.88
CA SER D 303 -12.84 25.79 4.04
C SER D 303 -11.81 24.73 3.69
N GLY D 304 -10.60 25.17 3.40
CA GLY D 304 -9.57 24.24 3.00
C GLY D 304 -8.18 24.79 3.17
N PHE D 305 -7.21 23.87 3.21
CA PHE D 305 -5.79 24.22 3.29
C PHE D 305 -5.04 23.49 2.19
N ALA D 306 -3.84 24.00 1.91
CA ALA D 306 -2.95 23.40 0.92
C ALA D 306 -1.52 23.54 1.41
N PHE D 307 -0.63 22.76 0.80
CA PHE D 307 0.79 22.83 1.13
C PHE D 307 1.60 22.33 -0.06
N GLY D 308 2.88 22.68 -0.06
CA GLY D 308 3.75 22.30 -1.16
C GLY D 308 5.22 22.24 -0.78
N MET D 309 5.84 21.07 -0.98
CA MET D 309 7.26 20.87 -0.75
C MET D 309 7.90 20.23 -1.97
N GLY D 310 9.10 20.66 -2.29
CA GLY D 310 9.86 20.02 -3.35
C GLY D 310 10.53 18.75 -2.85
N LEU D 311 10.54 17.73 -3.72
CA LEU D 311 11.14 16.46 -3.34
C LEU D 311 12.65 16.51 -3.40
N GLU D 312 13.21 17.13 -4.45
CA GLU D 312 14.66 17.28 -4.53
C GLU D 312 15.20 18.05 -3.34
N ARG D 313 14.48 19.09 -2.91
CA ARG D 313 14.89 19.84 -1.73
C ARG D 313 14.84 18.99 -0.48
N THR D 314 13.75 18.23 -0.31
CA THR D 314 13.60 17.38 0.88
C THR D 314 14.71 16.34 0.94
N LEU D 315 14.95 15.65 -0.17
CA LEU D 315 15.98 14.60 -0.19
C LEU D 315 17.37 15.15 0.03
N GLN D 316 17.60 16.43 -0.31
CA GLN D 316 18.95 16.98 -0.21
C GLN D 316 19.40 17.11 1.23
N PHE D 317 18.66 17.87 2.05
CA PHE D 317 19.10 18.10 3.41
C PHE D 317 18.78 16.94 4.34
N ARG D 318 17.90 16.02 3.92
CA ARG D 318 17.63 14.84 4.75
C ARG D 318 18.79 13.85 4.69
N ASN D 319 19.33 13.61 3.50
CA ASN D 319 20.44 12.69 3.33
C ASN D 319 21.80 13.38 3.24
N GLY D 320 21.83 14.71 3.16
CA GLY D 320 23.08 15.42 3.05
C GLY D 320 23.74 15.31 1.69
N ILE D 321 22.95 15.26 0.63
CA ILE D 321 23.46 15.15 -0.74
C ILE D 321 24.11 16.47 -1.12
N PRO D 322 25.39 16.48 -1.49
CA PRO D 322 26.07 17.76 -1.75
C PRO D 322 25.69 18.42 -3.06
N ASP D 323 25.67 17.65 -4.15
CA ASP D 323 25.44 18.16 -5.50
C ASP D 323 24.11 17.63 -6.00
N MET D 324 23.14 18.53 -6.18
CA MET D 324 21.83 18.12 -6.69
C MET D 324 21.87 17.75 -8.16
N ARG D 325 22.94 18.13 -8.88
CA ARG D 325 23.10 17.69 -10.26
C ARG D 325 23.17 16.17 -10.36
N ASP D 326 23.63 15.50 -9.30
CA ASP D 326 23.64 14.04 -9.30
C ASP D 326 22.24 13.46 -9.18
N MET D 327 21.26 14.25 -8.78
CA MET D 327 19.90 13.77 -8.61
C MET D 327 19.07 13.80 -9.89
N VAL D 328 19.57 14.38 -10.98
CA VAL D 328 18.74 14.60 -12.14
C VAL D 328 19.46 14.16 -13.42
N GLU D 329 20.77 13.97 -13.32
CA GLU D 329 21.56 13.67 -14.52
C GLU D 329 21.58 12.18 -14.85
N GLY D 330 21.04 11.32 -14.00
CA GLY D 330 20.91 9.91 -14.34
C GLY D 330 22.20 9.13 -14.36
N ASP D 331 23.14 9.44 -13.48
CA ASP D 331 24.36 8.65 -13.36
C ASP D 331 24.07 7.43 -12.49
N VAL D 332 24.47 6.25 -12.97
CA VAL D 332 24.17 5.00 -12.29
C VAL D 332 24.78 4.98 -10.90
N ARG D 333 25.95 5.62 -10.72
CA ARG D 333 26.61 5.62 -9.42
C ARG D 333 25.79 6.33 -8.35
N PHE D 334 24.81 7.14 -8.73
CA PHE D 334 23.98 7.83 -7.75
C PHE D 334 22.76 7.02 -7.33
N SER D 335 22.17 6.28 -8.26
CA SER D 335 20.92 5.56 -7.96
C SER D 335 21.18 4.23 -7.26
N LEU D 336 22.20 3.50 -7.69
CA LEU D 336 22.45 2.17 -7.15
C LEU D 336 22.61 2.12 -5.63
N PRO D 337 23.34 3.03 -4.97
CA PRO D 337 23.48 2.92 -3.50
C PRO D 337 22.17 2.95 -2.74
N PHE D 338 21.08 3.41 -3.36
CA PHE D 338 19.78 3.46 -2.70
C PHE D 338 19.03 2.13 -2.74
N GLY D 339 19.64 1.09 -3.29
CA GLY D 339 18.98 -0.21 -3.35
C GLY D 339 17.99 -0.30 -4.50
N VAL D 340 17.35 -1.47 -4.57
CA VAL D 340 16.41 -1.74 -5.66
C VAL D 340 15.13 -0.92 -5.48
N GLY D 341 14.50 -1.04 -4.31
CA GLY D 341 13.26 -0.34 -4.05
C GLY D 341 12.01 -1.13 -4.36
N ALA D 342 12.06 -2.46 -4.27
CA ALA D 342 10.91 -3.29 -4.55
C ALA D 342 9.88 -3.19 -3.43
N SER E 2 14.55 42.91 -7.51
CA SER E 2 14.04 44.11 -6.85
C SER E 2 12.90 43.75 -5.89
N ASN E 3 13.23 43.70 -4.60
CA ASN E 3 12.26 43.30 -3.58
C ASN E 3 12.75 43.69 -2.20
N ALA E 4 13.94 44.29 -2.14
CA ALA E 4 14.61 44.54 -0.87
C ALA E 4 14.08 45.80 -0.20
N MET E 5 14.34 45.90 1.11
CA MET E 5 14.03 47.09 1.88
C MET E 5 15.00 47.17 3.04
N ARG E 6 15.85 48.20 3.05
CA ARG E 6 16.87 48.37 4.07
C ARG E 6 16.61 49.64 4.86
N LEU E 7 16.78 49.54 6.18
CA LEU E 7 16.74 50.71 7.05
C LEU E 7 17.53 50.40 8.30
N PRO E 8 18.20 51.40 8.89
CA PRO E 8 18.93 51.15 10.14
C PRO E 8 17.98 51.03 11.31
N TYR E 9 18.43 50.31 12.34
CA TYR E 9 17.59 50.10 13.52
C TYR E 9 17.31 51.40 14.25
N SER E 10 18.29 52.31 14.28
CA SER E 10 18.13 53.55 15.03
C SER E 10 16.98 54.38 14.47
N TRP E 11 16.83 54.42 13.15
CA TRP E 11 15.73 55.17 12.56
C TRP E 11 14.40 54.51 12.87
N LEU E 12 14.32 53.18 12.73
CA LEU E 12 13.09 52.46 13.03
C LEU E 12 12.71 52.62 14.50
N ARG E 13 13.68 52.49 15.40
CA ARG E 13 13.40 52.66 16.82
C ARG E 13 12.96 54.09 17.11
N GLU E 14 13.51 55.07 16.40
CA GLU E 14 13.18 56.47 16.64
C GLU E 14 11.69 56.73 16.40
N VAL E 15 11.16 56.21 15.29
CA VAL E 15 9.75 56.42 14.97
C VAL E 15 8.86 55.68 15.96
N VAL E 16 9.28 54.48 16.38
CA VAL E 16 8.51 53.73 17.37
C VAL E 16 8.58 54.40 18.74
N ALA E 17 9.72 55.03 19.06
CA ALA E 17 9.90 55.59 20.39
C ALA E 17 9.08 56.86 20.61
N VAL E 18 8.58 57.48 19.54
CA VAL E 18 7.75 58.67 19.71
C VAL E 18 6.48 58.32 20.49
N GLY E 19 5.84 57.21 20.15
CA GLY E 19 4.64 56.79 20.84
C GLY E 19 4.91 55.90 22.04
N ALA E 20 6.05 55.20 22.03
CA ALA E 20 6.46 54.32 23.10
C ALA E 20 7.83 54.77 23.58
N SER E 21 7.85 55.72 24.51
CA SER E 21 9.10 56.27 25.01
C SER E 21 9.96 55.17 25.63
N GLY E 22 11.24 55.15 25.27
CA GLY E 22 12.18 54.20 25.83
C GLY E 22 12.13 52.81 25.21
N TRP E 23 11.43 52.63 24.09
CA TRP E 23 11.39 51.33 23.45
C TRP E 23 12.74 50.99 22.83
N ASP E 24 13.23 49.79 23.10
CA ASP E 24 14.53 49.34 22.61
C ASP E 24 14.65 47.83 22.80
N VAL E 25 14.98 47.12 21.73
CA VAL E 25 15.06 45.67 21.77
C VAL E 25 16.39 45.19 21.19
N THR E 26 16.75 43.97 21.56
CA THR E 26 17.92 43.32 20.99
C THR E 26 17.73 43.15 19.49
N PRO E 27 18.76 43.40 18.67
CA PRO E 27 18.63 43.17 17.23
C PRO E 27 18.20 41.76 16.88
N GLY E 28 18.60 40.76 17.67
CA GLY E 28 18.11 39.41 17.45
C GLY E 28 16.65 39.26 17.82
N GLU E 29 16.22 39.92 18.89
CA GLU E 29 14.81 39.87 19.28
C GLU E 29 13.93 40.54 18.23
N LEU E 30 14.38 41.68 17.69
CA LEU E 30 13.62 42.33 16.62
C LEU E 30 13.58 41.47 15.37
N GLU E 31 14.63 40.70 15.10
CA GLU E 31 14.63 39.81 13.96
C GLU E 31 13.57 38.71 14.12
N GLN E 32 13.42 38.20 15.34
CA GLN E 32 12.41 37.17 15.57
C GLN E 32 11.01 37.74 15.52
N THR E 33 10.82 38.98 15.98
CA THR E 33 9.51 39.61 15.93
C THR E 33 9.09 39.87 14.49
N LEU E 34 10.00 40.40 13.66
CA LEU E 34 9.69 40.62 12.26
C LEU E 34 9.36 39.31 11.56
N LEU E 35 10.12 38.26 11.84
CA LEU E 35 9.85 36.95 11.24
C LEU E 35 8.49 36.42 11.69
N ARG E 36 8.16 36.60 12.98
CA ARG E 36 6.94 36.02 13.52
C ARG E 36 5.68 36.67 12.95
N ILE E 37 5.76 37.94 12.56
CA ILE E 37 4.60 38.64 12.01
C ILE E 37 4.56 38.62 10.50
N GLY E 38 5.50 37.94 9.85
CA GLY E 38 5.45 37.75 8.41
C GLY E 38 6.39 38.60 7.59
N HIS E 39 7.50 39.05 8.15
CA HIS E 39 8.51 39.84 7.42
C HIS E 39 9.79 39.04 7.38
N GLU E 40 10.16 38.57 6.19
CA GLU E 40 11.38 37.78 6.02
C GLU E 40 12.59 38.71 5.96
N VAL E 41 13.47 38.58 6.95
CA VAL E 41 14.72 39.33 6.96
C VAL E 41 15.75 38.52 6.18
N GLU E 42 16.56 39.23 5.38
CA GLU E 42 17.58 38.56 4.59
C GLU E 42 18.94 38.59 5.27
N GLU E 43 19.25 39.69 5.94
CA GLU E 43 20.54 39.84 6.59
C GLU E 43 20.43 40.92 7.66
N VAL E 44 21.17 40.73 8.74
CA VAL E 44 21.24 41.68 9.84
C VAL E 44 22.70 42.12 9.94
N ILE E 45 23.01 43.27 9.34
CA ILE E 45 24.40 43.72 9.17
C ILE E 45 24.70 44.75 10.25
N PRO E 46 25.59 44.48 11.19
CA PRO E 46 26.10 45.54 12.07
C PRO E 46 27.04 46.45 11.30
N LEU E 47 27.22 47.65 11.83
CA LEU E 47 28.09 48.63 11.20
C LEU E 47 29.48 48.58 11.81
N GLY E 48 30.49 48.87 10.99
CA GLY E 48 31.86 48.79 11.41
C GLY E 48 32.32 47.36 11.56
N PRO E 49 32.95 47.04 12.70
CA PRO E 49 33.31 47.93 13.81
C PRO E 49 34.74 48.44 13.71
N VAL E 50 35.07 49.50 14.45
CA VAL E 50 36.43 50.02 14.50
C VAL E 50 36.84 50.17 15.96
N ASP E 51 38.14 50.39 16.15
CA ASP E 51 38.67 50.62 17.50
C ASP E 51 39.99 51.36 17.36
N GLY E 52 40.41 52.00 18.45
CA GLY E 52 41.63 52.76 18.46
C GLY E 52 41.43 54.16 17.91
N PRO E 53 42.45 54.67 17.20
CA PRO E 53 42.38 56.04 16.65
C PRO E 53 41.77 56.12 15.25
N VAL E 54 40.44 56.12 15.20
CA VAL E 54 39.68 56.37 13.98
C VAL E 54 38.88 57.64 14.24
N THR E 55 39.41 58.78 13.81
CA THR E 55 38.82 60.07 14.13
C THR E 55 38.51 60.84 12.85
N VAL E 56 37.79 61.94 13.03
CA VAL E 56 37.40 62.83 11.93
C VAL E 56 38.35 64.01 11.91
N GLY E 57 38.76 64.42 10.71
CA GLY E 57 39.68 65.54 10.57
C GLY E 57 39.34 66.38 9.36
N ARG E 58 39.94 67.57 9.32
CA ARG E 58 39.74 68.53 8.24
C ARG E 58 41.01 68.64 7.41
N VAL E 59 40.85 68.77 6.10
CA VAL E 59 42.00 68.87 5.20
C VAL E 59 42.66 70.24 5.37
N ALA E 60 43.97 70.23 5.59
CA ALA E 60 44.73 71.47 5.67
C ALA E 60 45.04 72.01 4.28
N ASP E 61 45.76 71.22 3.47
CA ASP E 61 46.03 71.55 2.08
C ASP E 61 46.60 70.31 1.40
N ILE E 62 46.32 70.19 0.10
CA ILE E 62 46.67 69.01 -0.68
C ILE E 62 47.88 69.33 -1.54
N GLU E 63 48.79 68.36 -1.65
CA GLU E 63 49.98 68.48 -2.51
C GLU E 63 50.00 67.26 -3.44
N GLU E 64 49.55 67.45 -4.68
CA GLU E 64 49.49 66.36 -5.65
C GLU E 64 50.89 66.06 -6.21
N ILE E 72 46.77 60.97 -7.41
CA ILE E 72 47.59 60.72 -6.23
C ILE E 72 47.81 62.02 -5.47
N ARG E 73 47.26 62.09 -4.26
CA ARG E 73 47.30 63.30 -3.45
C ARG E 73 48.13 63.08 -2.19
N ALA E 74 48.40 64.18 -1.50
CA ALA E 74 49.11 64.15 -0.22
C ALA E 74 48.70 65.40 0.55
N CYS E 75 48.03 65.21 1.68
CA CYS E 75 47.46 66.32 2.43
C CYS E 75 47.65 66.11 3.92
N ALA E 76 47.83 67.22 4.64
CA ALA E 76 47.83 67.22 6.09
C ALA E 76 46.41 67.41 6.60
N VAL E 77 46.12 66.76 7.73
CA VAL E 77 44.76 66.73 8.28
C VAL E 77 44.82 67.10 9.76
N ASP E 78 44.02 68.08 10.15
CA ASP E 78 43.88 68.44 11.56
C ASP E 78 43.10 67.34 12.28
N ILE E 79 43.79 66.55 13.09
CA ILE E 79 43.17 65.42 13.78
C ILE E 79 42.67 65.86 15.15
N GLY E 80 42.63 67.17 15.38
CA GLY E 80 42.13 67.70 16.63
C GLY E 80 43.24 68.02 17.61
N ASP E 81 42.93 68.92 18.54
CA ASP E 81 43.88 69.39 19.55
C ASP E 81 45.12 69.99 18.92
N ARG E 82 44.93 70.68 17.79
CA ARG E 82 46.00 71.35 17.05
C ARG E 82 47.10 70.39 16.64
N GLN E 83 46.75 69.14 16.40
CA GLN E 83 47.69 68.12 15.93
C GLN E 83 47.52 67.92 14.43
N TYR E 84 48.64 67.77 13.73
CA TYR E 84 48.65 67.64 12.28
C TYR E 84 49.43 66.40 11.88
N ARG E 85 48.83 65.59 11.00
CA ARG E 85 49.49 64.42 10.43
C ARG E 85 49.18 64.39 8.93
N GLU E 86 50.20 64.08 8.14
CA GLU E 86 50.09 64.06 6.69
C GLU E 86 49.86 62.64 6.19
N ILE E 87 48.87 62.46 5.33
CA ILE E 87 48.51 61.17 4.77
C ILE E 87 48.51 61.27 3.26
N ILE E 88 48.95 60.21 2.59
CA ILE E 88 48.95 60.16 1.13
C ILE E 88 48.54 58.78 0.63
N THR E 92 40.00 61.09 -4.29
CA THR E 92 40.39 62.26 -5.08
C THR E 92 39.17 63.11 -5.43
N ASN E 93 38.29 63.30 -4.46
CA ASN E 93 37.06 64.06 -4.65
C ASN E 93 36.82 64.97 -3.46
N PHE E 94 37.86 65.68 -3.03
CA PHE E 94 37.78 66.54 -1.87
C PHE E 94 38.76 67.69 -2.01
N ALA E 95 38.36 68.87 -1.56
CA ALA E 95 39.21 70.06 -1.65
C ALA E 95 39.85 70.36 -0.30
N VAL E 96 39.90 71.64 0.05
CA VAL E 96 40.48 72.10 1.32
C VAL E 96 39.33 72.51 2.23
N GLY E 97 39.30 71.96 3.44
CA GLY E 97 38.26 72.24 4.40
C GLY E 97 37.24 71.15 4.56
N ASP E 98 37.32 70.09 3.75
CA ASP E 98 36.36 69.00 3.83
C ASP E 98 36.66 68.13 5.05
N LEU E 99 35.61 67.79 5.79
CA LEU E 99 35.75 66.90 6.95
C LEU E 99 35.83 65.46 6.47
N VAL E 100 36.96 64.82 6.71
CA VAL E 100 37.20 63.45 6.26
C VAL E 100 37.45 62.57 7.47
N VAL E 101 37.32 61.26 7.27
CA VAL E 101 37.58 60.26 8.30
C VAL E 101 38.93 59.63 8.04
N VAL E 102 39.78 59.61 9.07
CA VAL E 102 41.13 59.07 8.96
C VAL E 102 41.29 57.90 9.91
N ALA E 103 42.14 56.95 9.51
CA ALA E 103 42.48 55.78 10.31
C ALA E 103 43.93 55.93 10.76
N LEU E 104 44.12 56.58 11.90
CA LEU E 104 45.46 56.85 12.42
C LEU E 104 46.14 55.54 12.81
N PRO E 105 47.47 55.52 12.84
CA PRO E 105 48.19 54.28 13.18
C PRO E 105 47.77 53.73 14.54
N GLY E 106 47.62 52.41 14.60
CA GLY E 106 47.12 51.74 15.78
C GLY E 106 45.68 51.32 15.71
N ALA E 107 45.00 51.58 14.59
CA ALA E 107 43.60 51.24 14.42
C ALA E 107 43.45 49.98 13.58
N THR E 108 42.41 49.20 13.87
CA THR E 108 42.09 47.98 13.14
C THR E 108 40.72 48.16 12.50
N LEU E 109 40.71 48.33 11.18
CA LEU E 109 39.47 48.47 10.42
C LEU E 109 38.75 47.12 10.37
N PRO E 110 37.48 47.11 9.96
CA PRO E 110 36.77 45.83 9.79
C PRO E 110 37.50 44.90 8.84
N GLY E 111 37.70 43.67 9.27
CA GLY E 111 38.42 42.69 8.49
C GLY E 111 39.88 42.51 8.82
N GLY E 112 40.30 42.88 10.04
CA GLY E 112 41.68 42.76 10.44
C GLY E 112 42.62 43.76 9.83
N PHE E 113 42.14 44.63 8.94
CA PHE E 113 42.98 45.61 8.26
C PHE E 113 43.47 46.63 9.28
N THR E 114 44.71 46.45 9.74
CA THR E 114 45.30 47.32 10.74
C THR E 114 46.08 48.45 10.06
N ILE E 115 45.81 49.68 10.48
CA ILE E 115 46.45 50.85 9.90
C ILE E 115 47.74 51.18 10.65
N SER E 116 48.76 51.56 9.90
CA SER E 116 50.05 51.93 10.48
C SER E 116 50.81 52.79 9.48
N ALA E 117 51.94 53.33 9.93
CA ALA E 117 52.76 54.19 9.09
C ALA E 117 53.44 53.38 7.99
N SER E 125 53.38 58.44 5.09
CA SER E 125 51.94 58.52 5.32
C SER E 125 51.59 58.17 6.76
N ASP E 126 51.08 59.15 7.51
CA ASP E 126 50.72 58.96 8.91
C ASP E 126 49.33 58.36 9.09
N GLY E 127 48.96 57.38 8.27
CA GLY E 127 47.67 56.75 8.40
C GLY E 127 47.02 56.41 7.08
N MET E 128 45.71 56.65 6.97
CA MET E 128 44.96 56.28 5.77
C MET E 128 43.64 57.04 5.77
N ILE E 129 43.31 57.64 4.64
CA ILE E 129 42.01 58.29 4.47
C ILE E 129 40.95 57.22 4.25
N CYS E 130 39.88 57.26 5.06
CA CYS E 130 38.87 56.21 5.05
C CYS E 130 37.76 56.52 4.04
N SER E 131 37.17 55.46 3.51
CA SER E 131 36.01 55.53 2.64
C SER E 131 34.86 54.76 3.27
N ALA E 132 33.66 54.98 2.74
CA ALA E 132 32.50 54.25 3.23
C ALA E 132 32.61 52.75 2.98
N ALA E 133 33.49 52.33 2.09
CA ALA E 133 33.66 50.92 1.78
C ALA E 133 34.28 50.17 2.95
N GLU E 134 35.55 50.45 3.24
CA GLU E 134 36.27 49.69 4.26
C GLU E 134 35.81 50.02 5.67
N LEU E 135 35.06 51.11 5.86
CA LEU E 135 34.47 51.42 7.16
C LEU E 135 33.25 50.58 7.45
N ASN E 136 32.81 49.73 6.51
CA ASN E 136 31.58 48.96 6.63
C ASN E 136 30.40 49.87 6.96
N LEU E 137 30.20 50.88 6.09
CA LEU E 137 29.14 51.88 6.25
C LEU E 137 28.33 52.13 4.98
N GLY E 138 28.90 51.96 3.79
CA GLY E 138 28.11 52.12 2.57
C GLY E 138 28.76 51.40 1.39
N ALA E 139 28.80 52.04 0.22
CA ALA E 139 29.37 51.43 -0.97
C ALA E 139 30.74 52.02 -1.30
N SER E 142 34.06 54.00 -3.93
CA SER E 142 33.31 55.17 -4.37
C SER E 142 34.08 56.45 -4.10
N GLY E 143 35.37 56.32 -3.81
CA GLY E 143 36.20 57.45 -3.47
C GLY E 143 36.55 57.47 -1.99
N ILE E 144 36.21 58.55 -1.30
CA ILE E 144 36.41 58.67 0.14
C ILE E 144 35.19 59.34 0.75
N LEU E 145 35.01 59.11 2.05
CA LEU E 145 33.85 59.65 2.76
C LEU E 145 34.08 61.11 3.11
N VAL E 146 33.14 61.97 2.71
CA VAL E 146 33.22 63.41 2.97
C VAL E 146 32.08 63.78 3.90
N LEU E 147 32.41 64.35 5.05
CA LEU E 147 31.35 64.81 5.93
C LEU E 147 30.98 66.25 5.61
N PRO E 148 29.70 66.61 5.74
CA PRO E 148 29.28 67.97 5.41
C PRO E 148 29.87 68.97 6.39
N PRO E 149 30.04 70.22 5.98
CA PRO E 149 30.56 71.24 6.90
C PRO E 149 29.66 71.38 8.12
N GLY E 150 30.26 71.24 9.30
CA GLY E 150 29.52 71.29 10.54
C GLY E 150 29.00 69.95 11.04
N ALA E 151 29.40 68.85 10.41
CA ALA E 151 28.94 67.53 10.86
C ALA E 151 29.57 67.17 12.19
N ALA E 152 30.88 67.35 12.33
CA ALA E 152 31.58 67.04 13.55
C ALA E 152 32.86 67.85 13.63
N GLU E 153 33.24 68.20 14.85
CA GLU E 153 34.48 68.93 15.07
C GLU E 153 35.68 68.05 14.69
N PRO E 154 36.69 68.62 14.02
CA PRO E 154 37.89 67.83 13.71
C PRO E 154 38.55 67.27 14.96
N GLY E 155 38.53 65.95 15.10
CA GLY E 155 39.08 65.28 16.26
C GLY E 155 38.08 64.46 17.05
N ALA E 156 36.80 64.48 16.68
CA ALA E 156 35.80 63.71 17.40
C ALA E 156 35.95 62.22 17.09
N ASP E 157 35.29 61.40 17.91
CA ASP E 157 35.36 59.96 17.75
C ASP E 157 34.64 59.54 16.48
N GLY E 158 35.33 58.80 15.62
CA GLY E 158 34.74 58.41 14.35
C GLY E 158 33.57 57.45 14.50
N ALA E 159 33.68 56.51 15.44
CA ALA E 159 32.59 55.54 15.65
C ALA E 159 31.32 56.25 16.11
N GLY E 160 31.46 57.23 16.99
CA GLY E 160 30.29 57.94 17.48
C GLY E 160 29.68 58.88 16.45
N VAL E 161 30.51 59.49 15.61
CA VAL E 161 30.00 60.39 14.58
C VAL E 161 29.33 59.60 13.47
N LEU E 162 29.98 58.53 13.01
CA LEU E 162 29.40 57.70 11.95
C LEU E 162 28.25 56.84 12.47
N GLY E 163 28.14 56.68 13.78
CA GLY E 163 27.09 55.84 14.34
C GLY E 163 27.28 54.38 14.00
N LEU E 164 28.49 53.85 14.25
CA LEU E 164 28.80 52.48 13.92
C LEU E 164 28.17 51.47 14.86
N ASP E 165 27.57 51.92 15.96
CA ASP E 165 26.81 51.04 16.84
C ASP E 165 25.45 50.67 16.25
N ASP E 166 25.11 51.21 15.09
CA ASP E 166 23.82 50.95 14.47
C ASP E 166 23.82 49.59 13.77
N VAL E 167 22.62 49.13 13.40
CA VAL E 167 22.43 47.86 12.73
C VAL E 167 21.45 48.06 11.60
N VAL E 168 21.83 47.65 10.38
CA VAL E 168 20.99 47.76 9.20
C VAL E 168 20.25 46.45 9.00
N PHE E 169 18.94 46.53 8.85
CA PHE E 169 18.10 45.36 8.61
C PHE E 169 17.74 45.29 7.13
N HIS E 170 17.97 44.13 6.52
CA HIS E 170 17.65 43.88 5.12
C HIS E 170 16.45 42.93 5.09
N LEU E 171 15.31 43.43 4.61
CA LEU E 171 14.07 42.67 4.61
C LEU E 171 13.61 42.40 3.18
N ALA E 172 12.97 41.24 2.99
CA ALA E 172 12.32 40.90 1.73
C ALA E 172 10.82 41.08 1.93
N ILE E 173 10.28 42.15 1.36
CA ILE E 173 8.88 42.53 1.58
C ILE E 173 8.02 41.79 0.55
N THR E 174 7.03 41.05 1.02
CA THR E 174 6.12 40.36 0.12
C THR E 174 5.27 41.38 -0.64
N PRO E 175 4.82 41.05 -1.85
CA PRO E 175 4.11 42.03 -2.68
C PRO E 175 2.76 42.49 -2.12
N ASP E 176 2.23 41.82 -1.11
CA ASP E 176 0.95 42.21 -0.52
C ASP E 176 1.10 43.28 0.57
N ARG E 177 2.32 43.69 0.88
CA ARG E 177 2.57 44.64 1.97
C ARG E 177 3.44 45.79 1.46
N GLY E 178 2.94 46.49 0.45
CA GLY E 178 3.67 47.63 -0.07
C GLY E 178 3.80 48.75 0.94
N TYR E 179 2.90 48.80 1.92
CA TYR E 179 2.98 49.80 2.97
C TYR E 179 4.18 49.60 3.88
N CYS E 180 4.82 48.45 3.83
CA CYS E 180 6.01 48.18 4.62
C CYS E 180 7.30 48.56 3.91
N MET E 181 7.21 49.28 2.78
CA MET E 181 8.39 49.71 2.06
C MET E 181 8.84 51.05 2.60
N SER E 182 8.69 51.27 3.90
CA SER E 182 9.01 52.54 4.52
C SER E 182 9.17 52.36 6.02
N VAL E 183 9.79 53.36 6.65
CA VAL E 183 9.89 53.37 8.10
C VAL E 183 8.52 53.48 8.75
N ARG E 184 7.60 54.19 8.09
CA ARG E 184 6.24 54.32 8.62
C ARG E 184 5.55 52.98 8.74
N GLY E 185 5.69 52.13 7.72
CA GLY E 185 4.99 50.85 7.75
C GLY E 185 5.57 49.87 8.76
N LEU E 186 6.90 49.73 8.78
CA LEU E 186 7.53 48.79 9.69
C LEU E 186 7.43 49.24 11.14
N ALA E 187 7.48 50.55 11.39
CA ALA E 187 7.27 51.05 12.74
C ALA E 187 5.86 50.75 13.22
N ARG E 188 4.87 50.92 12.35
CA ARG E 188 3.50 50.56 12.70
C ARG E 188 3.37 49.07 12.97
N GLU E 189 4.07 48.25 12.17
CA GLU E 189 4.02 46.80 12.38
C GLU E 189 4.61 46.41 13.72
N LEU E 190 5.73 47.03 14.11
CA LEU E 190 6.33 46.73 15.40
C LEU E 190 5.43 47.19 16.55
N ALA E 191 4.80 48.35 16.40
CA ALA E 191 3.86 48.81 17.42
C ALA E 191 2.66 47.87 17.53
N CYS E 192 2.26 47.26 16.42
CA CYS E 192 1.20 46.26 16.48
C CYS E 192 1.66 45.01 17.23
N ALA E 193 2.88 44.56 16.97
CA ALA E 193 3.36 43.33 17.59
C ALA E 193 3.66 43.52 19.07
N TYR E 194 4.17 44.68 19.45
CA TYR E 194 4.51 44.97 20.83
C TYR E 194 3.40 45.69 21.58
N ASP E 195 2.21 45.80 20.99
CA ASP E 195 1.05 46.42 21.63
C ASP E 195 1.38 47.84 22.13
N LEU E 196 2.02 48.61 21.26
CA LEU E 196 2.48 49.94 21.61
C LEU E 196 1.55 51.01 21.06
N ASP E 197 1.59 52.18 21.70
CA ASP E 197 0.93 53.37 21.17
C ASP E 197 1.78 53.92 20.03
N PHE E 198 1.15 54.21 18.91
CA PHE E 198 1.86 54.57 17.68
C PHE E 198 1.51 55.99 17.26
N VAL E 199 2.54 56.77 16.93
CA VAL E 199 2.37 58.11 16.37
C VAL E 199 2.77 58.03 14.90
N ASP E 200 1.78 58.11 14.02
CA ASP E 200 2.02 58.04 12.59
C ASP E 200 2.87 59.23 12.15
N PRO E 201 4.05 59.00 11.57
CA PRO E 201 4.88 60.13 11.11
C PRO E 201 4.32 60.86 9.90
N ALA E 202 3.14 60.50 9.42
CA ALA E 202 2.51 61.17 8.29
C ALA E 202 1.22 61.88 8.69
N SER E 203 1.02 62.14 9.97
CA SER E 203 -0.18 62.80 10.45
C SER E 203 0.00 64.31 10.44
N ASN E 204 -1.12 65.02 10.62
N ASN E 204 -1.11 65.02 10.67
CA ASN E 204 -1.10 66.48 10.61
CA ASN E 204 -1.09 66.48 10.69
C ASN E 204 -0.40 67.05 11.83
C ASN E 204 -0.85 67.05 12.09
N SER E 205 -0.34 66.30 12.94
N SER E 205 -1.07 66.25 13.14
CA SER E 205 0.38 66.77 14.12
CA SER E 205 -1.08 66.77 14.51
C SER E 205 1.88 66.55 13.97
C SER E 205 0.29 66.77 15.16
N ARG E 206 2.30 65.48 13.31
N ARG E 206 1.35 67.10 14.42
CA ARG E 206 3.71 65.28 13.01
CA ARG E 206 2.66 67.37 15.00
C ARG E 206 4.17 66.14 11.84
C ARG E 206 2.98 68.85 14.84
N VAL E 207 3.25 66.44 10.91
N VAL E 207 3.23 69.31 13.62
CA VAL E 207 3.53 67.35 9.79
CA VAL E 207 3.24 70.73 13.30
C VAL E 207 2.50 68.45 9.80
C VAL E 207 2.07 70.98 12.36
N PRO E 208 2.79 69.60 10.42
N PRO E 208 1.43 72.14 12.41
CA PRO E 208 1.80 70.70 10.46
CA PRO E 208 0.28 72.38 11.54
C PRO E 208 1.43 71.15 9.07
C PRO E 208 0.69 72.33 10.07
N PRO E 209 0.13 71.37 8.81
N PRO E 209 -0.20 71.87 9.20
CA PRO E 209 -0.31 71.73 7.45
CA PRO E 209 0.15 71.77 7.77
C PRO E 209 0.20 73.11 7.04
C PRO E 209 0.40 73.14 7.16
N LEU E 210 0.99 73.13 5.96
CA LEU E 210 1.39 74.39 5.35
C LEU E 210 0.19 75.12 4.79
N PRO E 211 0.26 76.45 4.69
CA PRO E 211 -0.89 77.21 4.18
C PRO E 211 -1.18 76.90 2.72
N ILE E 212 -2.44 77.12 2.35
CA ILE E 212 -2.91 76.92 0.99
C ILE E 212 -3.55 78.26 0.57
N GLU E 213 -2.77 79.11 -0.09
CA GLU E 213 -3.21 80.44 -0.48
C GLU E 213 -3.44 80.58 -1.98
N GLY E 214 -3.59 79.46 -2.69
CA GLY E 214 -3.85 79.50 -4.10
C GLY E 214 -3.14 78.40 -4.87
N PRO E 215 -3.35 78.36 -6.18
CA PRO E 215 -2.72 77.32 -7.00
C PRO E 215 -1.22 77.47 -7.03
N ALA E 216 -0.53 76.33 -7.14
CA ALA E 216 0.92 76.29 -7.20
C ALA E 216 1.45 76.23 -8.64
N TRP E 217 0.78 75.47 -9.51
CA TRP E 217 1.18 75.38 -10.91
C TRP E 217 0.02 74.79 -11.69
N PRO E 218 -0.31 75.31 -12.86
CA PRO E 218 -1.43 74.75 -13.63
C PRO E 218 -1.07 73.39 -14.22
N LEU E 219 -2.00 72.44 -14.11
CA LEU E 219 -1.78 71.11 -14.65
C LEU E 219 -3.09 70.54 -15.15
N THR E 220 -3.00 69.69 -16.17
CA THR E 220 -4.13 68.96 -16.73
C THR E 220 -3.82 67.47 -16.66
N VAL E 221 -4.78 66.69 -16.18
CA VAL E 221 -4.62 65.25 -16.04
C VAL E 221 -5.67 64.56 -16.89
N GLN E 222 -5.22 63.70 -17.80
CA GLN E 222 -6.13 62.84 -18.55
C GLN E 222 -6.68 61.76 -17.61
N PRO E 223 -7.97 61.76 -17.30
CA PRO E 223 -8.48 60.84 -16.26
C PRO E 223 -8.34 59.37 -16.62
N GLU E 224 -8.23 59.03 -17.90
CA GLU E 224 -8.13 57.64 -18.32
C GLU E 224 -6.72 57.06 -18.16
N THR E 225 -5.82 57.78 -17.49
CA THR E 225 -4.43 57.35 -17.37
C THR E 225 -4.12 56.64 -16.06
N GLY E 226 -5.02 56.69 -15.08
CA GLY E 226 -4.86 55.94 -13.85
C GLY E 226 -4.33 56.72 -12.67
N VAL E 227 -4.08 58.03 -12.82
CA VAL E 227 -3.59 58.83 -11.70
C VAL E 227 -4.73 59.05 -10.71
N ARG E 228 -4.46 58.82 -9.43
CA ARG E 228 -5.44 59.06 -8.38
C ARG E 228 -5.24 60.37 -7.65
N ARG E 229 -4.01 60.88 -7.58
CA ARG E 229 -3.72 62.14 -6.92
C ARG E 229 -2.46 62.74 -7.51
N PHE E 230 -2.44 64.06 -7.64
CA PHE E 230 -1.28 64.77 -8.19
C PHE E 230 -1.16 66.10 -7.46
N ALA E 231 -0.16 66.21 -6.57
CA ALA E 231 0.04 67.39 -5.76
C ALA E 231 1.32 68.10 -6.13
N LEU E 232 1.33 69.42 -5.94
CA LEU E 232 2.48 70.26 -6.23
C LEU E 232 2.59 71.37 -5.21
N ARG E 233 3.81 71.66 -4.77
CA ARG E 233 4.09 72.80 -3.91
C ARG E 233 5.55 73.24 -4.09
N PRO E 234 5.78 74.49 -4.42
CA PRO E 234 7.16 74.94 -4.71
C PRO E 234 7.90 75.45 -3.47
N VAL E 235 9.22 75.41 -3.58
CA VAL E 235 10.12 75.99 -2.59
C VAL E 235 11.08 76.90 -3.34
N ILE E 236 11.07 78.18 -3.00
CA ILE E 236 11.74 79.22 -3.78
C ILE E 236 12.96 79.73 -3.01
N GLY E 237 14.07 79.90 -3.73
CA GLY E 237 15.23 80.56 -3.18
C GLY E 237 16.08 79.72 -2.24
N ILE E 238 16.42 78.51 -2.66
CA ILE E 238 17.30 77.66 -1.88
C ILE E 238 18.75 77.97 -2.23
N ASP E 239 19.64 77.68 -1.29
CA ASP E 239 21.06 77.91 -1.47
C ASP E 239 21.67 76.79 -2.30
N PRO E 240 22.15 77.08 -3.52
CA PRO E 240 22.72 76.02 -4.35
C PRO E 240 23.98 75.42 -3.79
N ALA E 241 24.71 76.14 -2.94
CA ALA E 241 25.93 75.63 -2.32
C ALA E 241 25.65 74.84 -1.04
N ALA E 242 24.40 74.83 -0.57
CA ALA E 242 24.08 74.10 0.65
C ALA E 242 24.20 72.60 0.43
N VAL E 243 24.48 71.88 1.52
CA VAL E 243 24.67 70.44 1.48
C VAL E 243 23.82 69.81 2.57
N SER E 244 23.37 68.58 2.32
CA SER E 244 22.52 67.89 3.26
C SER E 244 23.28 67.60 4.55
N PRO E 245 22.63 67.72 5.71
CA PRO E 245 23.31 67.40 6.97
C PRO E 245 23.71 65.94 7.04
N TRP E 246 24.62 65.64 7.96
CA TRP E 246 25.21 64.30 8.03
C TRP E 246 24.17 63.26 8.43
N TRP E 247 23.25 63.61 9.34
CA TRP E 247 22.25 62.65 9.77
C TRP E 247 21.33 62.24 8.62
N LEU E 248 21.12 63.13 7.65
CA LEU E 248 20.28 62.80 6.50
C LEU E 248 21.06 62.00 5.46
N GLN E 249 22.33 62.36 5.22
CA GLN E 249 23.15 61.60 4.29
C GLN E 249 23.42 60.20 4.81
N ARG E 250 23.67 60.07 6.11
CA ARG E 250 23.99 58.77 6.70
C ARG E 250 22.82 57.81 6.59
N ARG E 251 21.59 58.29 6.87
CA ARG E 251 20.43 57.42 6.78
C ARG E 251 20.12 57.03 5.34
N LEU E 252 20.48 57.87 4.38
CA LEU E 252 20.30 57.50 2.97
C LEU E 252 21.28 56.39 2.59
N LEU E 253 22.54 56.49 3.03
CA LEU E 253 23.53 55.47 2.68
C LEU E 253 23.18 54.13 3.28
N LEU E 254 22.72 54.12 4.53
CA LEU E 254 22.34 52.87 5.18
C LEU E 254 21.13 52.21 4.53
N CYS E 255 20.28 53.00 3.86
CA CYS E 255 19.14 52.46 3.13
C CYS E 255 19.46 52.15 1.67
N GLY E 256 20.69 52.38 1.23
CA GLY E 256 21.08 52.05 -0.12
C GLY E 256 20.86 53.15 -1.14
N ILE E 257 20.87 54.40 -0.73
CA ILE E 257 20.68 55.54 -1.63
C ILE E 257 21.81 56.54 -1.39
N ARG E 258 22.49 56.94 -2.44
CA ARG E 258 23.63 57.85 -2.34
C ARG E 258 23.15 59.29 -2.37
N ALA E 259 23.75 60.12 -1.52
CA ALA E 259 23.37 61.52 -1.44
C ALA E 259 23.83 62.28 -2.68
N THR E 260 23.12 63.38 -2.98
CA THR E 260 23.42 64.18 -4.15
C THR E 260 23.38 65.66 -3.81
N CYS E 261 22.20 66.16 -3.45
CA CYS E 261 22.01 67.56 -3.09
C CYS E 261 20.73 67.66 -2.26
N PRO E 262 20.57 68.75 -1.49
CA PRO E 262 19.40 68.85 -0.61
C PRO E 262 18.05 68.64 -1.29
N ALA E 263 17.88 69.14 -2.52
CA ALA E 263 16.60 68.99 -3.19
C ALA E 263 16.27 67.54 -3.50
N VAL E 264 17.28 66.72 -3.81
CA VAL E 264 17.07 65.31 -4.11
C VAL E 264 17.08 64.47 -2.86
N ASP E 265 17.94 64.80 -1.90
CA ASP E 265 18.05 64.00 -0.68
C ASP E 265 16.75 63.99 0.12
N VAL E 266 16.00 65.10 0.10
CA VAL E 266 14.76 65.14 0.84
C VAL E 266 13.66 64.35 0.13
N THR E 267 13.71 64.27 -1.21
CA THR E 267 12.71 63.48 -1.92
C THR E 267 12.90 61.99 -1.65
N ASN E 268 14.16 61.54 -1.55
CA ASN E 268 14.41 60.14 -1.23
C ASN E 268 14.23 59.86 0.25
N TYR E 269 14.61 60.81 1.11
CA TYR E 269 14.45 60.61 2.55
C TYR E 269 12.99 60.48 2.93
N VAL E 270 12.13 61.33 2.38
CA VAL E 270 10.70 61.27 2.69
C VAL E 270 10.09 60.00 2.09
N MET E 271 10.57 59.58 0.92
CA MET E 271 10.11 58.32 0.35
C MET E 271 10.41 57.15 1.29
N LEU E 272 11.60 57.16 1.91
CA LEU E 272 11.94 56.10 2.85
C LEU E 272 11.18 56.25 4.15
N GLU E 273 10.95 57.49 4.59
CA GLU E 273 10.32 57.72 5.89
C GLU E 273 8.84 57.37 5.84
N LEU E 274 8.11 57.86 4.83
CA LEU E 274 6.67 57.73 4.78
C LEU E 274 6.16 56.75 3.74
N GLY E 275 6.97 56.40 2.75
CA GLY E 275 6.55 55.49 1.70
C GLY E 275 5.95 56.15 0.48
N HIS E 276 5.83 57.47 0.47
CA HIS E 276 5.32 58.19 -0.68
C HIS E 276 6.50 58.76 -1.45
N PRO E 277 6.84 58.21 -2.61
CA PRO E 277 7.99 58.74 -3.36
C PRO E 277 7.73 60.17 -3.86
N MET E 278 8.74 61.01 -3.68
CA MET E 278 8.68 62.41 -4.08
C MET E 278 9.68 62.67 -5.21
N HIS E 279 9.40 63.71 -5.98
CA HIS E 279 10.30 64.11 -7.06
C HIS E 279 10.40 65.62 -7.08
N ALA E 280 11.62 66.13 -7.28
CA ALA E 280 11.90 67.55 -7.31
C ALA E 280 12.17 67.99 -8.74
N HIS E 281 11.46 69.01 -9.19
CA HIS E 281 11.68 69.62 -10.49
C HIS E 281 12.27 71.01 -10.30
N ASP E 282 12.97 71.48 -11.34
CA ASP E 282 13.46 72.85 -11.37
C ASP E 282 12.34 73.75 -11.88
N ARG E 283 11.83 74.62 -11.01
CA ARG E 283 10.69 75.44 -11.37
C ARG E 283 11.01 76.40 -12.51
N ASN E 284 12.27 76.81 -12.63
CA ASN E 284 12.67 77.74 -13.68
C ASN E 284 12.80 77.07 -15.04
N ARG E 285 12.71 75.74 -15.12
CA ARG E 285 12.82 75.03 -16.39
C ARG E 285 11.53 74.29 -16.72
N ILE E 286 10.40 74.77 -16.20
CA ILE E 286 9.09 74.26 -16.55
C ILE E 286 8.41 75.30 -17.42
N SER E 287 8.00 74.90 -18.62
CA SER E 287 7.44 75.80 -19.62
C SER E 287 5.94 75.55 -19.72
N GLY E 288 5.16 76.35 -19.00
CA GLY E 288 3.72 76.31 -19.15
C GLY E 288 3.04 75.27 -18.28
N THR E 289 1.84 74.87 -18.73
CA THR E 289 1.01 73.95 -17.98
C THR E 289 1.55 72.54 -18.05
N LEU E 290 1.64 71.88 -16.89
CA LEU E 290 2.06 70.49 -16.83
C LEU E 290 0.93 69.58 -17.31
N GLY E 291 1.30 68.49 -17.99
CA GLY E 291 0.30 67.59 -18.53
C GLY E 291 0.59 66.12 -18.30
N VAL E 292 -0.40 65.39 -17.79
CA VAL E 292 -0.30 63.95 -17.59
C VAL E 292 -1.10 63.28 -18.69
N ARG E 293 -0.42 62.49 -19.52
CA ARG E 293 -1.04 61.87 -20.67
C ARG E 293 -0.28 60.60 -21.03
N PHE E 294 -0.92 59.76 -21.84
CA PHE E 294 -0.25 58.58 -22.37
C PHE E 294 0.79 58.98 -23.41
N ALA E 295 1.83 58.16 -23.52
CA ALA E 295 2.88 58.41 -24.49
C ALA E 295 2.44 57.98 -25.89
N ARG E 296 2.84 58.75 -26.89
CA ARG E 296 2.56 58.38 -28.27
C ARG E 296 3.55 57.30 -28.74
N SER E 297 3.17 56.63 -29.83
CA SER E 297 4.02 55.58 -30.37
C SER E 297 5.32 56.18 -30.92
N GLY E 298 6.44 55.57 -30.58
CA GLY E 298 7.73 56.06 -31.00
C GLY E 298 8.23 57.29 -30.28
N GLU E 299 7.45 57.84 -29.35
CA GLU E 299 7.88 59.01 -28.61
C GLU E 299 9.02 58.64 -27.66
N THR E 300 10.01 59.53 -27.55
CA THR E 300 11.17 59.31 -26.73
C THR E 300 11.21 60.30 -25.57
N ALA E 301 12.11 60.05 -24.63
CA ALA E 301 12.27 60.92 -23.46
C ALA E 301 13.65 60.70 -22.88
N VAL E 302 14.46 61.76 -22.83
CA VAL E 302 15.77 61.69 -22.19
C VAL E 302 15.57 61.71 -20.68
N THR E 303 15.77 60.56 -20.04
CA THR E 303 15.54 60.45 -18.61
C THR E 303 16.65 61.13 -17.82
N LEU E 304 16.55 61.06 -16.49
CA LEU E 304 17.48 61.75 -15.62
C LEU E 304 18.88 61.18 -15.72
N ASP E 305 19.01 59.88 -15.97
CA ASP E 305 20.31 59.22 -16.09
C ASP E 305 21.00 59.53 -17.42
N GLY E 306 20.45 60.42 -18.23
CA GLY E 306 21.02 60.72 -19.52
C GLY E 306 20.83 59.65 -20.57
N ILE E 307 19.97 58.67 -20.32
CA ILE E 307 19.72 57.57 -21.23
C ILE E 307 18.39 57.80 -21.92
N GLU E 308 18.39 57.73 -23.25
CA GLU E 308 17.15 57.91 -24.01
C GLU E 308 16.32 56.64 -23.95
N ARG E 309 15.02 56.81 -23.71
CA ARG E 309 14.10 55.69 -23.56
C ARG E 309 13.07 55.72 -24.69
N LYS E 310 12.73 54.53 -25.20
CA LYS E 310 11.66 54.38 -26.16
C LYS E 310 10.37 54.02 -25.41
N LEU E 311 9.32 54.79 -25.65
CA LEU E 311 8.10 54.69 -24.86
C LEU E 311 7.01 53.93 -25.60
N ASP E 312 6.02 53.48 -24.85
CA ASP E 312 4.90 52.71 -25.37
C ASP E 312 3.61 53.51 -25.20
N THR E 313 2.56 53.08 -25.93
CA THR E 313 1.29 53.76 -25.86
C THR E 313 0.59 53.58 -24.51
N ALA E 314 1.04 52.62 -23.69
CA ALA E 314 0.46 52.36 -22.38
C ALA E 314 1.29 52.95 -21.25
N ASP E 315 2.14 53.93 -21.55
CA ASP E 315 3.00 54.56 -20.56
C ASP E 315 2.50 55.96 -20.24
N VAL E 316 2.46 56.29 -18.96
CA VAL E 316 2.00 57.59 -18.49
C VAL E 316 3.19 58.55 -18.44
N LEU E 317 2.97 59.79 -18.87
CA LEU E 317 4.04 60.78 -18.93
C LEU E 317 3.61 62.07 -18.23
N ILE E 318 4.61 62.87 -17.88
CA ILE E 318 4.42 64.25 -17.43
C ILE E 318 5.11 65.14 -18.45
N VAL E 319 4.33 66.01 -19.09
CA VAL E 319 4.84 66.89 -20.13
C VAL E 319 4.37 68.31 -19.86
N ASP E 320 5.08 69.27 -20.48
CA ASP E 320 4.65 70.65 -20.47
C ASP E 320 4.51 71.16 -21.90
N ASP E 321 4.59 72.47 -22.10
CA ASP E 321 4.45 73.02 -23.45
C ASP E 321 5.66 72.77 -24.33
N ALA E 322 6.72 72.14 -23.81
CA ALA E 322 7.92 71.90 -24.60
C ALA E 322 8.24 70.42 -24.69
N ALA E 323 8.95 69.88 -23.70
CA ALA E 323 9.43 68.51 -23.72
C ALA E 323 8.73 67.68 -22.64
N THR E 324 9.20 66.45 -22.47
CA THR E 324 8.67 65.55 -21.46
C THR E 324 9.41 65.77 -20.15
N ALA E 325 8.65 65.85 -19.05
CA ALA E 325 9.24 66.13 -17.75
C ALA E 325 9.55 64.88 -16.94
N ALA E 326 8.75 63.83 -17.08
CA ALA E 326 8.96 62.62 -16.29
C ALA E 326 8.19 61.46 -16.89
N ILE E 327 8.69 60.25 -16.66
CA ILE E 327 7.97 59.03 -16.95
C ILE E 327 7.16 58.68 -15.71
N GLY E 328 5.83 58.63 -15.86
CA GLY E 328 4.91 58.48 -14.75
C GLY E 328 5.25 57.40 -13.74
N GLY E 329 5.76 57.82 -12.57
CA GLY E 329 6.08 56.90 -11.50
C GLY E 329 7.31 56.07 -11.69
N VAL E 330 8.10 56.34 -12.72
CA VAL E 330 9.29 55.53 -12.97
C VAL E 330 10.53 56.35 -12.72
N MET E 331 10.73 57.40 -13.51
CA MET E 331 11.88 58.26 -13.36
C MET E 331 11.64 59.57 -14.10
N GLY E 332 12.12 60.67 -13.49
CA GLY E 332 12.00 61.98 -14.12
C GLY E 332 12.98 62.18 -15.26
N ALA E 333 12.68 63.15 -16.10
CA ALA E 333 13.50 63.44 -17.26
C ALA E 333 14.56 64.48 -16.92
N ALA E 334 15.51 64.66 -17.85
CA ALA E 334 16.55 65.65 -17.69
C ALA E 334 16.09 67.06 -18.02
N SER E 335 14.89 67.21 -18.58
CA SER E 335 14.38 68.54 -18.89
C SER E 335 14.20 69.38 -17.63
N THR E 336 13.58 68.80 -16.60
CA THR E 336 13.35 69.48 -15.33
C THR E 336 14.25 68.94 -14.22
N GLU E 337 15.34 68.29 -14.58
CA GLU E 337 16.24 67.71 -13.59
C GLU E 337 16.87 68.80 -12.72
N VAL E 338 16.90 68.55 -11.41
CA VAL E 338 17.55 69.47 -10.49
C VAL E 338 19.06 69.36 -10.66
N ARG E 339 19.72 70.50 -10.83
CA ARG E 339 21.16 70.57 -11.02
C ARG E 339 21.80 71.30 -9.85
N ALA E 340 23.13 71.45 -9.93
CA ALA E 340 23.89 72.05 -8.83
C ALA E 340 23.59 73.53 -8.66
N ASP E 341 23.02 74.19 -9.67
CA ASP E 341 22.72 75.61 -9.60
C ASP E 341 21.23 75.89 -9.47
N SER E 342 20.44 74.90 -9.10
CA SER E 342 19.01 75.08 -8.97
C SER E 342 18.68 75.87 -7.71
N THR E 343 17.77 76.83 -7.84
CA THR E 343 17.34 77.65 -6.71
C THR E 343 15.83 77.65 -6.49
N ASP E 344 15.04 77.37 -7.52
CA ASP E 344 13.59 77.29 -7.41
C ASP E 344 13.16 75.86 -7.72
N VAL E 345 12.54 75.21 -6.74
CA VAL E 345 12.20 73.79 -6.84
C VAL E 345 10.69 73.64 -6.74
N LEU E 346 10.12 72.83 -7.64
CA LEU E 346 8.71 72.46 -7.59
C LEU E 346 8.63 70.97 -7.25
N LEU E 347 8.04 70.66 -6.09
CA LEU E 347 7.99 69.30 -5.60
C LEU E 347 6.71 68.61 -6.07
N GLU E 348 6.86 67.36 -6.51
CA GLU E 348 5.76 66.57 -7.07
C GLU E 348 5.41 65.44 -6.11
N ALA E 349 4.12 65.26 -5.86
CA ALA E 349 3.63 64.16 -5.01
C ALA E 349 2.43 63.55 -5.72
N ALA E 350 2.67 62.47 -6.45
CA ALA E 350 1.65 61.85 -7.30
C ALA E 350 1.39 60.42 -6.88
N ILE E 351 0.22 59.92 -7.28
CA ILE E 351 -0.19 58.54 -7.04
C ILE E 351 -0.54 57.94 -8.40
N TRP E 352 0.32 57.07 -8.91
CA TRP E 352 0.17 56.49 -10.24
C TRP E 352 -0.53 55.13 -10.16
N ASP E 353 -0.97 54.66 -11.32
CA ASP E 353 -1.60 53.36 -11.40
C ASP E 353 -0.55 52.26 -11.21
N PRO E 354 -0.76 51.32 -10.29
CA PRO E 354 0.26 50.28 -10.05
C PRO E 354 0.50 49.40 -11.26
N ALA E 355 -0.57 49.00 -11.97
CA ALA E 355 -0.40 48.14 -13.13
C ALA E 355 0.34 48.86 -14.26
N ALA E 356 0.01 50.14 -14.47
CA ALA E 356 0.67 50.90 -15.52
C ALA E 356 2.16 51.12 -15.21
N VAL E 357 2.49 51.35 -13.94
CA VAL E 357 3.89 51.52 -13.57
C VAL E 357 4.63 50.19 -13.69
N SER E 358 3.98 49.09 -13.29
CA SER E 358 4.62 47.78 -13.37
C SER E 358 4.92 47.41 -14.82
N ARG E 359 3.95 47.62 -15.72
CA ARG E 359 4.18 47.33 -17.12
C ARG E 359 5.29 48.20 -17.71
N THR E 360 5.35 49.47 -17.30
CA THR E 360 6.33 50.38 -17.86
C THR E 360 7.73 50.08 -17.36
N GLN E 361 7.89 49.94 -16.04
CA GLN E 361 9.23 49.79 -15.46
C GLN E 361 9.86 48.46 -15.88
N ARG E 362 9.06 47.42 -16.10
CA ARG E 362 9.61 46.14 -16.53
C ARG E 362 9.91 46.11 -18.02
N ARG E 363 9.25 46.94 -18.82
CA ARG E 363 9.50 46.93 -20.26
C ARG E 363 10.85 47.54 -20.60
N LEU E 364 11.28 48.56 -19.86
CA LEU E 364 12.55 49.23 -20.10
C LEU E 364 13.58 49.00 -19.00
N HIS E 365 13.32 48.06 -18.09
CA HIS E 365 14.28 47.64 -17.06
C HIS E 365 14.72 48.83 -16.20
N LEU E 366 13.76 49.34 -15.43
CA LEU E 366 14.00 50.42 -14.47
C LEU E 366 13.34 50.08 -13.14
N PRO E 367 13.94 49.17 -12.37
CA PRO E 367 13.39 48.86 -11.05
C PRO E 367 13.63 49.99 -10.06
N SER E 368 13.03 51.15 -10.33
CA SER E 368 13.27 52.33 -9.53
C SER E 368 12.70 52.17 -8.12
N GLU E 369 13.32 52.88 -7.17
CA GLU E 369 12.80 52.89 -5.81
C GLU E 369 11.39 53.44 -5.76
N ALA E 370 11.05 54.34 -6.68
CA ALA E 370 9.67 54.83 -6.77
C ALA E 370 8.78 53.84 -7.49
N ALA E 371 9.29 53.19 -8.53
CA ALA E 371 8.47 52.25 -9.30
C ALA E 371 8.12 51.02 -8.47
N ARG E 372 9.09 50.48 -7.73
CA ARG E 372 8.82 49.31 -6.89
C ARG E 372 7.73 49.58 -5.88
N ARG E 373 7.69 50.81 -5.34
CA ARG E 373 6.65 51.17 -4.37
C ARG E 373 5.33 51.49 -5.04
N TYR E 374 5.36 52.01 -6.28
CA TYR E 374 4.13 52.36 -6.96
C TYR E 374 3.38 51.13 -7.46
N GLU E 375 4.10 50.10 -7.91
CA GLU E 375 3.44 48.87 -8.35
C GLU E 375 2.84 48.10 -7.18
N ARG E 376 3.33 48.32 -5.97
CA ARG E 376 2.77 47.73 -4.76
C ARG E 376 1.79 48.68 -4.06
N THR E 377 1.29 49.69 -4.78
CA THR E 377 0.36 50.70 -4.29
C THR E 377 0.98 51.61 -3.23
N VAL E 378 0.63 52.89 -3.26
CA VAL E 378 1.08 53.88 -2.30
C VAL E 378 -0.13 54.54 -1.69
N ASP E 379 -0.08 54.79 -0.37
CA ASP E 379 -1.16 55.42 0.37
C ASP E 379 -1.51 56.78 -0.22
N PRO E 380 -2.68 56.92 -0.83
CA PRO E 380 -3.02 58.22 -1.46
C PRO E 380 -3.38 59.31 -0.46
N ALA E 381 -3.65 58.96 0.80
CA ALA E 381 -4.10 59.95 1.78
C ALA E 381 -2.98 60.82 2.32
N ILE E 382 -1.72 60.48 2.06
CA ILE E 382 -0.59 61.18 2.66
C ILE E 382 0.18 62.00 1.61
N SER E 383 -0.41 62.23 0.44
CA SER E 383 0.32 62.91 -0.63
C SER E 383 0.68 64.33 -0.23
N VAL E 384 -0.29 65.08 0.31
CA VAL E 384 -0.03 66.44 0.73
C VAL E 384 0.84 66.46 1.99
N ALA E 385 0.58 65.53 2.93
CA ALA E 385 1.34 65.50 4.17
C ALA E 385 2.81 65.21 3.89
N ALA E 386 3.11 64.27 2.99
CA ALA E 386 4.49 64.04 2.60
C ALA E 386 5.05 65.20 1.79
N LEU E 387 4.20 65.87 1.02
CA LEU E 387 4.64 67.05 0.27
C LEU E 387 5.03 68.18 1.20
N ASP E 388 4.23 68.43 2.24
CA ASP E 388 4.56 69.48 3.21
C ASP E 388 5.77 69.08 4.04
N ARG E 389 5.88 67.80 4.39
CA ARG E 389 7.07 67.31 5.09
C ARG E 389 8.32 67.54 4.25
N CYS E 390 8.24 67.28 2.95
CA CYS E 390 9.40 67.42 2.07
C CYS E 390 9.75 68.90 1.86
N ALA E 391 8.74 69.75 1.67
CA ALA E 391 8.99 71.16 1.40
C ALA E 391 9.62 71.85 2.62
N ARG E 392 9.09 71.59 3.81
CA ARG E 392 9.63 72.22 5.01
C ARG E 392 11.02 71.68 5.34
N LEU E 393 11.30 70.43 4.99
CA LEU E 393 12.62 69.87 5.25
C LEU E 393 13.66 70.41 4.29
N LEU E 394 13.25 70.73 3.06
CA LEU E 394 14.19 71.29 2.09
C LEU E 394 14.59 72.71 2.46
N ALA E 395 13.60 73.54 2.82
CA ALA E 395 13.90 74.93 3.18
C ALA E 395 14.72 75.01 4.46
N ASP E 396 14.60 74.02 5.34
CA ASP E 396 15.34 74.05 6.60
C ASP E 396 16.83 73.81 6.38
N ILE E 397 17.17 72.83 5.54
CA ILE E 397 18.57 72.49 5.32
C ILE E 397 19.22 73.29 4.19
N ALA E 398 18.43 73.93 3.34
CA ALA E 398 18.96 74.71 2.23
C ALA E 398 18.67 76.20 2.32
N GLY E 399 17.94 76.64 3.34
CA GLY E 399 17.65 78.05 3.51
C GLY E 399 16.70 78.63 2.48
N GLY E 400 15.70 77.84 2.06
CA GLY E 400 14.73 78.31 1.09
C GLY E 400 13.50 78.91 1.74
N GLU E 401 12.53 79.28 0.90
CA GLU E 401 11.27 79.85 1.33
C GLU E 401 10.14 79.00 0.77
N VAL E 402 9.34 78.42 1.66
CA VAL E 402 8.23 77.57 1.24
C VAL E 402 7.08 78.45 0.78
N SER E 403 6.71 78.34 -0.50
CA SER E 403 5.61 79.11 -1.02
C SER E 403 4.29 78.57 -0.48
N PRO E 404 3.35 79.45 -0.11
CA PRO E 404 2.09 78.97 0.46
C PRO E 404 1.04 78.65 -0.59
N THR E 405 1.49 78.20 -1.76
CA THR E 405 0.61 77.76 -2.83
C THR E 405 0.61 76.24 -2.90
N LEU E 406 -0.51 75.68 -3.35
CA LEU E 406 -0.68 74.23 -3.38
C LEU E 406 -1.67 73.84 -4.46
N THR E 407 -1.25 72.96 -5.36
CA THR E 407 -2.13 72.30 -6.31
C THR E 407 -2.34 70.86 -5.83
N ASP E 408 -3.62 70.45 -5.73
CA ASP E 408 -3.96 69.14 -5.17
C ASP E 408 -5.06 68.52 -6.05
N TRP E 409 -4.66 67.92 -7.16
CA TRP E 409 -5.58 67.22 -8.04
C TRP E 409 -5.90 65.85 -7.43
N ARG E 410 -7.19 65.59 -7.20
CA ARG E 410 -7.63 64.36 -6.56
C ARG E 410 -8.74 63.69 -7.36
N GLY E 411 -8.57 63.61 -8.68
CA GLY E 411 -9.55 62.97 -9.54
C GLY E 411 -10.74 63.85 -9.81
N ASP E 412 -11.61 63.37 -10.71
CA ASP E 412 -12.83 64.07 -11.08
C ASP E 412 -14.01 63.12 -10.92
N PRO E 413 -14.90 63.34 -9.95
CA PRO E 413 -14.90 64.43 -8.95
C PRO E 413 -13.75 64.30 -7.95
N PRO E 414 -13.35 65.40 -7.31
CA PRO E 414 -12.27 65.32 -6.33
C PRO E 414 -12.63 64.39 -5.18
N CYS E 415 -11.74 63.44 -4.92
CA CYS E 415 -11.94 62.44 -3.87
C CYS E 415 -11.43 62.98 -2.54
N ASP E 416 -12.27 62.92 -1.51
CA ASP E 416 -11.91 63.37 -0.18
C ASP E 416 -11.81 62.25 0.84
N ASP E 417 -12.19 61.02 0.47
CA ASP E 417 -12.13 59.88 1.38
C ASP E 417 -11.54 58.70 0.61
N TRP E 418 -10.33 58.29 0.97
CA TRP E 418 -9.61 57.25 0.27
C TRP E 418 -9.77 55.88 0.94
N SER E 419 -10.83 55.70 1.74
CA SER E 419 -10.99 54.46 2.48
C SER E 419 -11.57 53.37 1.59
N PRO E 420 -11.03 52.16 1.66
CA PRO E 420 -11.60 51.03 0.89
C PRO E 420 -13.01 50.71 1.35
N PRO E 421 -13.75 49.91 0.58
CA PRO E 421 -15.10 49.55 1.00
C PRO E 421 -15.07 48.76 2.28
N PRO E 422 -16.13 48.82 3.08
CA PRO E 422 -16.18 48.04 4.33
C PRO E 422 -16.29 46.55 4.06
N ILE E 423 -15.89 45.77 5.05
CA ILE E 423 -15.89 44.32 4.99
C ILE E 423 -16.68 43.78 6.17
N ARG E 424 -17.57 42.83 5.89
CA ARG E 424 -18.36 42.17 6.93
C ARG E 424 -17.84 40.75 7.15
N MET E 425 -17.66 40.40 8.42
CA MET E 425 -17.31 39.04 8.78
C MET E 425 -17.70 38.79 10.23
N GLY E 426 -17.93 37.52 10.55
CA GLY E 426 -18.29 37.17 11.92
C GLY E 426 -17.16 37.46 12.88
N VAL E 427 -17.53 37.77 14.13
CA VAL E 427 -16.54 38.15 15.13
C VAL E 427 -15.63 36.99 15.46
N ASP E 428 -16.12 35.75 15.36
CA ASP E 428 -15.35 34.56 15.70
C ASP E 428 -14.77 33.85 14.48
N VAL E 429 -14.82 34.49 13.30
CA VAL E 429 -14.27 33.86 12.10
C VAL E 429 -12.78 33.58 12.23
N PRO E 430 -11.94 34.51 12.70
CA PRO E 430 -10.53 34.14 12.92
C PRO E 430 -10.35 33.02 13.92
N ASP E 431 -11.24 32.91 14.91
CA ASP E 431 -11.17 31.79 15.86
C ASP E 431 -11.38 30.46 15.14
N ARG E 432 -12.34 30.42 14.21
CA ARG E 432 -12.61 29.18 13.49
C ARG E 432 -11.46 28.81 12.57
N ILE E 433 -10.96 29.77 11.80
CA ILE E 433 -9.89 29.50 10.85
C ILE E 433 -8.63 29.05 11.58
N ALA E 434 -8.30 29.73 12.69
CA ALA E 434 -7.07 29.39 13.41
C ALA E 434 -7.26 28.12 14.24
N GLY E 435 -8.49 27.79 14.60
CA GLY E 435 -8.72 26.70 15.51
C GLY E 435 -8.36 27.02 16.94
N VAL E 436 -8.35 28.30 17.31
CA VAL E 436 -7.99 28.75 18.65
C VAL E 436 -9.09 29.67 19.15
N ALA E 437 -9.53 29.46 20.39
CA ALA E 437 -10.48 30.36 21.03
C ALA E 437 -9.70 31.55 21.58
N TYR E 438 -9.53 32.56 20.73
CA TYR E 438 -8.86 33.78 21.16
C TYR E 438 -9.67 34.47 22.25
N PRO E 439 -9.02 35.22 23.15
CA PRO E 439 -9.77 35.99 24.14
C PRO E 439 -10.73 36.97 23.48
N GLN E 440 -11.79 37.30 24.20
CA GLN E 440 -12.80 38.21 23.66
C GLN E 440 -12.19 39.55 23.29
N GLY E 441 -12.63 40.11 22.17
CA GLY E 441 -12.12 41.37 21.67
C GLY E 441 -10.79 41.28 20.95
N THR E 442 -10.24 40.09 20.76
CA THR E 442 -8.94 39.96 20.09
C THR E 442 -9.05 40.42 18.64
N THR E 443 -10.07 39.96 17.92
CA THR E 443 -10.22 40.32 16.51
C THR E 443 -10.40 41.82 16.34
N ALA E 444 -11.32 42.42 17.10
CA ALA E 444 -11.57 43.85 16.97
C ALA E 444 -10.36 44.67 17.37
N ARG E 445 -9.59 44.22 18.35
CA ARG E 445 -8.40 44.97 18.77
C ARG E 445 -7.32 44.94 17.70
N ARG E 446 -7.06 43.75 17.13
CA ARG E 446 -6.00 43.62 16.14
C ARG E 446 -6.35 44.37 14.85
N LEU E 447 -7.61 44.32 14.44
CA LEU E 447 -8.02 45.03 13.23
C LEU E 447 -7.99 46.54 13.43
N ALA E 448 -8.32 47.02 14.64
CA ALA E 448 -8.16 48.43 14.93
C ALA E 448 -6.69 48.80 15.09
N GLN E 449 -5.86 47.84 15.51
CA GLN E 449 -4.44 48.10 15.70
C GLN E 449 -3.74 48.36 14.37
N ILE E 450 -4.15 47.63 13.32
CA ILE E 450 -3.57 47.83 11.99
C ILE E 450 -4.17 49.02 11.26
N GLY E 451 -5.10 49.75 11.88
CA GLY E 451 -5.58 51.00 11.35
C GLY E 451 -6.98 50.99 10.76
N ALA E 452 -7.79 49.98 11.03
CA ALA E 452 -9.10 49.87 10.42
C ALA E 452 -10.18 50.33 11.39
N VAL E 453 -11.30 50.79 10.82
CA VAL E 453 -12.48 51.16 11.60
C VAL E 453 -13.34 49.92 11.78
N VAL E 454 -13.66 49.60 13.04
CA VAL E 454 -14.39 48.39 13.39
C VAL E 454 -15.64 48.77 14.16
N THR E 455 -16.80 48.39 13.63
CA THR E 455 -18.08 48.61 14.30
C THR E 455 -18.77 47.28 14.52
N HIS E 456 -19.63 47.23 15.53
CA HIS E 456 -20.34 46.01 15.91
C HIS E 456 -21.80 46.07 15.48
N ASP E 457 -22.38 44.88 15.31
CA ASP E 457 -23.79 44.74 15.01
C ASP E 457 -24.22 43.30 15.30
N GLY E 458 -24.34 42.97 16.59
CA GLY E 458 -24.57 41.59 16.99
C GLY E 458 -23.29 40.80 17.02
N ASP E 459 -23.22 39.73 16.23
CA ASP E 459 -22.02 38.92 16.12
C ASP E 459 -21.23 39.21 14.84
N THR E 460 -21.63 40.23 14.08
CA THR E 460 -21.00 40.56 12.81
C THR E 460 -20.25 41.87 12.93
N LEU E 461 -18.96 41.85 12.60
CA LEU E 461 -18.16 43.06 12.54
C LEU E 461 -18.22 43.65 11.14
N THR E 462 -18.11 44.98 11.07
CA THR E 462 -17.98 45.70 9.81
C THR E 462 -16.67 46.46 9.84
N VAL E 463 -15.70 46.02 9.05
CA VAL E 463 -14.34 46.50 9.10
C VAL E 463 -14.04 47.31 7.85
N THR E 464 -13.58 48.54 8.04
CA THR E 464 -13.14 49.39 6.92
C THR E 464 -11.63 49.55 7.00
N PRO E 465 -10.87 48.89 6.13
CA PRO E 465 -9.40 48.95 6.20
C PRO E 465 -8.91 50.36 5.98
N PRO E 466 -7.70 50.68 6.45
CA PRO E 466 -7.13 52.00 6.18
C PRO E 466 -6.71 52.13 4.73
N SER E 467 -6.47 53.38 4.32
CA SER E 467 -6.18 53.66 2.92
C SER E 467 -4.85 53.08 2.46
N TRP E 468 -3.93 52.77 3.37
CA TRP E 468 -2.65 52.18 3.01
C TRP E 468 -2.68 50.66 2.99
N ARG E 469 -3.86 50.06 3.12
CA ARG E 469 -4.01 48.60 3.11
C ARG E 469 -5.02 48.16 2.05
N PRO E 470 -4.72 48.37 0.77
CA PRO E 470 -5.62 47.89 -0.28
C PRO E 470 -5.65 46.37 -0.40
N ASP E 471 -4.72 45.67 0.22
CA ASP E 471 -4.72 44.21 0.17
C ASP E 471 -5.82 43.60 1.01
N LEU E 472 -6.43 44.37 1.91
CA LEU E 472 -7.53 43.88 2.74
C LEU E 472 -8.83 44.07 1.96
N ARG E 473 -9.33 42.99 1.37
CA ARG E 473 -10.52 43.05 0.53
C ARG E 473 -11.65 42.15 1.00
N GLN E 474 -11.36 41.03 1.65
CA GLN E 474 -12.41 40.10 2.07
C GLN E 474 -12.05 39.48 3.42
N PRO E 475 -13.01 38.81 4.10
CA PRO E 475 -12.71 38.29 5.45
C PRO E 475 -11.41 37.50 5.57
N ALA E 476 -11.02 36.76 4.54
CA ALA E 476 -9.78 35.98 4.62
C ALA E 476 -8.58 36.88 4.89
N ASP E 477 -8.56 38.07 4.28
CA ASP E 477 -7.46 39.00 4.51
C ASP E 477 -7.44 39.47 5.96
N LEU E 478 -8.62 39.69 6.55
CA LEU E 478 -8.67 40.09 7.95
C LEU E 478 -8.22 38.97 8.88
N VAL E 479 -8.51 37.72 8.52
CA VAL E 479 -8.09 36.59 9.34
C VAL E 479 -6.58 36.53 9.42
N GLU E 480 -5.89 36.76 8.31
CA GLU E 480 -4.43 36.74 8.32
C GLU E 480 -3.87 37.79 9.28
N GLU E 481 -4.49 38.97 9.31
CA GLU E 481 -4.01 40.04 10.19
C GLU E 481 -4.16 39.66 11.67
N VAL E 482 -5.30 39.10 12.03
CA VAL E 482 -5.52 38.69 13.42
C VAL E 482 -4.56 37.58 13.80
N LEU E 483 -4.40 36.58 12.92
CA LEU E 483 -3.62 35.40 13.25
C LEU E 483 -2.13 35.71 13.35
N ARG E 484 -1.61 36.47 12.38
CA ARG E 484 -0.17 36.72 12.34
C ARG E 484 0.28 37.58 13.53
N LEU E 485 -0.61 38.44 14.04
CA LEU E 485 -0.25 39.27 15.19
C LEU E 485 -0.36 38.49 16.49
N GLU E 486 -1.37 37.63 16.60
CA GLU E 486 -1.46 36.74 17.76
C GLU E 486 -0.36 35.69 17.76
N GLY E 487 0.20 35.38 16.59
CA GLY E 487 1.26 34.40 16.50
C GLY E 487 0.75 33.03 16.08
N LEU E 488 1.31 32.49 14.99
CA LEU E 488 0.89 31.17 14.53
C LEU E 488 1.33 30.06 15.46
N GLU E 489 2.21 30.34 16.42
CA GLU E 489 2.67 29.29 17.35
C GLU E 489 1.53 28.79 18.23
N VAL E 490 0.55 29.64 18.53
CA VAL E 490 -0.55 29.24 19.40
C VAL E 490 -1.54 28.31 18.72
N ILE E 491 -1.44 28.14 17.40
CA ILE E 491 -2.33 27.25 16.66
C ILE E 491 -1.92 25.81 16.95
N PRO E 492 -2.84 24.98 17.45
CA PRO E 492 -2.47 23.61 17.82
C PRO E 492 -2.34 22.71 16.60
N SER E 493 -1.79 21.52 16.84
CA SER E 493 -1.59 20.51 15.80
C SER E 493 -2.65 19.44 16.00
N VAL E 494 -3.68 19.47 15.16
CA VAL E 494 -4.81 18.55 15.26
C VAL E 494 -4.94 17.81 13.93
N LEU E 495 -4.65 16.52 13.93
CA LEU E 495 -4.83 15.72 12.73
C LEU E 495 -6.31 15.66 12.38
N PRO E 496 -6.69 15.97 11.15
CA PRO E 496 -8.11 15.95 10.77
C PRO E 496 -8.63 14.54 10.70
N PRO E 497 -9.93 14.34 10.85
CA PRO E 497 -10.49 12.99 10.67
C PRO E 497 -10.26 12.50 9.25
N ALA E 498 -9.58 11.37 9.13
CA ALA E 498 -9.24 10.84 7.82
C ALA E 498 -10.50 10.48 7.06
N PRO E 499 -10.62 10.87 5.79
CA PRO E 499 -11.72 10.37 4.97
C PRO E 499 -11.54 8.90 4.63
N ALA E 500 -12.62 8.28 4.18
CA ALA E 500 -12.59 6.88 3.77
C ALA E 500 -12.15 6.81 2.32
N GLY E 501 -10.84 6.88 2.12
CA GLY E 501 -10.27 6.89 0.79
C GLY E 501 -10.28 5.53 0.13
N ARG E 502 -9.97 5.53 -1.17
CA ARG E 502 -9.97 4.32 -1.98
C ARG E 502 -8.56 3.82 -2.29
N GLY E 503 -7.54 4.51 -1.82
CA GLY E 503 -6.18 4.09 -2.08
C GLY E 503 -5.70 4.47 -3.47
N LEU E 504 -4.73 3.71 -3.95
CA LEU E 504 -4.15 3.96 -5.27
C LEU E 504 -5.08 3.44 -6.36
N THR E 505 -5.07 4.14 -7.48
CA THR E 505 -5.79 3.66 -8.66
C THR E 505 -5.02 2.50 -9.29
N ALA E 506 -5.69 1.81 -10.21
CA ALA E 506 -5.05 0.65 -10.86
C ALA E 506 -3.81 1.08 -11.64
N GLY E 507 -3.89 2.22 -12.33
CA GLY E 507 -2.74 2.68 -13.10
C GLY E 507 -1.58 3.10 -12.22
N GLN E 508 -1.87 3.80 -11.12
CA GLN E 508 -0.82 4.18 -10.18
C GLN E 508 -0.15 2.96 -9.58
N GLN E 509 -0.95 1.95 -9.22
CA GLN E 509 -0.38 0.72 -8.69
C GLN E 509 0.45 0.00 -9.76
N ARG E 510 0.01 0.05 -11.02
CA ARG E 510 0.70 -0.65 -12.08
C ARG E 510 2.07 -0.03 -12.36
N ARG E 511 2.18 1.30 -12.25
CA ARG E 511 3.46 1.94 -12.50
C ARG E 511 4.46 1.62 -11.39
N ARG E 512 3.99 1.30 -10.19
CA ARG E 512 4.89 0.81 -9.16
C ARG E 512 5.39 -0.59 -9.51
N THR E 513 4.49 -1.47 -9.93
CA THR E 513 4.87 -2.84 -10.27
C THR E 513 5.88 -2.85 -11.43
N ILE E 514 5.66 -2.01 -12.44
CA ILE E 514 6.59 -1.95 -13.57
C ILE E 514 7.95 -1.47 -13.10
N GLY E 515 7.97 -0.43 -12.24
CA GLY E 515 9.24 0.06 -11.73
C GLY E 515 9.97 -0.97 -10.88
N ARG E 516 9.23 -1.67 -10.02
CA ARG E 516 9.84 -2.72 -9.20
C ARG E 516 10.38 -3.85 -10.07
N SER E 517 9.62 -4.26 -11.08
CA SER E 517 10.03 -5.37 -11.92
C SER E 517 11.30 -5.04 -12.71
N LEU E 518 11.31 -3.88 -13.36
CA LEU E 518 12.47 -3.50 -14.16
C LEU E 518 13.71 -3.29 -13.28
N ALA E 519 13.52 -2.77 -12.07
CA ALA E 519 14.66 -2.56 -11.18
C ALA E 519 15.25 -3.88 -10.71
N LEU E 520 14.40 -4.86 -10.39
CA LEU E 520 14.90 -6.16 -9.97
C LEU E 520 15.53 -6.93 -11.12
N SER E 521 15.25 -6.55 -12.36
CA SER E 521 15.87 -7.18 -13.53
C SER E 521 17.15 -6.49 -13.96
N GLY E 522 17.59 -5.46 -13.24
CA GLY E 522 18.87 -4.83 -13.49
C GLY E 522 18.82 -3.44 -14.10
N TYR E 523 17.63 -2.86 -14.26
CA TYR E 523 17.51 -1.54 -14.86
C TYR E 523 17.57 -0.46 -13.79
N VAL E 524 18.17 0.67 -14.14
CA VAL E 524 18.32 1.82 -13.25
C VAL E 524 17.45 2.95 -13.75
N GLU E 525 16.59 3.47 -12.88
CA GLU E 525 15.65 4.51 -13.26
C GLU E 525 16.32 5.88 -13.29
N ILE E 526 15.95 6.66 -14.31
CA ILE E 526 16.41 8.05 -14.41
C ILE E 526 15.20 8.96 -14.46
N LEU E 527 15.43 10.24 -14.21
CA LEU E 527 14.42 11.27 -14.39
C LEU E 527 14.67 11.96 -15.72
N PRO E 528 13.86 11.71 -16.75
CA PRO E 528 14.18 12.23 -18.08
C PRO E 528 13.83 13.70 -18.24
N THR E 529 14.71 14.41 -18.96
CA THR E 529 14.46 15.81 -19.26
C THR E 529 13.54 15.93 -20.48
N PRO E 530 12.58 16.85 -20.45
CA PRO E 530 11.65 16.98 -21.59
C PRO E 530 12.21 17.78 -22.76
N PHE E 531 13.38 18.38 -22.64
CA PHE E 531 13.97 19.20 -23.71
C PHE E 531 14.84 18.30 -24.59
N LEU E 532 14.41 18.11 -25.84
CA LEU E 532 15.10 17.21 -26.73
C LEU E 532 16.49 17.75 -27.10
N PRO E 533 17.46 16.87 -27.32
CA PRO E 533 18.77 17.32 -27.80
C PRO E 533 18.65 17.96 -29.18
N ALA E 534 19.63 18.80 -29.49
CA ALA E 534 19.60 19.56 -30.73
C ALA E 534 19.72 18.62 -31.93
N GLY E 535 18.70 18.66 -32.80
CA GLY E 535 18.72 17.87 -34.02
C GLY E 535 18.74 16.37 -33.79
N VAL E 536 18.05 15.90 -32.76
CA VAL E 536 18.05 14.47 -32.46
C VAL E 536 17.36 13.68 -33.56
N PHE E 537 16.27 14.23 -34.11
CA PHE E 537 15.53 13.53 -35.16
C PHE E 537 16.31 13.50 -36.47
N ASP E 538 17.14 14.52 -36.72
CA ASP E 538 18.04 14.46 -37.88
C ASP E 538 19.13 13.42 -37.67
N LEU E 539 19.60 13.25 -36.43
CA LEU E 539 20.53 12.16 -36.14
C LEU E 539 19.85 10.81 -36.31
N TRP E 540 18.57 10.72 -35.96
CA TRP E 540 17.81 9.49 -36.19
C TRP E 540 17.49 9.27 -37.65
N GLY E 541 17.53 10.32 -38.47
CA GLY E 541 17.21 10.19 -39.87
C GLY E 541 15.73 10.07 -40.18
N LEU E 542 14.88 10.64 -39.33
CA LEU E 542 13.45 10.55 -39.54
C LEU E 542 13.03 11.37 -40.76
N GLU E 543 11.92 10.96 -41.38
CA GLU E 543 11.35 11.75 -42.46
C GLU E 543 10.70 13.02 -41.90
N ALA E 544 10.44 13.96 -42.80
CA ALA E 544 9.90 15.25 -42.37
C ALA E 544 8.50 15.13 -41.79
N ASP E 545 7.74 14.12 -42.22
CA ASP E 545 6.35 13.95 -41.80
C ASP E 545 6.20 13.04 -40.58
N ASP E 546 7.29 12.71 -39.91
CA ASP E 546 7.21 11.82 -38.74
C ASP E 546 6.49 12.54 -37.60
N SER E 547 5.52 11.85 -36.99
CA SER E 547 4.70 12.47 -35.96
C SER E 547 5.54 12.89 -34.75
N ARG E 548 6.67 12.22 -34.51
CA ARG E 548 7.55 12.61 -33.42
C ARG E 548 8.22 13.96 -33.66
N ARG E 549 8.35 14.38 -34.92
CA ARG E 549 8.97 15.67 -35.21
C ARG E 549 8.05 16.83 -34.84
N MET E 550 6.73 16.64 -34.92
CA MET E 550 5.77 17.69 -34.63
C MET E 550 5.77 17.93 -33.13
N THR E 551 6.75 18.70 -32.67
CA THR E 551 6.98 18.92 -31.25
C THR E 551 6.37 20.24 -30.79
N THR E 552 6.35 20.42 -29.47
CA THR E 552 5.91 21.66 -28.85
C THR E 552 7.12 22.48 -28.44
N ARG E 553 7.18 23.72 -28.90
CA ARG E 553 8.33 24.59 -28.66
C ARG E 553 8.15 25.42 -27.40
N VAL E 554 9.27 25.69 -26.72
CA VAL E 554 9.31 26.58 -25.56
C VAL E 554 9.89 27.90 -26.00
N LEU E 555 9.24 29.00 -25.60
CA LEU E 555 9.67 30.32 -26.07
C LEU E 555 10.95 30.78 -25.40
N ASN E 556 11.17 30.39 -24.14
CA ASN E 556 12.34 30.83 -23.36
C ASN E 556 13.01 29.62 -22.73
N PRO E 557 13.72 28.82 -23.53
CA PRO E 557 14.43 27.67 -22.98
C PRO E 557 15.78 28.07 -22.40
N LEU E 558 16.26 27.27 -21.45
CA LEU E 558 17.58 27.51 -20.89
C LEU E 558 18.68 27.28 -21.90
N GLU E 559 18.43 26.47 -22.93
CA GLU E 559 19.33 26.31 -24.06
C GLU E 559 18.55 26.59 -25.33
N ALA E 560 18.98 27.59 -26.09
CA ALA E 560 18.24 27.99 -27.29
C ALA E 560 18.22 26.89 -28.34
N ASP E 561 19.23 26.01 -28.35
CA ASP E 561 19.27 24.90 -29.29
C ASP E 561 18.43 23.71 -28.85
N ARG E 562 17.76 23.80 -27.69
CA ARG E 562 16.87 22.75 -27.22
C ARG E 562 15.55 23.36 -26.78
N PRO E 563 14.73 23.82 -27.73
CA PRO E 563 13.44 24.42 -27.35
C PRO E 563 12.28 23.44 -27.39
N GLN E 564 12.44 22.34 -28.12
CA GLN E 564 11.34 21.42 -28.37
C GLN E 564 11.10 20.50 -27.19
N LEU E 565 9.83 20.21 -26.93
CA LEU E 565 9.48 19.24 -25.90
C LEU E 565 9.54 17.82 -26.45
N ALA E 566 9.53 16.86 -25.54
CA ALA E 566 9.78 15.46 -25.88
C ALA E 566 8.48 14.79 -26.33
N THR E 567 8.46 14.30 -27.57
CA THR E 567 7.42 13.41 -28.03
C THR E 567 7.74 11.95 -27.75
N THR E 568 8.98 11.64 -27.37
CA THR E 568 9.42 10.30 -27.06
C THR E 568 10.49 10.36 -25.98
N LEU E 569 10.51 9.33 -25.13
CA LEU E 569 11.44 9.33 -23.99
C LEU E 569 12.83 8.87 -24.36
N LEU E 570 13.02 8.26 -25.53
CA LEU E 570 14.31 7.70 -25.88
C LEU E 570 15.44 8.73 -25.95
N PRO E 571 15.27 9.93 -26.52
CA PRO E 571 16.39 10.88 -26.55
C PRO E 571 16.92 11.24 -25.17
N ALA E 572 16.05 11.30 -24.15
CA ALA E 572 16.53 11.61 -22.81
C ALA E 572 17.27 10.42 -22.20
N LEU E 573 16.74 9.21 -22.39
CA LEU E 573 17.43 8.02 -21.89
C LEU E 573 18.76 7.80 -22.61
N LEU E 574 18.79 8.03 -23.92
CA LEU E 574 20.04 7.91 -24.65
C LEU E 574 21.07 8.95 -24.21
N GLU E 575 20.59 10.12 -23.77
CA GLU E 575 21.52 11.13 -23.27
C GLU E 575 22.11 10.70 -21.92
N ALA E 576 21.30 10.09 -21.06
CA ALA E 576 21.83 9.54 -19.82
C ALA E 576 22.69 8.31 -20.08
N LEU E 577 22.38 7.55 -21.12
CA LEU E 577 23.21 6.40 -21.48
C LEU E 577 24.60 6.85 -21.90
N VAL E 578 24.68 7.91 -22.71
CA VAL E 578 25.98 8.42 -23.14
C VAL E 578 26.76 8.97 -21.94
N ARG E 579 26.05 9.59 -21.00
CA ARG E 579 26.72 10.12 -19.81
C ARG E 579 27.37 9.01 -19.00
N ASN E 580 26.66 7.90 -18.81
CA ASN E 580 27.21 6.78 -18.05
C ASN E 580 28.38 6.13 -18.79
N VAL E 581 28.19 5.87 -20.08
CA VAL E 581 29.23 5.20 -20.86
C VAL E 581 30.49 6.06 -20.96
N SER E 582 30.32 7.38 -21.06
CA SER E 582 31.46 8.27 -21.19
C SER E 582 32.26 8.43 -19.90
N ARG E 583 31.80 7.86 -18.79
CA ARG E 583 32.45 8.04 -17.51
C ARG E 583 32.90 6.72 -16.89
N GLY E 584 33.06 5.67 -17.70
CA GLY E 584 33.58 4.40 -17.26
C GLY E 584 32.55 3.32 -17.05
N LEU E 585 31.28 3.68 -16.91
CA LEU E 585 30.21 2.70 -16.71
C LEU E 585 29.69 2.31 -18.09
N VAL E 586 30.29 1.27 -18.67
CA VAL E 586 29.96 0.89 -20.05
C VAL E 586 28.85 -0.14 -20.15
N ASP E 587 28.51 -0.82 -19.06
CA ASP E 587 27.45 -1.83 -19.05
C ASP E 587 26.26 -1.24 -18.32
N VAL E 588 25.34 -0.64 -19.06
CA VAL E 588 24.25 0.16 -18.50
C VAL E 588 22.92 -0.39 -18.97
N ALA E 589 21.93 -0.35 -18.07
CA ALA E 589 20.53 -0.62 -18.41
C ALA E 589 19.70 0.42 -17.67
N LEU E 590 19.12 1.36 -18.41
CA LEU E 590 18.34 2.45 -17.83
C LEU E 590 16.88 2.31 -18.26
N PHE E 591 16.00 2.94 -17.49
CA PHE E 591 14.60 3.02 -17.86
C PHE E 591 14.00 4.30 -17.27
N ALA E 592 12.80 4.63 -17.73
CA ALA E 592 12.12 5.84 -17.29
C ALA E 592 10.62 5.66 -17.49
N ILE E 593 9.84 6.22 -16.58
CA ILE E 593 8.38 6.24 -16.67
C ILE E 593 7.96 7.70 -16.56
N ALA E 594 7.57 8.30 -17.68
CA ALA E 594 7.21 9.71 -17.71
C ALA E 594 6.29 9.94 -18.89
N GLN E 595 5.69 11.14 -18.92
CA GLN E 595 4.80 11.53 -19.99
C GLN E 595 5.58 12.20 -21.12
N VAL E 596 4.95 12.24 -22.30
CA VAL E 596 5.49 12.94 -23.45
C VAL E 596 4.52 14.07 -23.82
N VAL E 597 4.93 14.87 -24.79
CA VAL E 597 4.12 16.00 -25.26
C VAL E 597 3.93 15.81 -26.77
N GLN E 598 2.70 15.49 -27.16
CA GLN E 598 2.37 15.22 -28.56
C GLN E 598 1.24 16.11 -29.02
N PRO E 599 1.53 17.22 -29.69
CA PRO E 599 0.46 18.09 -30.20
C PRO E 599 -0.15 17.55 -31.48
N THR E 600 -1.46 17.79 -31.62
CA THR E 600 -2.21 17.44 -32.82
C THR E 600 -2.51 18.64 -33.69
N GLU E 601 -2.03 19.81 -33.32
CA GLU E 601 -2.26 21.04 -34.07
C GLU E 601 -1.22 22.07 -33.63
N GLN E 602 -1.26 23.24 -34.26
CA GLN E 602 -0.41 24.34 -33.84
C GLN E 602 -0.78 24.78 -32.43
N THR E 603 0.16 25.45 -31.77
CA THR E 603 -0.06 25.93 -30.41
C THR E 603 -1.24 26.91 -30.36
N ARG E 604 -2.32 26.50 -29.70
CA ARG E 604 -3.53 27.30 -29.61
C ARG E 604 -4.01 27.32 -28.17
N GLY E 605 -4.18 28.52 -27.62
CA GLY E 605 -4.70 28.68 -26.28
C GLY E 605 -6.06 29.32 -26.26
N VAL E 606 -6.84 29.07 -25.22
CA VAL E 606 -8.18 29.63 -25.12
C VAL E 606 -8.11 30.94 -24.34
N GLY E 607 -9.09 31.79 -24.56
CA GLY E 607 -9.13 33.08 -23.90
C GLY E 607 -9.38 32.98 -22.41
N LEU E 608 -9.27 34.12 -21.75
CA LEU E 608 -9.45 34.18 -20.30
C LEU E 608 -10.89 33.85 -19.93
N ILE E 609 -11.06 32.96 -18.97
CA ILE E 609 -12.36 32.61 -18.42
C ILE E 609 -12.57 33.41 -17.13
N PRO E 610 -13.73 34.01 -16.93
CA PRO E 610 -13.96 34.81 -15.71
C PRO E 610 -13.74 33.97 -14.45
N VAL E 611 -12.92 34.51 -13.54
CA VAL E 611 -12.50 33.78 -12.35
C VAL E 611 -13.49 33.96 -11.19
N ASP E 612 -14.55 34.71 -11.38
CA ASP E 612 -15.55 34.91 -10.34
C ASP E 612 -16.64 33.83 -10.36
N ARG E 613 -16.46 32.76 -11.13
CA ARG E 613 -17.42 31.67 -11.19
C ARG E 613 -16.69 30.39 -11.57
N ARG E 614 -17.42 29.29 -11.58
CA ARG E 614 -16.88 28.02 -12.03
C ARG E 614 -16.98 27.92 -13.55
N PRO E 615 -15.92 27.51 -14.23
CA PRO E 615 -16.04 27.29 -15.68
C PRO E 615 -16.90 26.07 -15.97
N THR E 616 -17.73 26.18 -17.00
CA THR E 616 -18.61 25.09 -17.38
C THR E 616 -17.79 23.94 -17.96
N ASP E 617 -18.46 22.78 -18.10
CA ASP E 617 -17.77 21.60 -18.62
C ASP E 617 -17.36 21.79 -20.08
N ASP E 618 -18.10 22.60 -20.83
CA ASP E 618 -17.70 22.89 -22.21
C ASP E 618 -16.42 23.71 -22.24
N GLU E 619 -16.26 24.64 -21.30
CA GLU E 619 -15.02 25.40 -21.21
C GLU E 619 -13.87 24.52 -20.72
N ILE E 620 -14.15 23.63 -19.76
CA ILE E 620 -13.12 22.72 -19.27
C ILE E 620 -12.67 21.78 -20.39
N ALA E 621 -13.63 21.25 -21.16
CA ALA E 621 -13.28 20.43 -22.30
C ALA E 621 -12.57 21.24 -23.38
N MET E 622 -12.88 22.54 -23.48
CA MET E 622 -12.17 23.39 -24.42
C MET E 622 -10.73 23.62 -23.99
N LEU E 623 -10.47 23.71 -22.68
CA LEU E 623 -9.11 23.84 -22.19
C LEU E 623 -8.31 22.56 -22.43
N ASP E 624 -8.95 21.40 -22.23
CA ASP E 624 -8.26 20.14 -22.45
C ASP E 624 -7.99 19.90 -23.93
N ALA E 625 -8.92 20.30 -24.79
CA ALA E 625 -8.74 20.10 -26.22
C ALA E 625 -7.64 20.98 -26.78
N SER E 626 -7.42 22.16 -26.20
CA SER E 626 -6.37 23.06 -26.67
C SER E 626 -4.98 22.61 -26.24
N LEU E 627 -4.87 21.63 -25.35
CA LEU E 627 -3.59 21.14 -24.88
C LEU E 627 -3.11 19.95 -25.71
N PRO E 628 -1.80 19.84 -25.92
CA PRO E 628 -1.27 18.67 -26.64
C PRO E 628 -1.49 17.38 -25.86
N ARG E 629 -1.58 16.29 -26.59
CA ARG E 629 -1.74 14.97 -25.98
C ARG E 629 -0.50 14.64 -25.15
N GLN E 630 -0.72 14.25 -23.89
CA GLN E 630 0.36 13.97 -22.96
C GLN E 630 0.15 12.61 -22.31
N PRO E 631 0.40 11.53 -23.04
CA PRO E 631 0.29 10.19 -22.46
C PRO E 631 1.56 9.78 -21.75
N GLN E 632 1.41 8.86 -20.79
CA GLN E 632 2.52 8.40 -19.99
C GLN E 632 3.16 7.17 -20.65
N HIS E 633 4.46 7.27 -20.90
CA HIS E 633 5.22 6.21 -21.53
C HIS E 633 6.16 5.54 -20.53
N VAL E 634 6.57 4.33 -20.87
CA VAL E 634 7.68 3.65 -20.21
C VAL E 634 8.70 3.27 -21.28
N ALA E 635 9.97 3.55 -21.02
CA ALA E 635 11.01 3.32 -22.00
C ALA E 635 12.26 2.83 -21.29
N ALA E 636 13.16 2.23 -22.07
CA ALA E 636 14.39 1.67 -21.52
C ALA E 636 15.44 1.59 -22.62
N VAL E 637 16.71 1.67 -22.22
CA VAL E 637 17.83 1.56 -23.14
C VAL E 637 18.88 0.65 -22.51
N LEU E 638 19.63 -0.05 -23.37
CA LEU E 638 20.61 -1.02 -22.91
C LEU E 638 21.87 -0.93 -23.77
N ALA E 639 23.01 -1.18 -23.15
CA ALA E 639 24.29 -1.16 -23.86
C ALA E 639 25.31 -1.94 -23.05
N GLY E 640 26.36 -2.39 -23.74
CA GLY E 640 27.43 -3.09 -23.06
C GLY E 640 27.03 -4.52 -22.71
N LEU E 641 27.53 -4.99 -21.58
CA LEU E 641 27.22 -6.34 -21.11
C LEU E 641 25.88 -6.34 -20.39
N ARG E 642 24.92 -7.13 -20.91
CA ARG E 642 23.67 -7.33 -20.19
C ARG E 642 23.92 -8.09 -18.90
N GLU E 643 24.69 -9.17 -18.97
CA GLU E 643 25.09 -9.94 -17.81
C GLU E 643 26.59 -9.81 -17.59
N PRO E 644 27.03 -9.46 -16.38
CA PRO E 644 28.46 -9.25 -16.15
C PRO E 644 29.22 -10.55 -16.10
N ARG E 645 30.54 -10.44 -16.21
CA ARG E 645 31.40 -11.61 -16.10
C ARG E 645 31.68 -11.92 -14.63
N GLY E 646 32.17 -13.13 -14.39
CA GLY E 646 32.49 -13.58 -13.07
C GLY E 646 33.04 -14.99 -13.07
N PRO E 647 33.02 -15.66 -11.91
CA PRO E 647 33.47 -17.05 -11.85
C PRO E 647 32.57 -18.01 -12.63
N TRP E 648 31.36 -17.58 -13.00
CA TRP E 648 30.47 -18.43 -13.78
C TRP E 648 30.83 -18.44 -15.27
N GLY E 649 31.30 -17.32 -15.79
CA GLY E 649 31.64 -17.22 -17.20
C GLY E 649 32.04 -15.82 -17.60
N PRO E 650 32.07 -15.55 -18.90
CA PRO E 650 32.49 -14.24 -19.40
C PRO E 650 31.39 -13.21 -19.55
N GLY E 651 30.15 -13.54 -19.16
CA GLY E 651 29.05 -12.63 -19.34
C GLY E 651 28.43 -12.73 -20.72
N ARG E 652 27.42 -11.87 -20.95
CA ARG E 652 26.69 -11.88 -22.20
C ARG E 652 26.42 -10.44 -22.63
N PRO E 653 26.77 -10.07 -23.86
CA PRO E 653 26.51 -8.71 -24.33
C PRO E 653 25.03 -8.47 -24.58
N VAL E 654 24.66 -7.19 -24.56
CA VAL E 654 23.27 -6.81 -24.84
C VAL E 654 22.94 -7.18 -26.28
N GLU E 655 21.77 -7.79 -26.46
CA GLU E 655 21.27 -8.13 -27.79
C GLU E 655 19.80 -7.72 -27.88
N ALA E 656 19.23 -7.85 -29.08
CA ALA E 656 17.88 -7.38 -29.31
C ALA E 656 16.87 -8.12 -28.43
N ALA E 657 17.09 -9.42 -28.20
CA ALA E 657 16.16 -10.20 -27.38
C ALA E 657 16.08 -9.70 -25.95
N ASP E 658 17.12 -9.01 -25.46
CA ASP E 658 17.03 -8.39 -24.13
C ASP E 658 16.02 -7.26 -24.11
N ALA E 659 15.90 -6.51 -25.20
CA ALA E 659 14.87 -5.48 -25.29
C ALA E 659 13.48 -6.12 -25.39
N PHE E 660 13.37 -7.23 -26.11
CA PHE E 660 12.10 -7.95 -26.18
C PHE E 660 11.72 -8.49 -24.81
N GLU E 661 12.69 -8.97 -24.05
CA GLU E 661 12.41 -9.46 -22.70
C GLU E 661 11.96 -8.32 -21.79
N ALA E 662 12.53 -7.12 -21.97
CA ALA E 662 12.06 -5.97 -21.22
C ALA E 662 10.58 -5.71 -21.49
N VAL E 663 10.13 -5.94 -22.73
CA VAL E 663 8.70 -5.84 -23.03
C VAL E 663 7.91 -6.86 -22.24
N ARG E 664 8.40 -8.11 -22.21
N ARG E 664 8.39 -8.10 -22.20
CA ARG E 664 7.71 -9.17 -21.48
CA ARG E 664 7.66 -9.15 -21.48
C ARG E 664 7.67 -8.87 -19.99
C ARG E 664 7.73 -8.95 -19.97
N ILE E 665 8.74 -8.26 -19.46
CA ILE E 665 8.78 -7.92 -18.04
C ILE E 665 7.71 -6.88 -17.73
N ILE E 666 7.61 -5.86 -18.56
CA ILE E 666 6.58 -4.83 -18.38
C ILE E 666 5.19 -5.43 -18.55
N ALA E 667 5.04 -6.37 -19.50
CA ALA E 667 3.74 -6.97 -19.74
C ALA E 667 3.29 -7.83 -18.56
N ARG E 668 4.19 -8.65 -18.03
CA ARG E 668 3.86 -9.42 -16.84
C ARG E 668 3.52 -8.53 -15.65
N ALA E 669 4.25 -7.41 -15.53
CA ALA E 669 3.93 -6.44 -14.48
C ALA E 669 2.54 -5.85 -14.67
N SER E 670 2.11 -5.68 -15.92
CA SER E 670 0.79 -5.14 -16.22
C SER E 670 -0.30 -6.20 -16.27
N ARG E 671 0.06 -7.48 -16.18
CA ARG E 671 -0.89 -8.60 -16.24
C ARG E 671 -1.70 -8.56 -17.53
N VAL E 672 -1.03 -8.30 -18.65
CA VAL E 672 -1.63 -8.38 -19.98
C VAL E 672 -0.68 -9.16 -20.89
N ASP E 673 -1.26 -9.75 -21.93
CA ASP E 673 -0.49 -10.49 -22.92
C ASP E 673 -0.12 -9.57 -24.07
N VAL E 674 1.10 -9.71 -24.58
CA VAL E 674 1.56 -8.94 -25.71
C VAL E 674 2.00 -9.89 -26.82
N THR E 675 1.93 -9.40 -28.05
CA THR E 675 2.49 -10.09 -29.21
C THR E 675 3.43 -9.14 -29.93
N LEU E 676 4.57 -9.67 -30.36
CA LEU E 676 5.55 -8.90 -31.09
C LEU E 676 5.50 -9.27 -32.56
N ARG E 677 5.60 -8.26 -33.43
CA ARG E 677 5.61 -8.47 -34.87
C ARG E 677 6.75 -7.68 -35.50
N PRO E 678 7.40 -8.22 -36.51
CA PRO E 678 8.48 -7.48 -37.16
C PRO E 678 7.97 -6.16 -37.74
N ALA E 679 8.80 -5.12 -37.62
CA ALA E 679 8.41 -3.80 -38.08
C ALA E 679 9.65 -3.00 -38.43
N GLN E 680 9.46 -2.01 -39.29
CA GLN E 680 10.50 -1.06 -39.65
C GLN E 680 10.10 0.30 -39.08
N TYR E 681 10.89 0.79 -38.14
CA TYR E 681 10.53 2.02 -37.42
C TYR E 681 11.80 2.59 -36.81
N LEU E 682 12.29 3.70 -37.38
CA LEU E 682 13.47 4.36 -36.85
C LEU E 682 13.21 4.84 -35.42
N PRO E 683 14.24 4.94 -34.59
CA PRO E 683 15.67 4.68 -34.86
C PRO E 683 16.06 3.21 -34.72
N TRP E 684 15.12 2.28 -34.82
CA TRP E 684 15.44 0.88 -34.63
C TRP E 684 15.99 0.25 -35.90
N HIS E 685 16.81 -0.78 -35.70
CA HIS E 685 17.32 -1.61 -36.79
C HIS E 685 16.14 -2.29 -37.49
N PRO E 686 15.98 -2.13 -38.81
CA PRO E 686 14.78 -2.67 -39.46
C PRO E 686 14.66 -4.18 -39.38
N GLY E 687 15.77 -4.90 -39.34
CA GLY E 687 15.75 -6.34 -39.20
C GLY E 687 15.77 -6.84 -37.77
N ARG E 688 15.84 -5.95 -36.79
CA ARG E 688 15.87 -6.31 -35.38
C ARG E 688 14.93 -5.42 -34.58
N CYS E 689 13.74 -5.16 -35.14
CA CYS E 689 12.76 -4.28 -34.52
C CYS E 689 11.42 -5.00 -34.42
N ALA E 690 10.78 -4.88 -33.26
CA ALA E 690 9.47 -5.48 -33.02
C ALA E 690 8.48 -4.40 -32.64
N GLN E 691 7.24 -4.55 -33.11
CA GLN E 691 6.15 -3.67 -32.73
C GLN E 691 5.28 -4.43 -31.73
N VAL E 692 5.10 -3.87 -30.55
CA VAL E 692 4.38 -4.52 -29.47
C VAL E 692 2.89 -4.28 -29.64
N PHE E 693 2.09 -5.33 -29.41
CA PHE E 693 0.65 -5.26 -29.55
C PHE E 693 -0.02 -5.87 -28.33
N VAL E 694 -1.07 -5.21 -27.85
CA VAL E 694 -1.98 -5.76 -26.86
C VAL E 694 -3.32 -5.94 -27.56
N GLY E 695 -3.72 -7.20 -27.76
CA GLY E 695 -4.85 -7.49 -28.60
C GLY E 695 -4.54 -7.13 -30.04
N GLU E 696 -5.16 -6.07 -30.56
CA GLU E 696 -4.88 -5.58 -31.90
C GLU E 696 -4.42 -4.13 -31.90
N SER E 697 -4.09 -3.57 -30.73
CA SER E 697 -3.67 -2.19 -30.61
C SER E 697 -2.16 -2.12 -30.45
N SER E 698 -1.52 -1.25 -31.23
CA SER E 698 -0.08 -1.03 -31.12
C SER E 698 0.23 -0.19 -29.91
N VAL E 699 1.19 -0.64 -29.09
CA VAL E 699 1.53 0.03 -27.85
C VAL E 699 2.98 0.50 -27.80
N GLY E 700 3.79 0.17 -28.80
CA GLY E 700 5.16 0.68 -28.82
C GLY E 700 6.06 -0.19 -29.69
N HIS E 701 7.36 -0.01 -29.49
CA HIS E 701 8.38 -0.72 -30.24
C HIS E 701 9.52 -1.12 -29.31
N ALA E 702 10.37 -2.02 -29.80
CA ALA E 702 11.52 -2.50 -29.04
C ALA E 702 12.46 -3.23 -29.99
N GLY E 703 13.72 -3.32 -29.59
CA GLY E 703 14.72 -4.02 -30.35
C GLY E 703 16.04 -3.29 -30.31
N GLN E 704 16.86 -3.54 -31.32
CA GLN E 704 18.18 -2.93 -31.45
C GLN E 704 18.10 -1.69 -32.33
N LEU E 705 18.89 -0.68 -31.98
CA LEU E 705 18.88 0.58 -32.72
C LEU E 705 19.61 0.44 -34.04
N HIS E 706 19.28 1.34 -34.97
CA HIS E 706 19.90 1.33 -36.29
C HIS E 706 21.38 1.67 -36.18
N PRO E 707 22.25 0.95 -36.89
CA PRO E 707 23.69 1.27 -36.81
C PRO E 707 24.04 2.66 -37.31
N ALA E 708 23.26 3.20 -38.25
CA ALA E 708 23.50 4.57 -38.70
C ALA E 708 23.12 5.59 -37.63
N VAL E 709 22.03 5.34 -36.92
CA VAL E 709 21.65 6.21 -35.82
C VAL E 709 22.67 6.14 -34.70
N ILE E 710 23.18 4.93 -34.41
CA ILE E 710 24.19 4.76 -33.37
C ILE E 710 25.47 5.49 -33.75
N GLU E 711 25.89 5.38 -35.00
CA GLU E 711 27.11 6.04 -35.44
C GLU E 711 26.97 7.56 -35.41
N ARG E 712 25.81 8.08 -35.81
CA ARG E 712 25.61 9.52 -35.84
C ARG E 712 25.34 10.12 -34.47
N SER E 713 24.98 9.30 -33.47
CA SER E 713 24.64 9.80 -32.15
C SER E 713 25.76 9.60 -31.13
N GLY E 714 26.87 9.00 -31.53
CA GLY E 714 27.94 8.71 -30.58
C GLY E 714 27.57 7.69 -29.54
N LEU E 715 26.68 6.76 -29.86
CA LEU E 715 26.19 5.70 -29.00
C LEU E 715 27.09 4.47 -29.09
N PRO E 716 27.14 3.67 -28.03
CA PRO E 716 27.88 2.41 -28.10
C PRO E 716 27.23 1.44 -29.07
N LYS E 717 28.07 0.60 -29.68
CA LYS E 717 27.59 -0.36 -30.66
C LYS E 717 26.61 -1.34 -30.03
N GLY E 718 25.60 -1.73 -30.80
CA GLY E 718 24.64 -2.71 -30.34
C GLY E 718 23.63 -2.21 -29.34
N THR E 719 23.48 -0.89 -29.19
CA THR E 719 22.53 -0.33 -28.24
C THR E 719 21.12 -0.74 -28.59
N CYS E 720 20.37 -1.20 -27.59
CA CYS E 720 18.98 -1.59 -27.75
C CYS E 720 18.08 -0.66 -26.94
N ALA E 721 16.81 -0.60 -27.32
CA ALA E 721 15.89 0.35 -26.72
C ALA E 721 14.47 -0.20 -26.74
N VAL E 722 13.66 0.27 -25.78
CA VAL E 722 12.24 -0.06 -25.68
C VAL E 722 11.49 1.24 -25.39
N GLU E 723 10.27 1.34 -25.90
CA GLU E 723 9.37 2.42 -25.52
C GLU E 723 7.94 1.97 -25.72
N LEU E 724 7.15 1.99 -24.65
CA LEU E 724 5.76 1.59 -24.68
C LEU E 724 4.87 2.72 -24.19
N ASN E 725 3.63 2.74 -24.67
CA ASN E 725 2.63 3.72 -24.26
C ASN E 725 1.73 3.06 -23.23
N LEU E 726 1.91 3.44 -21.96
CA LEU E 726 1.15 2.81 -20.88
C LEU E 726 -0.33 3.10 -21.00
N ASP E 727 -0.68 4.31 -21.45
CA ASP E 727 -2.09 4.65 -21.58
C ASP E 727 -2.79 3.87 -22.69
N ALA E 728 -2.03 3.35 -23.66
CA ALA E 728 -2.60 2.49 -24.67
C ALA E 728 -2.75 1.04 -24.20
N ILE E 729 -2.12 0.69 -23.08
CA ILE E 729 -2.24 -0.65 -22.50
C ILE E 729 -3.42 -0.63 -21.53
N PRO E 730 -4.47 -1.40 -21.76
CA PRO E 730 -5.63 -1.37 -20.87
C PRO E 730 -5.33 -2.09 -19.56
N CYS E 731 -5.91 -1.55 -18.48
CA CYS E 731 -5.79 -2.20 -17.19
C CYS E 731 -6.61 -3.48 -17.16
N SER E 732 -6.09 -4.47 -16.45
CA SER E 732 -6.71 -5.79 -16.40
C SER E 732 -6.85 -6.25 -14.96
N ALA E 733 -7.92 -6.98 -14.69
CA ALA E 733 -8.18 -7.58 -13.38
C ALA E 733 -8.58 -9.04 -13.58
N PRO E 734 -7.63 -9.90 -13.92
CA PRO E 734 -7.96 -11.31 -14.17
C PRO E 734 -8.29 -12.03 -12.88
N LEU E 735 -9.25 -12.96 -12.97
CA LEU E 735 -9.63 -13.82 -11.86
C LEU E 735 -9.42 -15.27 -12.30
N PRO E 736 -8.18 -15.76 -12.24
CA PRO E 736 -7.92 -17.13 -12.67
C PRO E 736 -8.58 -18.14 -11.74
N ALA E 737 -8.89 -19.31 -12.30
CA ALA E 737 -9.45 -20.42 -11.53
C ALA E 737 -8.91 -21.73 -12.09
N PRO E 738 -7.62 -22.00 -11.90
CA PRO E 738 -7.04 -23.23 -12.45
C PRO E 738 -7.49 -24.45 -11.69
N ARG E 739 -7.61 -25.56 -12.41
CA ARG E 739 -7.99 -26.84 -11.82
C ARG E 739 -6.82 -27.80 -11.99
N VAL E 740 -6.16 -28.13 -10.89
CA VAL E 740 -4.98 -28.99 -10.91
C VAL E 740 -5.44 -30.42 -11.13
N SER E 741 -4.91 -31.06 -12.18
CA SER E 741 -5.27 -32.44 -12.50
C SER E 741 -4.35 -33.41 -11.76
N PRO E 742 -4.91 -34.39 -11.04
CA PRO E 742 -4.08 -35.34 -10.31
C PRO E 742 -3.49 -36.44 -11.18
N TYR E 743 -3.82 -36.49 -12.46
CA TYR E 743 -3.42 -37.56 -13.35
C TYR E 743 -2.07 -37.25 -14.00
N PRO E 744 -1.30 -38.27 -14.37
CA PRO E 744 0.02 -38.03 -14.94
C PRO E 744 -0.06 -37.36 -16.31
N ALA E 745 1.07 -36.82 -16.73
CA ALA E 745 1.19 -36.14 -18.01
C ALA E 745 1.89 -37.04 -19.02
N VAL E 746 1.90 -36.58 -20.28
CA VAL E 746 2.59 -37.25 -21.37
C VAL E 746 3.53 -36.26 -22.03
N PHE E 747 4.81 -36.61 -22.12
CA PHE E 747 5.82 -35.75 -22.73
C PHE E 747 6.07 -36.21 -24.17
N GLN E 748 5.96 -35.27 -25.10
CA GLN E 748 6.28 -35.53 -26.50
C GLN E 748 6.92 -34.28 -27.10
N ASP E 749 7.75 -34.50 -28.11
CA ASP E 749 8.36 -33.42 -28.87
C ASP E 749 7.96 -33.52 -30.32
N VAL E 750 7.90 -32.37 -31.00
CA VAL E 750 7.53 -32.31 -32.41
C VAL E 750 8.47 -31.35 -33.11
N SER E 751 8.95 -31.75 -34.28
CA SER E 751 9.85 -30.92 -35.09
C SER E 751 9.13 -30.53 -36.36
N LEU E 752 9.00 -29.22 -36.59
CA LEU E 752 8.29 -28.68 -37.74
C LEU E 752 9.23 -27.80 -38.55
N VAL E 753 9.16 -27.94 -39.87
CA VAL E 753 9.97 -27.16 -40.80
C VAL E 753 9.07 -26.13 -41.47
N VAL E 754 9.46 -24.86 -41.37
CA VAL E 754 8.71 -23.74 -41.94
C VAL E 754 9.67 -22.83 -42.68
N ALA E 755 9.10 -21.88 -43.40
CA ALA E 755 9.91 -20.85 -44.05
C ALA E 755 10.60 -19.99 -42.99
N ALA E 756 11.73 -19.40 -43.37
CA ALA E 756 12.51 -18.63 -42.42
C ALA E 756 11.76 -17.41 -41.92
N ASP E 757 10.84 -16.88 -42.72
CA ASP E 757 10.09 -15.68 -42.34
C ASP E 757 8.97 -15.98 -41.36
N ILE E 758 8.56 -17.23 -41.22
CA ILE E 758 7.46 -17.60 -40.32
C ILE E 758 7.90 -17.40 -38.87
N PRO E 759 7.17 -16.59 -38.09
CA PRO E 759 7.56 -16.39 -36.69
C PRO E 759 7.37 -17.66 -35.88
N ALA E 760 8.27 -17.88 -34.92
CA ALA E 760 8.18 -19.06 -34.07
C ALA E 760 6.91 -19.05 -33.23
N GLN E 761 6.41 -17.87 -32.87
CA GLN E 761 5.18 -17.80 -32.10
C GLN E 761 3.98 -18.25 -32.92
N ALA E 762 3.95 -17.90 -34.21
CA ALA E 762 2.86 -18.34 -35.07
C ALA E 762 2.80 -19.85 -35.19
N VAL E 763 3.96 -20.52 -35.18
CA VAL E 763 3.98 -21.97 -35.20
C VAL E 763 3.47 -22.53 -33.87
N ALA E 764 3.90 -21.93 -32.75
CA ALA E 764 3.46 -22.38 -31.45
C ALA E 764 1.96 -22.17 -31.27
N ASP E 765 1.43 -21.05 -31.78
CA ASP E 765 -0.01 -20.82 -31.72
C ASP E 765 -0.77 -21.87 -32.51
N ALA E 766 -0.28 -22.21 -33.71
CA ALA E 766 -0.96 -23.21 -34.53
C ALA E 766 -0.92 -24.59 -33.86
N VAL E 767 0.20 -24.92 -33.21
CA VAL E 767 0.28 -26.18 -32.49
C VAL E 767 -0.71 -26.20 -31.34
N ARG E 768 -0.80 -25.11 -30.59
CA ARG E 768 -1.73 -25.04 -29.48
C ARG E 768 -3.18 -25.07 -29.95
N ALA E 769 -3.44 -24.59 -31.17
CA ALA E 769 -4.81 -24.61 -31.68
C ALA E 769 -5.26 -26.02 -32.02
N GLY E 770 -4.38 -26.83 -32.61
CA GLY E 770 -4.76 -28.18 -32.98
C GLY E 770 -4.72 -29.17 -31.84
N ALA E 771 -3.79 -28.99 -30.90
CA ALA E 771 -3.64 -29.96 -29.81
C ALA E 771 -4.86 -30.00 -28.90
N GLY E 772 -5.56 -28.88 -28.76
CA GLY E 772 -6.76 -28.85 -27.95
C GLY E 772 -6.47 -28.64 -26.48
N ASP E 773 -7.48 -28.98 -25.67
CA ASP E 773 -7.40 -28.78 -24.23
C ASP E 773 -6.51 -29.78 -23.52
N LEU E 774 -6.04 -30.83 -24.21
CA LEU E 774 -5.12 -31.76 -23.59
C LEU E 774 -3.73 -31.15 -23.41
N LEU E 775 -3.37 -30.18 -24.25
CA LEU E 775 -2.05 -29.57 -24.20
C LEU E 775 -1.93 -28.71 -22.94
N GLU E 776 -1.08 -29.13 -22.02
CA GLU E 776 -0.86 -28.39 -20.78
C GLU E 776 0.24 -27.35 -20.90
N ASP E 777 1.26 -27.61 -21.72
CA ASP E 777 2.37 -26.70 -21.86
C ASP E 777 3.12 -26.99 -23.15
N ILE E 778 3.66 -25.93 -23.77
CA ILE E 778 4.45 -26.04 -24.98
C ILE E 778 5.61 -25.05 -24.88
N ALA E 779 6.82 -25.51 -25.21
CA ALA E 779 8.01 -24.67 -25.12
C ALA E 779 8.94 -24.98 -26.26
N LEU E 780 9.41 -23.93 -26.95
CA LEU E 780 10.37 -24.07 -28.02
C LEU E 780 11.78 -24.17 -27.44
N PHE E 781 12.54 -25.17 -27.89
CA PHE E 781 13.89 -25.37 -27.38
C PHE E 781 14.93 -25.64 -28.47
N ASP E 782 14.58 -25.50 -29.75
CA ASP E 782 15.55 -25.74 -30.81
C ASP E 782 15.11 -25.02 -32.08
N VAL E 783 15.97 -24.15 -32.59
CA VAL E 783 15.82 -23.55 -33.92
C VAL E 783 17.01 -24.01 -34.74
N PHE E 784 16.78 -24.90 -35.70
CA PHE E 784 17.86 -25.54 -36.44
C PHE E 784 17.74 -25.21 -37.92
N THR E 785 18.73 -24.52 -38.44
CA THR E 785 18.98 -24.45 -39.87
C THR E 785 20.16 -25.37 -40.20
N GLY E 786 20.63 -25.34 -41.44
CA GLY E 786 21.76 -26.13 -41.82
C GLY E 786 21.53 -26.99 -43.04
N PRO E 787 22.45 -27.91 -43.32
CA PRO E 787 22.39 -28.65 -44.59
C PRO E 787 21.15 -29.51 -44.74
N GLN E 788 20.67 -30.13 -43.66
CA GLN E 788 19.50 -30.99 -43.76
C GLN E 788 18.24 -30.21 -44.12
N ILE E 789 18.21 -28.91 -43.83
CA ILE E 789 17.04 -28.07 -44.06
C ILE E 789 17.30 -27.20 -45.29
N GLY E 790 16.30 -27.10 -46.16
CA GLY E 790 16.44 -26.34 -47.38
C GLY E 790 16.73 -24.88 -47.14
N GLU E 791 17.06 -24.18 -48.23
CA GLU E 791 17.40 -22.77 -48.15
C GLU E 791 16.19 -21.94 -47.77
N HIS E 792 16.43 -20.89 -46.97
CA HIS E 792 15.38 -19.98 -46.49
C HIS E 792 14.29 -20.74 -45.73
N ARG E 793 14.67 -21.82 -45.06
CA ARG E 793 13.77 -22.59 -44.22
C ARG E 793 14.45 -22.84 -42.89
N LYS E 794 13.67 -23.34 -41.92
CA LYS E 794 14.18 -23.58 -40.59
C LYS E 794 13.34 -24.66 -39.91
N SER E 795 13.98 -25.40 -39.01
CA SER E 795 13.34 -26.46 -38.26
C SER E 795 13.16 -26.02 -36.81
N LEU E 796 11.96 -26.18 -36.29
CA LEU E 796 11.63 -25.82 -34.92
C LEU E 796 11.18 -27.06 -34.17
N THR E 797 11.73 -27.28 -32.98
CA THR E 797 11.36 -28.42 -32.14
C THR E 797 10.73 -27.89 -30.85
N PHE E 798 9.48 -28.27 -30.62
CA PHE E 798 8.74 -27.85 -29.43
C PHE E 798 8.61 -29.00 -28.46
N ALA E 799 8.67 -28.69 -27.16
CA ALA E 799 8.45 -29.66 -26.10
C ALA E 799 7.00 -29.55 -25.65
N LEU E 800 6.25 -30.65 -25.80
CA LEU E 800 4.82 -30.67 -25.48
C LEU E 800 4.58 -31.48 -24.22
N ARG E 801 3.62 -31.04 -23.41
CA ARG E 801 3.19 -31.76 -22.21
C ARG E 801 1.68 -31.87 -22.25
N PHE E 802 1.17 -33.08 -22.44
CA PHE E 802 -0.26 -33.34 -22.47
C PHE E 802 -0.71 -33.89 -21.12
N ARG E 803 -1.90 -33.49 -20.69
CA ARG E 803 -2.47 -34.01 -19.46
C ARG E 803 -3.98 -33.89 -19.51
N ALA E 804 -4.68 -34.97 -19.13
CA ALA E 804 -6.13 -34.99 -19.10
C ALA E 804 -6.64 -34.58 -17.72
N PRO E 805 -7.81 -33.98 -17.64
CA PRO E 805 -8.37 -33.57 -16.34
C PRO E 805 -9.11 -34.66 -15.59
N ASP E 806 -9.42 -35.79 -16.24
CA ASP E 806 -10.25 -36.80 -15.61
C ASP E 806 -9.77 -38.23 -15.81
N ARG E 807 -8.62 -38.43 -16.45
CA ARG E 807 -8.18 -39.78 -16.78
C ARG E 807 -6.68 -39.77 -17.04
N THR E 808 -6.12 -40.98 -17.14
CA THR E 808 -4.74 -41.17 -17.55
C THR E 808 -4.71 -41.41 -19.06
N LEU E 809 -3.82 -40.70 -19.75
CA LEU E 809 -3.71 -40.80 -21.20
C LEU E 809 -2.86 -41.99 -21.62
N THR E 810 -3.15 -42.51 -22.80
CA THR E 810 -2.26 -43.46 -23.47
C THR E 810 -1.39 -42.69 -24.46
N GLU E 811 -0.33 -43.36 -24.93
CA GLU E 811 0.58 -42.71 -25.87
C GLU E 811 -0.13 -42.37 -27.18
N ASP E 812 -1.11 -43.18 -27.58
CA ASP E 812 -1.87 -42.88 -28.79
C ASP E 812 -2.81 -41.70 -28.59
N ASP E 813 -3.34 -41.53 -27.38
CA ASP E 813 -4.21 -40.38 -27.11
C ASP E 813 -3.45 -39.06 -27.27
N ALA E 814 -2.20 -39.02 -26.81
CA ALA E 814 -1.40 -37.81 -26.96
C ALA E 814 -0.97 -37.62 -28.41
N SER E 815 -0.63 -38.71 -29.11
CA SER E 815 -0.20 -38.60 -30.49
C SER E 815 -1.31 -38.07 -31.39
N ALA E 816 -2.56 -38.40 -31.08
CA ALA E 816 -3.68 -37.88 -31.85
C ALA E 816 -3.75 -36.35 -31.74
N ALA E 817 -3.65 -35.84 -30.52
CA ALA E 817 -3.63 -34.39 -30.34
C ALA E 817 -2.38 -33.76 -30.93
N ARG E 818 -1.26 -34.49 -30.94
CA ARG E 818 -0.05 -33.98 -31.56
C ARG E 818 -0.20 -33.94 -33.08
N ASP E 819 -0.78 -34.99 -33.67
CA ASP E 819 -1.01 -34.99 -35.11
C ASP E 819 -2.00 -33.90 -35.50
N ALA E 820 -3.00 -33.64 -34.66
CA ALA E 820 -3.92 -32.54 -34.92
C ALA E 820 -3.20 -31.20 -34.87
N ALA E 821 -2.17 -31.07 -34.03
CA ALA E 821 -1.37 -29.86 -34.02
C ALA E 821 -0.54 -29.75 -35.30
N VAL E 822 0.00 -30.87 -35.79
CA VAL E 822 0.78 -30.85 -37.02
C VAL E 822 -0.11 -30.43 -38.19
N GLN E 823 -1.34 -30.92 -38.24
CA GLN E 823 -2.24 -30.52 -39.31
C GLN E 823 -2.66 -29.07 -39.17
N SER E 824 -2.84 -28.59 -37.92
CA SER E 824 -3.13 -27.18 -37.71
C SER E 824 -1.95 -26.31 -38.13
N ALA E 825 -0.74 -26.73 -37.80
CA ALA E 825 0.44 -25.98 -38.23
C ALA E 825 0.62 -26.04 -39.74
N ALA E 826 0.17 -27.12 -40.38
CA ALA E 826 0.32 -27.25 -41.82
C ALA E 826 -0.56 -26.25 -42.57
N GLU E 827 -1.82 -26.13 -42.16
CA GLU E 827 -2.76 -25.26 -42.86
C GLU E 827 -2.69 -23.81 -42.40
N ARG E 828 -1.87 -23.48 -41.40
CA ARG E 828 -1.80 -22.12 -40.89
C ARG E 828 -0.46 -21.44 -41.12
N VAL E 829 0.64 -22.18 -41.11
CA VAL E 829 1.95 -21.57 -41.39
C VAL E 829 2.70 -22.41 -42.42
N GLY E 830 2.04 -23.39 -43.00
CA GLY E 830 2.67 -24.22 -44.01
C GLY E 830 3.75 -25.14 -43.47
N ALA E 831 3.66 -25.54 -42.21
CA ALA E 831 4.67 -26.38 -41.62
C ALA E 831 4.66 -27.77 -42.23
N VAL E 832 5.84 -28.38 -42.30
CA VAL E 832 6.00 -29.76 -42.74
C VAL E 832 6.65 -30.53 -41.60
N LEU E 833 6.09 -31.69 -41.27
CA LEU E 833 6.66 -32.54 -40.24
C LEU E 833 8.07 -32.95 -40.62
N ARG E 834 9.00 -32.78 -39.70
CA ARG E 834 10.40 -33.10 -39.96
C ARG E 834 10.57 -34.60 -40.20
N GLY E 835 11.18 -34.94 -41.33
CA GLY E 835 11.39 -36.33 -41.68
C GLY E 835 12.85 -36.67 -41.92
C13 A1BA3 G . -17.19 -13.24 14.26
C01 A1BA3 G . -17.58 -10.97 14.91
C02 A1BA3 G . -16.21 -10.71 14.85
C03 A1BA3 G . -15.34 -11.72 14.49
C04 A1BA3 G . -15.82 -12.98 14.20
C06 A1BA3 G . -15.44 -15.28 13.28
C07 A1BA3 G . -14.99 -16.47 14.12
C12 A1BA3 G . -17.09 -19.91 14.99
C14 A1BA3 G . -18.06 -12.22 14.61
N05 A1BA3 G . -14.91 -14.04 13.82
N08 A1BA3 G . -16.16 -17.21 14.57
O10 A1BA3 G . -14.57 -19.04 15.56
O11 A1BA3 G . -16.17 -18.28 16.98
S09 A1BA3 G . -15.97 -18.59 15.56
C1 GOL H . -26.93 -19.78 27.34
O1 GOL H . -27.75 -20.16 28.42
C2 GOL H . -26.65 -18.30 27.43
O2 GOL H . -25.97 -18.03 28.63
C3 GOL H . -25.86 -17.84 26.22
O3 GOL H . -24.64 -18.55 26.20
C1 PGE I . -25.67 6.11 14.72
O1 PGE I . -25.06 5.32 13.73
C2 PGE I . -24.91 6.00 16.02
O2 PGE I . -25.80 5.98 17.11
C3 PGE I . -25.57 6.94 18.10
C4 PGE I . -24.28 6.75 18.87
O4 PGE I . -23.66 4.15 21.88
C6 PGE I . -24.01 3.55 20.65
C5 PGE I . -23.73 4.56 19.55
O3 PGE I . -24.44 5.74 19.84
MG MG J . -28.55 -12.65 22.45
MG MG K . -24.07 -20.26 9.31
NA NA L . 16.89 -13.25 -30.81
C1 GOL M . -32.68 -38.05 31.54
O1 GOL M . -33.68 -37.35 30.85
C2 GOL M . -33.21 -38.47 32.89
O2 GOL M . -32.32 -38.01 33.89
C3 GOL M . -33.36 -39.98 32.95
O3 GOL M . -34.17 -40.29 34.06
C1 GOL N . -36.06 -43.52 23.98
O1 GOL N . -35.37 -42.32 23.79
C2 GOL N . -35.69 -44.09 25.33
O2 GOL N . -36.11 -43.20 26.34
C3 GOL N . -36.33 -45.47 25.52
O3 GOL N . -36.69 -45.60 26.87
C1 GOL O . -46.01 -23.00 33.49
O1 GOL O . -47.32 -23.28 33.95
C2 GOL O . -45.87 -21.52 33.24
O2 GOL O . -44.52 -21.24 32.92
C3 GOL O . -46.80 -21.08 32.11
O3 GOL O . -46.62 -19.70 31.91
C1 GOL P . -31.04 7.78 18.18
O1 GOL P . -32.11 8.59 17.75
C2 GOL P . -29.94 7.79 17.14
O2 GOL P . -28.86 7.01 17.60
C3 GOL P . -30.48 7.24 15.82
O3 GOL P . -29.50 7.44 14.83
C1 GOL Q . -48.65 -12.67 23.02
O1 GOL Q . -49.58 -11.64 22.76
C2 GOL Q . -47.27 -12.08 23.23
O2 GOL Q . -46.42 -13.10 23.70
C3 GOL Q . -46.75 -11.47 21.94
O3 GOL Q . -46.30 -12.54 21.13
C1 GOL R . 1.40 9.41 10.75
O1 GOL R . 2.69 9.70 11.20
C2 GOL R . 0.38 9.95 11.72
O2 GOL R . -0.91 9.54 11.31
C3 GOL R . 0.69 9.44 13.13
O3 GOL R . -0.41 9.76 13.96
N1 EPE S . -52.57 -36.17 -3.91
C2 EPE S . -53.80 -36.26 -3.14
C3 EPE S . -54.75 -37.29 -3.70
N4 EPE S . -55.03 -37.01 -5.09
C5 EPE S . -53.81 -37.01 -5.86
C6 EPE S . -52.86 -35.97 -5.32
C7 EPE S . -56.04 -37.88 -5.68
C8 EPE S . -55.62 -39.32 -5.91
O8 EPE S . -55.24 -39.50 -7.25
C9 EPE S . -51.67 -35.14 -3.43
C10 EPE S . -51.04 -35.48 -2.09
S EPE S . -49.25 -35.20 -2.07
O1S EPE S . -48.65 -36.50 -2.42
O2S EPE S . -49.01 -34.15 -3.09
O3S EPE S . -48.92 -34.76 -0.71
N1 EPE T . -54.46 -33.80 18.69
C2 EPE T . -55.27 -32.77 18.07
C3 EPE T . -55.51 -33.02 16.59
N4 EPE T . -54.25 -33.17 15.90
C5 EPE T . -53.51 -34.27 16.48
C6 EPE T . -53.23 -34.00 17.94
C7 EPE T . -54.40 -33.34 14.46
C8 EPE T . -53.11 -33.37 13.67
O8 EPE T . -52.74 -34.70 13.39
C9 EPE T . -54.15 -33.50 20.07
C10 EPE T . -54.83 -34.44 21.06
S EPE T . -54.24 -34.17 22.74
O1S EPE T . -54.55 -35.41 23.48
O2S EPE T . -52.80 -33.89 22.62
O3S EPE T . -55.00 -33.00 23.24
C ACT U . -62.90 -61.28 -1.58
O ACT U . -62.37 -60.62 -2.51
OXT ACT U . -62.34 -61.68 -0.54
CH3 ACT U . -64.38 -61.62 -1.76
C ACT V . -42.30 -17.92 36.78
O ACT V . -41.54 -17.14 36.18
OXT ACT V . -42.19 -18.31 37.95
CH3 ACT V . -43.50 -18.45 35.96
C ACT W . -52.25 -37.14 10.60
O ACT W . -51.89 -36.80 9.45
OXT ACT W . -51.90 -36.61 11.68
CH3 ACT W . -53.24 -38.31 10.68
S DMS X . 16.08 -11.78 -12.70
O DMS X . 15.93 -10.61 -11.76
C1 DMS X . 14.43 -12.14 -13.33
C2 DMS X . 16.25 -13.26 -11.68
MG MG Y . -0.38 -43.57 -5.09
MG MG Z . 13.56 -43.71 -25.75
C13 A1BA3 AA . 2.15 27.12 -1.16
C01 A1BA3 AA . -0.01 26.17 -0.70
C02 A1BA3 AA . 0.18 25.24 -1.70
C03 A1BA3 AA . 1.36 25.25 -2.45
C04 A1BA3 AA . 2.34 26.19 -2.17
C06 A1BA3 AA . 4.75 26.85 -2.41
C07 A1BA3 AA . 5.89 25.84 -2.30
C12 A1BA3 AA . 10.03 26.24 -2.88
C14 A1BA3 AA . 0.97 27.11 -0.43
N05 A1BA3 AA . 3.57 26.20 -2.94
N08 A1BA3 AA . 7.17 26.49 -2.53
O10 A1BA3 AA . 8.26 24.21 -3.22
O11 A1BA3 AA . 8.20 25.80 -4.84
S09 A1BA3 AA . 8.39 25.66 -3.39
MG MG BA . 10.58 32.91 1.65
C ACT CA . 0.49 42.65 -9.41
O ACT CA . -0.05 42.60 -10.53
OXT ACT CA . -0.05 42.39 -8.31
CH3 ACT CA . 1.97 43.05 -9.40
MG MG DA . -3.19 39.25 3.57
C1 GOL EA . -11.50 26.77 18.59
O1 GOL EA . -11.89 25.42 18.68
C2 GOL EA . -12.54 27.53 17.81
O2 GOL EA . -13.06 26.71 16.79
C3 GOL EA . -13.64 28.02 18.74
O3 GOL EA . -14.71 28.48 17.94
C1 GOL FA . -3.70 45.15 -3.75
O1 GOL FA . -4.83 44.34 -3.98
C2 GOL FA . -2.47 44.28 -3.68
O2 GOL FA . -1.41 45.04 -3.14
C3 GOL FA . -2.74 43.04 -2.87
O3 GOL FA . -1.55 42.29 -2.79
C1 GOL GA . 8.58 59.21 -10.25
O1 GOL GA . 8.26 59.75 -8.99
C2 GOL GA . 8.24 60.20 -11.34
O2 GOL GA . 6.96 60.74 -11.07
C3 GOL GA . 9.29 61.29 -11.41
O3 GOL GA . 8.64 62.52 -11.59
C ACT HA . -8.55 58.95 4.55
O ACT HA . -7.64 59.33 5.32
OXT ACT HA . -8.92 57.77 4.37
CH3 ACT HA . -9.27 60.05 3.77
C ACT IA . -7.33 41.44 23.77
O ACT IA . -6.59 41.32 22.76
OXT ACT IA . -8.53 41.73 23.76
CH3 ACT IA . -6.65 41.21 25.13
MG MG JA . 47.03 -4.14 -23.20
#